data_9E3O
#
_entry.id   9E3O
#
_cell.length_a   1.00
_cell.length_b   1.00
_cell.length_c   1.00
_cell.angle_alpha   90.00
_cell.angle_beta   90.00
_cell.angle_gamma   90.00
#
_symmetry.space_group_name_H-M   'P 1'
#
loop_
_entity.id
_entity.type
_entity.pdbx_description
1 polymer 'P2X purinoceptor 7'
2 non-polymer "(3s,5s,7s)-N'-(2-chlorophenyl)adamantane-1-carbohydrazide"
3 non-polymer "GUANOSINE-5'-DIPHOSPHATE"
4 non-polymer 'ZINC ION'
5 non-polymer 2-acetamido-2-deoxy-beta-D-glucopyranose
6 non-polymer 'CHOLESTEROL HEMISUCCINATE'
7 non-polymer 'PALMITIC ACID'
8 water water
#
_entity_poly.entity_id   1
_entity_poly.type   'polypeptide(L)'
_entity_poly.pdbx_seq_one_letter_code
;MPACCSCSDVFQYETNKVTRIQSMNYGTIKWFFHVIIFSYVCFALVSDKLYQRKEPVISSVHTKVKGIAEVKEEIVENGV
KKLVHSVFDTADYTFPLQGNSFFVMTNFLKTEGQEQRLCPEYPTRRTLCSSDRGCKKGWMDPQSKGIQTGRCVVYEGNQK
TCEVSAWCPIEAVEEAPRPALLNSAENFTVLIKNNIDFPGHNYTTRNILPGLNITCTFHKTQNPQCPIFRLGDIFRETGD
NFSDVAIQGGIMGIEIYWDCNLDRWFHHCRPKYSFRRLDDKTTNVSLYPGYNFRYAKYYKENNVEKRTLIKVFGIRFDIL
VFGTGGKFDIIQLVVYIGSTLSYFGLAAVFIDFLIDTYSSNCCRSHIYPWCKCCQPCVVNEYYYRKKCESIVEPKPTLKY
VSFVDESHIRMVNQQLLGRSLQDVKGQEVPRPAMDFTDLSRLPLALHDTPPIPGQPEEIQLLRKEATPRSRDSPVWCQCG
SCLPSQLPESHRCLEELCCRKKPGACITTSELFRKLVLSRHVLQFLLLYQEPLLALDVDSTNSRLRHCAYRCYATWRFGS
QDMADFAILPSCCRWRIRKEFPKSEGQYSGFKSPY
;
_entity_poly.pdbx_strand_id   A,B,C
#
# COMPACT_ATOMS: atom_id res chain seq x y z
N SER A 6 -22.68 -31.20 9.64
CA SER A 6 -22.08 -31.11 8.32
C SER A 6 -20.58 -30.88 8.41
N CYS A 7 -19.95 -31.50 9.41
CA CYS A 7 -18.50 -31.35 9.56
C CYS A 7 -17.77 -31.79 8.29
N SER A 8 -18.27 -32.82 7.62
CA SER A 8 -17.65 -33.25 6.36
C SER A 8 -17.63 -32.11 5.34
N ASP A 9 -18.66 -31.27 5.33
CA ASP A 9 -18.68 -30.14 4.41
C ASP A 9 -17.58 -29.14 4.73
N VAL A 10 -17.24 -28.98 6.01
CA VAL A 10 -16.13 -28.13 6.39
C VAL A 10 -14.82 -28.69 5.86
N PHE A 11 -14.62 -30.00 6.01
CA PHE A 11 -13.35 -30.64 5.65
C PHE A 11 -13.32 -30.96 4.15
N GLN A 12 -13.37 -29.91 3.34
CA GLN A 12 -13.39 -30.03 1.90
C GLN A 12 -12.44 -29.01 1.29
N TYR A 13 -11.74 -29.42 0.24
CA TYR A 13 -10.83 -28.57 -0.48
C TYR A 13 -11.19 -28.61 -1.95
N GLU A 14 -11.52 -27.45 -2.52
CA GLU A 14 -11.84 -27.32 -3.93
C GLU A 14 -10.59 -26.89 -4.67
N THR A 15 -10.12 -27.75 -5.58
CA THR A 15 -8.97 -27.45 -6.42
C THR A 15 -9.43 -27.29 -7.85
N ASN A 16 -8.88 -26.28 -8.53
CA ASN A 16 -9.27 -26.00 -9.90
C ASN A 16 -8.82 -27.12 -10.82
N LYS A 17 -9.70 -27.48 -11.75
CA LYS A 17 -9.31 -28.34 -12.86
C LYS A 17 -8.48 -27.53 -13.85
N VAL A 18 -7.35 -28.08 -14.26
CA VAL A 18 -6.42 -27.36 -15.13
C VAL A 18 -6.05 -28.24 -16.31
N THR A 19 -5.65 -27.58 -17.38
CA THR A 19 -5.13 -28.23 -18.57
C THR A 19 -3.67 -27.82 -18.71
N ARG A 20 -2.78 -28.81 -18.77
CA ARG A 20 -1.36 -28.57 -18.89
C ARG A 20 -0.95 -28.72 -20.35
N ILE A 21 -0.37 -27.66 -20.90
CA ILE A 21 -0.03 -27.58 -22.32
C ILE A 21 1.48 -27.69 -22.46
N GLN A 22 1.93 -28.59 -23.34
CA GLN A 22 3.34 -28.78 -23.63
C GLN A 22 3.70 -27.94 -24.84
N SER A 23 3.80 -26.63 -24.61
CA SER A 23 4.09 -25.66 -25.65
C SER A 23 5.37 -24.92 -25.31
N MET A 24 6.28 -24.86 -26.26
CA MET A 24 7.47 -24.02 -26.11
C MET A 24 7.06 -22.57 -25.88
N ASN A 25 6.21 -22.05 -26.76
CA ASN A 25 5.90 -20.63 -26.78
C ASN A 25 5.28 -20.17 -25.47
N TYR A 26 4.27 -20.91 -24.99
CA TYR A 26 3.49 -20.47 -23.85
C TYR A 26 4.26 -20.62 -22.54
N GLY A 27 5.02 -21.70 -22.39
CA GLY A 27 5.88 -21.82 -21.24
C GLY A 27 6.95 -20.75 -21.21
N THR A 28 7.56 -20.47 -22.36
CA THR A 28 8.56 -19.42 -22.44
C THR A 28 7.96 -18.06 -22.09
N ILE A 29 6.77 -17.77 -22.60
CA ILE A 29 6.09 -16.53 -22.28
C ILE A 29 5.82 -16.44 -20.78
N LYS A 30 5.32 -17.53 -20.19
CA LYS A 30 5.02 -17.53 -18.77
C LYS A 30 6.27 -17.22 -17.95
N TRP A 31 7.38 -17.89 -18.27
CA TRP A 31 8.58 -17.70 -17.48
C TRP A 31 9.20 -16.33 -17.72
N PHE A 32 9.13 -15.82 -18.94
CA PHE A 32 9.58 -14.46 -19.21
C PHE A 32 8.79 -13.45 -18.39
N PHE A 33 7.47 -13.56 -18.42
CA PHE A 33 6.63 -12.68 -17.60
C PHE A 33 7.00 -12.78 -16.14
N HIS A 34 7.14 -13.99 -15.63
CA HIS A 34 7.43 -14.16 -14.21
C HIS A 34 8.76 -13.55 -13.84
N VAL A 35 9.79 -13.78 -14.66
CA VAL A 35 11.11 -13.23 -14.37
C VAL A 35 11.07 -11.70 -14.38
N ILE A 36 10.41 -11.12 -15.38
CA ILE A 36 10.34 -9.67 -15.46
C ILE A 36 9.60 -9.09 -14.26
N ILE A 37 8.45 -9.66 -13.93
CA ILE A 37 7.66 -9.17 -12.80
C ILE A 37 8.46 -9.28 -11.51
N PHE A 38 9.09 -10.43 -11.29
CA PHE A 38 9.86 -10.63 -10.07
C PHE A 38 11.03 -9.65 -9.99
N SER A 39 11.73 -9.45 -11.11
CA SER A 39 12.85 -8.53 -11.12
C SER A 39 12.40 -7.11 -10.79
N TYR A 40 11.28 -6.68 -11.37
CA TYR A 40 10.80 -5.32 -11.09
C TYR A 40 10.33 -5.19 -9.63
N VAL A 41 9.67 -6.23 -9.11
CA VAL A 41 9.22 -6.18 -7.72
C VAL A 41 10.41 -6.06 -6.79
N CYS A 42 11.44 -6.88 -7.01
CA CYS A 42 12.63 -6.81 -6.17
C CYS A 42 13.32 -5.45 -6.32
N PHE A 43 13.39 -4.94 -7.55
CA PHE A 43 14.05 -3.65 -7.77
C PHE A 43 13.32 -2.53 -7.03
N ALA A 44 11.99 -2.50 -7.13
CA ALA A 44 11.23 -1.47 -6.44
C ALA A 44 11.38 -1.58 -4.94
N LEU A 45 11.29 -2.80 -4.41
CA LEU A 45 11.45 -3.01 -2.98
C LEU A 45 12.80 -2.50 -2.50
N VAL A 46 13.86 -2.82 -3.25
CA VAL A 46 15.20 -2.45 -2.83
C VAL A 46 15.41 -0.94 -2.96
N SER A 47 15.00 -0.37 -4.09
CA SER A 47 15.29 1.03 -4.37
C SER A 47 14.50 1.96 -3.47
N ASP A 48 13.21 1.72 -3.31
CA ASP A 48 12.40 2.54 -2.43
C ASP A 48 12.36 2.03 -1.00
N LYS A 49 13.07 0.94 -0.70
CA LYS A 49 13.14 0.40 0.65
C LYS A 49 11.75 0.26 1.24
N LEU A 50 10.87 -0.40 0.48
CA LEU A 50 9.49 -0.58 0.86
C LEU A 50 9.32 -1.62 1.97
N TYR A 51 10.38 -2.34 2.30
CA TYR A 51 10.39 -3.19 3.48
C TYR A 51 10.59 -2.42 4.77
N GLN A 52 10.87 -1.13 4.67
CA GLN A 52 11.23 -0.31 5.81
C GLN A 52 10.07 0.56 6.25
N ARG A 53 9.93 0.70 7.56
CA ARG A 53 9.13 1.74 8.16
C ARG A 53 10.03 2.96 8.33
N LYS A 54 9.57 4.09 7.81
CA LYS A 54 10.34 5.32 7.76
C LYS A 54 9.78 6.31 8.76
N GLU A 55 10.67 7.07 9.39
CA GLU A 55 10.27 8.01 10.41
C GLU A 55 10.98 9.34 10.16
N PRO A 56 10.26 10.47 10.17
CA PRO A 56 10.92 11.76 9.98
C PRO A 56 11.83 12.11 11.14
N VAL A 57 12.83 12.93 10.84
CA VAL A 57 13.90 13.23 11.77
C VAL A 57 13.45 14.32 12.73
N ILE A 58 13.85 14.18 13.99
CA ILE A 58 13.65 15.20 15.01
C ILE A 58 15.01 15.83 15.28
N SER A 59 15.15 17.11 14.97
CA SER A 59 16.46 17.75 14.90
C SER A 59 16.61 18.88 15.92
N SER A 60 17.85 19.07 16.35
CA SER A 60 18.26 20.16 17.21
C SER A 60 19.59 20.68 16.69
N VAL A 61 19.70 22.00 16.51
CA VAL A 61 20.87 22.61 15.89
C VAL A 61 21.48 23.60 16.88
N HIS A 62 22.81 23.63 16.91
CA HIS A 62 23.56 24.54 17.75
C HIS A 62 24.74 25.07 16.96
N THR A 63 24.77 26.38 16.74
CA THR A 63 25.82 27.00 15.95
C THR A 63 26.77 27.80 16.83
N LYS A 64 28.00 27.89 16.36
CA LYS A 64 29.04 28.70 16.99
C LYS A 64 29.75 29.45 15.87
N VAL A 65 29.49 30.74 15.76
CA VAL A 65 30.10 31.58 14.74
C VAL A 65 31.38 32.18 15.31
N LYS A 66 32.33 32.42 14.43
CA LYS A 66 33.68 32.80 14.81
C LYS A 66 34.27 33.74 13.77
N GLY A 67 34.88 34.80 14.24
CA GLY A 67 35.55 35.76 13.40
C GLY A 67 35.34 37.17 13.90
N ILE A 68 36.31 38.03 13.63
CA ILE A 68 36.23 39.45 13.94
C ILE A 68 36.44 40.22 12.65
N ALA A 69 35.92 41.44 12.61
CA ALA A 69 35.95 42.26 11.42
C ALA A 69 36.44 43.66 11.77
N GLU A 70 37.37 44.17 10.97
CA GLU A 70 37.77 45.57 11.08
C GLU A 70 36.88 46.40 10.16
N VAL A 71 36.27 47.43 10.74
CA VAL A 71 35.22 48.22 10.11
C VAL A 71 35.72 49.65 9.98
N LYS A 72 35.63 50.19 8.73
CA LYS A 72 36.05 51.55 8.43
C LYS A 72 34.80 52.42 8.31
N GLU A 73 34.77 53.50 9.13
CA GLU A 73 33.63 54.42 9.08
C GLU A 73 34.14 55.84 8.94
N GLU A 74 33.68 56.56 7.92
CA GLU A 74 34.10 57.96 7.66
C GLU A 74 33.36 58.87 8.64
N ILE A 75 33.97 59.19 9.79
CA ILE A 75 33.36 60.05 10.84
C ILE A 75 34.28 61.25 11.04
N LEU A 83 38.10 59.24 9.10
CA LEU A 83 37.91 57.80 9.13
C LEU A 83 38.34 57.20 10.46
N VAL A 84 37.58 56.21 10.93
CA VAL A 84 37.87 55.53 12.18
C VAL A 84 37.77 54.03 11.95
N HIS A 85 38.71 53.29 12.52
CA HIS A 85 38.75 51.84 12.46
C HIS A 85 38.23 51.26 13.76
N SER A 86 37.42 50.22 13.65
CA SER A 86 36.88 49.56 14.83
C SER A 86 36.81 48.06 14.60
N VAL A 87 36.95 47.29 15.68
CA VAL A 87 36.88 45.83 15.59
C VAL A 87 35.53 45.37 16.14
N PHE A 88 34.83 44.58 15.33
CA PHE A 88 33.58 43.94 15.68
C PHE A 88 33.85 42.47 15.96
N ASP A 89 33.30 41.97 17.05
CA ASP A 89 33.34 40.56 17.40
C ASP A 89 31.92 40.01 17.52
N THR A 90 31.82 38.74 17.88
CA THR A 90 30.54 38.05 17.86
C THR A 90 29.49 38.79 18.64
N ALA A 91 29.88 39.42 19.74
CA ALA A 91 28.94 40.19 20.54
C ALA A 91 28.39 41.38 19.79
N ASP A 92 29.00 41.74 18.67
CA ASP A 92 28.65 42.95 17.94
C ASP A 92 27.94 42.69 16.62
N TYR A 93 27.99 41.46 16.10
CA TYR A 93 27.41 41.16 14.81
C TYR A 93 26.47 39.96 14.78
N THR A 94 26.38 39.18 15.86
CA THR A 94 25.52 38.01 15.85
C THR A 94 24.91 37.80 17.22
N PHE A 95 23.80 37.08 17.23
CA PHE A 95 23.04 36.68 18.39
C PHE A 95 22.85 35.18 18.32
N PRO A 96 22.79 34.48 19.45
CA PRO A 96 22.74 33.02 19.41
C PRO A 96 21.58 32.49 18.59
N LEU A 97 21.82 31.34 17.95
CA LEU A 97 20.85 30.73 17.07
C LEU A 97 19.49 30.58 17.76
N GLN A 98 18.46 31.06 17.08
CA GLN A 98 17.08 30.94 17.53
C GLN A 98 16.26 30.34 16.41
N GLY A 99 15.56 29.25 16.70
CA GLY A 99 14.71 28.64 15.70
C GLY A 99 15.46 28.17 14.48
N ASN A 100 16.60 27.51 14.68
CA ASN A 100 17.37 26.93 13.58
C ASN A 100 17.84 27.97 12.58
N SER A 101 18.09 29.19 13.07
CA SER A 101 18.57 30.28 12.22
C SER A 101 19.53 31.13 13.03
N PHE A 102 20.57 31.64 12.37
CA PHE A 102 21.45 32.63 12.96
C PHE A 102 21.68 33.76 11.97
N PHE A 103 21.92 34.94 12.52
CA PHE A 103 22.05 36.17 11.76
C PHE A 103 23.43 36.76 11.98
N VAL A 104 24.07 37.17 10.90
CA VAL A 104 25.36 37.84 10.93
C VAL A 104 25.18 39.20 10.27
N MET A 105 25.36 40.26 11.05
CA MET A 105 25.28 41.60 10.51
C MET A 105 26.45 41.87 9.58
N THR A 106 26.15 42.34 8.39
CA THR A 106 27.16 42.66 7.39
C THR A 106 27.25 44.14 7.10
N ASN A 107 26.31 44.95 7.57
CA ASN A 107 26.27 46.34 7.19
C ASN A 107 25.28 47.05 8.09
N PHE A 108 25.42 48.36 8.19
CA PHE A 108 24.53 49.09 9.08
C PHE A 108 24.55 50.56 8.74
N LEU A 109 23.44 51.22 9.08
CA LEU A 109 23.32 52.67 9.06
C LEU A 109 22.92 53.11 10.46
N LYS A 110 23.60 54.12 10.99
CA LYS A 110 23.41 54.54 12.36
C LYS A 110 22.87 55.96 12.42
N THR A 111 21.93 56.18 13.34
CA THR A 111 21.33 57.48 13.59
C THR A 111 21.33 57.68 15.10
N GLU A 112 22.21 58.54 15.59
CA GLU A 112 22.45 58.69 17.01
C GLU A 112 21.60 59.78 17.62
N GLY A 113 21.35 59.67 18.92
CA GLY A 113 20.73 60.74 19.68
C GLY A 113 19.32 61.10 19.29
N GLN A 114 18.45 60.11 19.21
CA GLN A 114 17.05 60.33 18.87
C GLN A 114 16.22 60.54 20.13
N GLU A 115 15.40 61.59 20.12
CA GLU A 115 14.45 61.86 21.18
C GLU A 115 13.05 61.88 20.59
N GLN A 116 12.07 61.44 21.36
CA GLN A 116 10.67 61.62 20.96
C GLN A 116 10.33 63.10 21.04
N ARG A 117 10.24 63.75 19.89
CA ARG A 117 10.01 65.19 19.82
C ARG A 117 9.24 65.51 18.55
N LEU A 118 9.24 66.79 18.20
CA LEU A 118 8.72 67.29 16.94
C LEU A 118 9.91 67.76 16.10
N CYS A 119 9.94 67.34 14.84
CA CYS A 119 11.09 67.60 14.00
C CYS A 119 10.64 67.76 12.56
N PRO A 120 11.39 68.50 11.74
CA PRO A 120 11.13 68.50 10.31
C PRO A 120 11.51 67.16 9.70
N GLU A 121 10.63 66.62 8.88
CA GLU A 121 10.85 65.30 8.32
C GLU A 121 11.87 65.40 7.19
N TYR A 122 12.62 64.32 6.98
CA TYR A 122 13.71 64.38 6.03
C TYR A 122 13.16 64.69 4.64
N PRO A 123 13.81 65.57 3.88
CA PRO A 123 13.22 66.03 2.62
C PRO A 123 13.13 64.93 1.58
N THR A 124 11.96 64.85 0.95
CA THR A 124 11.70 64.01 -0.20
C THR A 124 10.60 64.68 -1.01
N ARG A 125 10.39 64.22 -2.24
CA ARG A 125 9.37 64.82 -3.09
C ARG A 125 8.02 64.87 -2.38
N ARG A 126 7.83 64.03 -1.36
CA ARG A 126 6.58 64.01 -0.61
C ARG A 126 6.55 65.08 0.47
N THR A 127 7.61 65.16 1.27
CA THR A 127 7.62 66.02 2.44
C THR A 127 7.99 67.46 2.15
N LEU A 128 8.38 67.76 0.92
CA LEU A 128 8.71 69.13 0.56
C LEU A 128 7.43 69.96 0.50
N CYS A 129 7.43 71.09 1.20
CA CYS A 129 6.28 71.97 1.26
C CYS A 129 6.65 73.34 0.72
N SER A 130 5.64 74.05 0.22
CA SER A 130 5.76 75.46 -0.09
C SER A 130 4.93 76.34 0.84
N SER A 131 3.97 75.76 1.56
CA SER A 131 3.16 76.49 2.53
C SER A 131 2.54 75.48 3.47
N ASP A 132 1.96 75.99 4.55
CA ASP A 132 1.35 75.13 5.56
C ASP A 132 0.19 74.32 5.00
N ARG A 133 -0.37 74.72 3.85
CA ARG A 133 -1.51 74.02 3.27
C ARG A 133 -1.14 72.65 2.72
N GLY A 134 0.15 72.34 2.60
CA GLY A 134 0.58 71.07 2.06
C GLY A 134 0.66 69.96 3.07
N CYS A 135 0.28 70.23 4.32
CA CYS A 135 0.36 69.25 5.40
C CYS A 135 -0.98 69.13 6.09
N LYS A 136 -1.25 67.94 6.61
CA LYS A 136 -2.49 67.64 7.29
C LYS A 136 -2.18 67.09 8.67
N LYS A 137 -2.75 67.71 9.70
CA LYS A 137 -2.45 67.34 11.07
C LYS A 137 -2.90 65.92 11.36
N GLY A 138 -2.00 65.13 11.94
CA GLY A 138 -2.29 63.75 12.26
C GLY A 138 -2.14 62.78 11.11
N TRP A 139 -1.52 63.20 10.01
CA TRP A 139 -1.41 62.35 8.84
C TRP A 139 -0.30 61.32 9.00
N MET A 140 -0.67 60.04 8.90
CA MET A 140 0.25 58.91 8.95
C MET A 140 0.54 58.47 7.52
N ASP A 141 1.59 59.01 6.93
CA ASP A 141 2.00 58.54 5.62
C ASP A 141 2.71 57.20 5.75
N PRO A 142 2.36 56.20 4.94
CA PRO A 142 3.04 54.91 5.06
C PRO A 142 4.54 54.97 4.89
N GLN A 143 5.05 55.92 4.11
CA GLN A 143 6.48 56.07 3.93
C GLN A 143 7.10 56.99 4.98
N SER A 144 6.44 57.17 6.11
CA SER A 144 6.89 58.05 7.17
C SER A 144 6.98 57.30 8.48
N LYS A 145 7.89 57.75 9.34
CA LYS A 145 8.03 57.24 10.68
C LYS A 145 7.48 58.21 11.73
N GLY A 146 6.70 59.21 11.30
CA GLY A 146 6.14 60.17 12.20
C GLY A 146 4.72 60.54 11.80
N ILE A 147 4.11 61.39 12.62
CA ILE A 147 2.75 61.87 12.43
C ILE A 147 2.79 63.38 12.30
N GLN A 148 2.32 63.89 11.18
CA GLN A 148 2.40 65.32 10.91
C GLN A 148 1.60 66.11 11.94
N THR A 149 2.12 67.29 12.28
CA THR A 149 1.44 68.21 13.17
C THR A 149 0.62 69.25 12.41
N GLY A 150 0.60 69.18 11.09
CA GLY A 150 -0.17 70.08 10.28
C GLY A 150 0.60 71.25 9.71
N ARG A 151 1.76 71.57 10.28
CA ARG A 151 2.56 72.71 9.87
C ARG A 151 3.92 72.23 9.39
N CYS A 152 4.46 72.88 8.37
CA CYS A 152 5.76 72.54 7.81
C CYS A 152 6.75 73.64 8.14
N VAL A 153 7.99 73.25 8.42
CA VAL A 153 9.00 74.14 8.97
C VAL A 153 10.32 73.92 8.23
N VAL A 154 11.30 74.75 8.54
CA VAL A 154 12.61 74.70 7.87
C VAL A 154 13.33 73.44 8.29
N TYR A 155 13.85 72.71 7.29
CA TYR A 155 14.76 71.61 7.58
C TYR A 155 16.19 72.11 7.68
N GLU A 156 16.69 72.72 6.60
CA GLU A 156 18.06 73.25 6.57
C GLU A 156 18.05 74.48 5.66
N GLY A 157 17.85 75.65 6.27
CA GLY A 157 17.91 76.90 5.55
C GLY A 157 16.70 77.18 4.67
N ASN A 158 16.91 77.22 3.36
CA ASN A 158 15.85 77.59 2.44
C ASN A 158 14.76 76.52 2.38
N GLN A 159 15.11 75.29 2.75
CA GLN A 159 14.30 74.14 2.35
C GLN A 159 13.26 73.86 3.42
N LYS A 160 12.00 73.76 3.01
CA LYS A 160 10.88 73.60 3.94
C LYS A 160 10.30 72.21 3.80
N THR A 161 10.03 71.56 4.93
CA THR A 161 9.55 70.19 4.96
C THR A 161 8.51 70.01 6.05
N CYS A 162 7.64 69.03 5.86
CA CYS A 162 6.56 68.76 6.79
C CYS A 162 7.11 68.40 8.16
N GLU A 163 6.52 68.99 9.21
CA GLU A 163 6.89 68.68 10.57
C GLU A 163 6.13 67.46 11.07
N VAL A 164 6.79 66.62 11.84
CA VAL A 164 6.22 65.39 12.34
C VAL A 164 6.62 65.19 13.79
N SER A 165 5.74 64.57 14.56
CA SER A 165 6.06 64.06 15.88
C SER A 165 6.60 62.64 15.73
N ALA A 166 7.81 62.41 16.21
CA ALA A 166 8.48 61.14 15.99
C ALA A 166 9.76 61.13 16.79
N TRP A 167 10.49 60.02 16.70
CA TRP A 167 11.87 59.99 17.13
C TRP A 167 12.69 60.84 16.18
N CYS A 168 13.42 61.80 16.72
CA CYS A 168 14.04 62.84 15.95
C CYS A 168 15.47 63.05 16.43
N PRO A 169 16.39 63.37 15.52
CA PRO A 169 16.21 63.64 14.08
C PRO A 169 15.83 62.42 13.26
N ILE A 170 15.03 62.66 12.23
CA ILE A 170 14.55 61.59 11.37
C ILE A 170 15.71 60.96 10.62
N GLU A 171 15.55 59.69 10.27
CA GLU A 171 16.57 58.98 9.51
C GLU A 171 16.77 59.65 8.16
N ALA A 172 18.01 59.70 7.71
CA ALA A 172 18.29 60.14 6.37
C ALA A 172 17.89 59.06 5.36
N VAL A 173 17.40 59.50 4.21
CA VAL A 173 17.12 58.58 3.11
C VAL A 173 18.44 58.33 2.40
N GLU A 174 19.12 57.26 2.79
CA GLU A 174 20.42 56.94 2.25
C GLU A 174 20.47 55.45 1.94
N GLU A 175 21.32 55.09 0.99
CA GLU A 175 21.47 53.71 0.59
C GLU A 175 22.45 52.99 1.52
N ALA A 176 22.36 51.67 1.51
CA ALA A 176 23.27 50.86 2.29
C ALA A 176 24.71 51.12 1.84
N PRO A 177 25.67 51.21 2.75
CA PRO A 177 27.03 51.54 2.36
C PRO A 177 27.60 50.55 1.34
N ARG A 178 28.41 51.08 0.44
CA ARG A 178 29.11 50.28 -0.55
C ARG A 178 30.59 50.67 -0.49
N PRO A 179 31.50 49.73 -0.16
CA PRO A 179 31.26 48.33 0.18
C PRO A 179 30.70 48.14 1.58
N ALA A 180 30.16 46.95 1.84
CA ALA A 180 29.64 46.65 3.16
C ALA A 180 30.72 46.86 4.21
N LEU A 181 30.32 47.43 5.33
CA LEU A 181 31.27 47.72 6.40
C LEU A 181 31.87 46.44 6.95
N LEU A 182 31.04 45.43 7.17
CA LEU A 182 31.50 44.11 7.56
C LEU A 182 31.60 43.17 6.36
N ASN A 183 32.38 43.56 5.36
CA ASN A 183 32.58 42.71 4.19
C ASN A 183 33.53 41.56 4.48
N SER A 184 34.34 41.67 5.54
CA SER A 184 35.18 40.59 6.01
C SER A 184 34.40 39.44 6.59
N ALA A 185 33.10 39.62 6.77
CA ALA A 185 32.23 38.57 7.29
C ALA A 185 32.23 37.32 6.43
N GLU A 186 32.85 37.35 5.26
CA GLU A 186 32.93 36.15 4.44
C GLU A 186 33.99 35.20 4.94
N ASN A 187 34.96 35.72 5.68
CA ASN A 187 35.99 34.89 6.29
C ASN A 187 35.59 34.34 7.65
N PHE A 188 34.39 34.68 8.13
CA PHE A 188 33.90 34.08 9.35
C PHE A 188 33.53 32.63 9.12
N THR A 189 33.59 31.85 10.18
CA THR A 189 33.21 30.45 10.13
C THR A 189 32.05 30.21 11.09
N VAL A 190 31.30 29.16 10.82
CA VAL A 190 30.26 28.70 11.71
C VAL A 190 30.40 27.19 11.86
N LEU A 191 30.48 26.75 13.10
CA LEU A 191 30.45 25.34 13.43
C LEU A 191 29.02 24.95 13.78
N ILE A 192 28.49 23.98 13.05
CA ILE A 192 27.12 23.51 13.23
C ILE A 192 27.17 22.14 13.89
N LYS A 193 26.51 22.01 15.02
CA LYS A 193 26.32 20.76 15.72
C LYS A 193 24.85 20.37 15.58
N ASN A 194 24.59 19.23 14.97
CA ASN A 194 23.25 18.78 14.64
C ASN A 194 23.00 17.44 15.33
N ASN A 195 22.02 17.42 16.22
CA ASN A 195 21.59 16.21 16.90
C ASN A 195 20.25 15.78 16.33
N ILE A 196 20.11 14.50 16.01
CA ILE A 196 18.88 13.99 15.45
C ILE A 196 18.41 12.77 16.24
N ASP A 197 17.10 12.56 16.19
CA ASP A 197 16.46 11.43 16.84
C ASP A 197 15.35 10.90 15.95
N PHE A 198 15.17 9.59 16.03
CA PHE A 198 14.03 8.86 15.49
C PHE A 198 13.41 8.19 16.70
N PRO A 199 12.39 8.81 17.30
CA PRO A 199 11.82 8.23 18.54
C PRO A 199 11.18 6.88 18.33
N GLY A 200 10.52 6.67 17.19
CA GLY A 200 9.93 5.36 16.92
C GLY A 200 10.97 4.28 16.81
N HIS A 201 12.08 4.57 16.15
CA HIS A 201 13.20 3.65 16.04
C HIS A 201 14.17 3.76 17.21
N ASN A 202 13.91 4.67 18.14
CA ASN A 202 14.76 4.88 19.31
C ASN A 202 16.22 4.99 18.90
N TYR A 203 16.49 5.84 17.91
CA TYR A 203 17.83 6.03 17.40
C TYR A 203 18.19 7.49 17.36
N THR A 204 19.19 7.89 18.14
CA THR A 204 19.68 9.25 18.11
C THR A 204 21.14 9.25 17.73
N THR A 205 21.53 10.23 16.93
CA THR A 205 22.93 10.40 16.54
C THR A 205 23.19 11.88 16.32
N ARG A 206 24.37 12.18 15.79
CA ARG A 206 24.82 13.54 15.66
C ARG A 206 25.81 13.63 14.50
N ASN A 207 26.03 14.84 14.02
CA ASN A 207 26.82 15.09 12.83
C ASN A 207 28.31 15.07 13.09
N ILE A 208 28.73 15.17 14.35
CA ILE A 208 30.14 15.14 14.71
C ILE A 208 30.38 13.86 15.49
N LEU A 209 31.25 13.01 14.98
CA LEU A 209 31.56 11.75 15.60
C LEU A 209 32.99 11.75 16.13
N PRO A 210 33.29 10.96 17.15
CA PRO A 210 34.67 10.87 17.62
C PRO A 210 35.62 10.49 16.49
N GLY A 211 36.80 11.11 16.49
CA GLY A 211 37.77 10.91 15.45
C GLY A 211 37.64 11.86 14.28
N LEU A 212 36.63 12.73 14.29
CA LEU A 212 36.49 13.72 13.24
C LEU A 212 37.49 14.85 13.43
N ASN A 213 38.05 15.33 12.32
CA ASN A 213 39.04 16.40 12.38
C ASN A 213 38.35 17.74 12.56
N ILE A 214 38.74 18.46 13.61
CA ILE A 214 38.15 19.76 13.90
C ILE A 214 38.93 20.90 13.25
N THR A 215 40.12 20.64 12.70
CA THR A 215 40.94 21.64 12.07
C THR A 215 40.58 21.84 10.60
N CYS A 216 39.45 21.28 10.17
CA CYS A 216 39.02 21.30 8.79
C CYS A 216 37.99 22.39 8.54
N THR A 217 37.76 22.64 7.26
CA THR A 217 36.65 23.46 6.80
C THR A 217 35.97 22.74 5.64
N PHE A 218 34.65 22.89 5.56
CA PHE A 218 33.85 22.09 4.65
C PHE A 218 34.28 22.28 3.20
N HIS A 219 34.39 21.16 2.49
CA HIS A 219 34.54 21.13 1.06
C HIS A 219 33.73 19.95 0.55
N LYS A 220 32.93 20.15 -0.48
CA LYS A 220 31.96 19.14 -0.87
C LYS A 220 32.63 17.85 -1.32
N THR A 221 33.91 17.91 -1.69
CA THR A 221 34.67 16.73 -2.07
C THR A 221 35.75 16.37 -1.08
N GLN A 222 36.62 17.32 -0.74
CA GLN A 222 37.74 17.03 0.16
C GLN A 222 37.25 16.76 1.58
N ASN A 223 36.29 17.55 2.05
CA ASN A 223 35.94 17.61 3.47
C ASN A 223 34.42 17.60 3.60
N PRO A 224 33.76 16.63 2.96
CA PRO A 224 32.30 16.71 2.87
C PRO A 224 31.58 16.52 4.18
N GLN A 225 32.28 16.10 5.24
CA GLN A 225 31.67 15.89 6.54
C GLN A 225 32.17 16.88 7.60
N CYS A 226 32.91 17.90 7.20
CA CYS A 226 33.31 18.93 8.14
C CYS A 226 32.12 19.84 8.42
N PRO A 227 31.73 20.03 9.67
CA PRO A 227 30.61 20.94 9.98
C PRO A 227 31.02 22.38 10.20
N ILE A 228 32.24 22.76 9.83
CA ILE A 228 32.71 24.14 9.94
C ILE A 228 32.64 24.74 8.55
N PHE A 229 31.82 25.77 8.40
CA PHE A 229 31.53 26.38 7.12
C PHE A 229 31.98 27.83 7.11
N ARG A 230 32.78 28.18 6.13
CA ARG A 230 33.11 29.57 5.86
C ARG A 230 32.00 30.17 5.01
N LEU A 231 31.48 31.32 5.43
CA LEU A 231 30.29 31.86 4.80
C LEU A 231 30.53 32.15 3.31
N GLY A 232 31.71 32.67 2.98
CA GLY A 232 32.04 32.86 1.58
C GLY A 232 32.01 31.57 0.78
N ASP A 233 32.46 30.46 1.38
CA ASP A 233 32.37 29.17 0.72
C ASP A 233 30.92 28.82 0.42
N ILE A 234 30.02 29.09 1.36
CA ILE A 234 28.61 28.81 1.16
C ILE A 234 28.08 29.58 -0.02
N PHE A 235 28.33 30.89 -0.04
CA PHE A 235 27.84 31.72 -1.12
C PHE A 235 28.37 31.27 -2.45
N ARG A 236 29.63 30.86 -2.50
CA ARG A 236 30.20 30.37 -3.74
C ARG A 236 29.56 29.06 -4.15
N GLU A 237 29.28 28.18 -3.18
CA GLU A 237 28.59 26.95 -3.50
C GLU A 237 27.29 27.28 -4.19
N THR A 238 26.64 28.34 -3.74
CA THR A 238 25.34 28.70 -4.30
C THR A 238 25.45 29.57 -5.54
N GLY A 239 26.61 30.16 -5.79
CA GLY A 239 26.79 31.02 -6.95
C GLY A 239 26.45 32.47 -6.73
N ASP A 240 26.81 33.03 -5.59
CA ASP A 240 26.48 34.41 -5.23
C ASP A 240 27.73 35.12 -4.73
N ASN A 241 27.67 36.45 -4.78
CA ASN A 241 28.77 37.32 -4.32
C ASN A 241 28.48 37.68 -2.87
N PHE A 242 29.29 37.28 -1.89
CA PHE A 242 29.09 37.72 -0.52
C PHE A 242 29.20 39.23 -0.41
N SER A 243 30.07 39.84 -1.22
CA SER A 243 30.29 41.27 -1.13
C SER A 243 29.05 42.06 -1.58
N ASP A 244 28.25 41.47 -2.47
CA ASP A 244 27.04 42.14 -2.95
C ASP A 244 25.87 41.89 -2.02
N VAL A 245 25.64 40.63 -1.66
CA VAL A 245 24.57 40.28 -0.75
C VAL A 245 24.78 40.88 0.62
N ALA A 246 26.03 41.19 0.98
CA ALA A 246 26.30 41.83 2.25
C ALA A 246 25.75 43.24 2.31
N ILE A 247 25.69 43.93 1.18
CA ILE A 247 25.35 45.35 1.17
C ILE A 247 23.92 45.56 1.64
N GLN A 248 22.98 44.82 1.08
CA GLN A 248 21.58 44.89 1.48
C GLN A 248 21.12 43.70 2.30
N GLY A 249 21.84 42.61 2.27
CA GLY A 249 21.51 41.44 3.06
C GLY A 249 20.85 40.36 2.26
N GLY A 250 20.54 39.27 2.96
CA GLY A 250 19.95 38.14 2.31
C GLY A 250 19.60 37.06 3.29
N ILE A 251 19.13 35.95 2.75
CA ILE A 251 18.85 34.74 3.51
C ILE A 251 19.49 33.57 2.79
N MET A 252 20.28 32.80 3.51
CA MET A 252 20.92 31.60 2.99
C MET A 252 20.47 30.41 3.82
N GLY A 253 20.22 29.30 3.16
CA GLY A 253 19.78 28.09 3.82
C GLY A 253 20.85 27.03 3.73
N ILE A 254 21.18 26.46 4.88
CA ILE A 254 22.13 25.36 4.99
C ILE A 254 21.29 24.12 5.23
N GLU A 255 21.13 23.31 4.18
CA GLU A 255 20.32 22.10 4.24
C GLU A 255 21.17 20.94 4.71
N ILE A 256 20.67 20.22 5.71
CA ILE A 256 21.30 19.02 6.21
C ILE A 256 20.32 17.89 5.97
N TYR A 257 20.63 17.03 5.01
CA TYR A 257 19.78 15.92 4.64
C TYR A 257 20.28 14.66 5.32
N TRP A 258 19.36 13.94 5.94
CA TRP A 258 19.66 12.69 6.64
C TRP A 258 18.91 11.56 5.94
N ASP A 259 19.62 10.81 5.11
CA ASP A 259 19.11 9.55 4.58
C ASP A 259 19.75 8.45 5.40
N CYS A 260 19.00 7.93 6.37
CA CYS A 260 19.54 7.05 7.38
C CYS A 260 18.86 5.68 7.30
N ASN A 261 19.69 4.64 7.25
CA ASN A 261 19.23 3.26 7.35
C ASN A 261 19.68 2.73 8.70
N LEU A 262 18.73 2.31 9.52
CA LEU A 262 19.00 1.93 10.89
C LEU A 262 19.14 0.42 11.06
N ASP A 263 19.19 -0.32 9.96
CA ASP A 263 19.46 -1.75 10.05
C ASP A 263 20.95 -1.97 10.33
N ARG A 264 21.23 -2.77 11.35
CA ARG A 264 22.59 -2.87 11.87
C ARG A 264 23.56 -3.49 10.87
N TRP A 265 23.04 -4.27 9.92
CA TRP A 265 23.87 -4.84 8.89
C TRP A 265 24.12 -3.80 7.83
N PHE A 266 23.07 -3.06 7.49
CA PHE A 266 23.17 -2.07 6.43
C PHE A 266 23.00 -0.69 7.04
N HIS A 267 23.60 -0.47 8.19
CA HIS A 267 23.42 0.80 8.89
C HIS A 267 24.22 1.93 8.30
N HIS A 268 23.59 3.08 8.10
CA HIS A 268 24.29 4.25 7.59
C HIS A 268 23.46 5.49 7.92
N CYS A 269 24.00 6.37 8.75
CA CYS A 269 23.29 7.60 9.11
C CYS A 269 24.33 8.71 9.22
N ARG A 270 24.56 9.40 8.10
CA ARG A 270 25.45 10.53 8.02
C ARG A 270 24.75 11.67 7.30
N PRO A 271 25.11 12.92 7.59
CA PRO A 271 24.46 14.04 6.94
C PRO A 271 25.10 14.43 5.61
N LYS A 272 24.26 14.98 4.75
CA LYS A 272 24.67 15.53 3.47
C LYS A 272 24.35 17.02 3.49
N TYR A 273 25.39 17.84 3.31
CA TYR A 273 25.27 19.28 3.42
C TYR A 273 25.11 19.90 2.04
N SER A 274 24.11 20.77 1.91
CA SER A 274 23.87 21.50 0.68
C SER A 274 23.46 22.92 1.06
N PHE A 275 23.46 23.80 0.07
CA PHE A 275 23.22 25.21 0.30
C PHE A 275 22.26 25.75 -0.75
N ARG A 276 21.41 26.68 -0.32
CA ARG A 276 20.40 27.24 -1.20
C ARG A 276 20.04 28.65 -0.75
N ARG A 277 20.11 29.61 -1.67
CA ARG A 277 19.66 30.95 -1.33
C ARG A 277 18.14 30.96 -1.18
N LEU A 278 17.68 31.57 -0.09
CA LEU A 278 16.27 31.53 0.27
C LEU A 278 15.56 32.86 0.09
N ASP A 279 16.28 33.93 -0.24
CA ASP A 279 15.67 35.22 -0.47
C ASP A 279 15.56 35.44 -1.98
N ASP A 280 14.46 36.03 -2.41
CA ASP A 280 14.33 36.42 -3.80
C ASP A 280 15.38 37.48 -4.15
N LYS A 281 16.07 37.25 -5.27
CA LYS A 281 17.04 38.22 -5.78
C LYS A 281 16.31 39.35 -6.49
N THR A 282 15.39 39.95 -5.76
CA THR A 282 14.55 41.02 -6.28
C THR A 282 15.24 42.36 -6.11
N THR A 283 15.15 43.19 -7.13
CA THR A 283 15.64 44.55 -7.09
C THR A 283 14.52 45.56 -6.89
N ASN A 284 13.30 45.10 -6.66
CA ASN A 284 12.14 45.97 -6.57
C ASN A 284 12.04 46.53 -5.16
N VAL A 285 12.33 47.82 -5.02
CA VAL A 285 12.26 48.47 -3.71
C VAL A 285 10.90 48.26 -3.06
N SER A 286 9.86 48.11 -3.88
CA SER A 286 8.52 47.93 -3.34
C SER A 286 8.41 46.65 -2.53
N LEU A 287 9.26 45.66 -2.82
CA LEU A 287 9.23 44.37 -2.15
C LEU A 287 10.25 44.25 -1.04
N TYR A 288 10.96 45.33 -0.73
CA TYR A 288 11.90 45.34 0.38
C TYR A 288 12.97 44.30 0.15
N PRO A 289 13.84 44.52 -0.83
CA PRO A 289 14.87 43.53 -1.14
C PRO A 289 15.89 43.38 -0.04
N GLY A 290 16.42 42.16 0.07
CA GLY A 290 17.45 41.88 1.04
C GLY A 290 16.96 41.34 2.36
N TYR A 291 17.60 41.78 3.43
CA TYR A 291 17.22 41.42 4.79
C TYR A 291 17.77 42.51 5.69
N ASN A 292 16.89 43.31 6.26
CA ASN A 292 17.30 44.38 7.14
C ASN A 292 16.20 44.62 8.16
N PHE A 293 16.57 45.28 9.24
CA PHE A 293 15.60 45.64 10.26
C PHE A 293 16.16 46.78 11.09
N ARG A 294 15.26 47.49 11.74
CA ARG A 294 15.61 48.65 12.54
C ARG A 294 15.64 48.24 14.01
N TYR A 295 16.79 48.46 14.64
CA TYR A 295 17.03 48.09 16.02
C TYR A 295 17.38 49.33 16.83
N ALA A 296 16.79 49.45 18.00
CA ALA A 296 16.95 50.62 18.84
C ALA A 296 17.83 50.31 20.03
N LYS A 297 18.88 51.11 20.19
CA LYS A 297 19.73 51.09 21.37
C LYS A 297 19.27 52.24 22.25
N TYR A 298 18.57 51.91 23.32
CA TYR A 298 18.03 52.93 24.20
C TYR A 298 19.06 53.30 25.26
N TYR A 299 19.07 54.57 25.64
CA TYR A 299 19.96 55.02 26.70
C TYR A 299 19.41 56.32 27.27
N LYS A 300 20.12 56.85 28.26
CA LYS A 300 19.73 58.06 28.95
C LYS A 300 20.88 59.04 28.95
N GLU A 301 20.60 60.29 28.60
CA GLU A 301 21.58 61.35 28.67
C GLU A 301 20.91 62.61 29.19
N ASN A 302 21.47 63.17 30.26
CA ASN A 302 20.96 64.39 30.86
C ASN A 302 19.51 64.19 31.30
N ASN A 303 19.22 63.01 31.81
CA ASN A 303 17.88 62.61 32.24
C ASN A 303 16.88 62.59 31.10
N VAL A 304 17.36 62.54 29.86
CA VAL A 304 16.52 62.47 28.67
C VAL A 304 16.65 61.08 28.08
N GLU A 305 15.51 60.49 27.72
CA GLU A 305 15.46 59.16 27.13
C GLU A 305 15.79 59.27 25.64
N LYS A 306 16.92 58.70 25.24
CA LYS A 306 17.45 58.84 23.88
C LYS A 306 17.59 57.46 23.25
N ARG A 307 17.76 57.47 21.93
CA ARG A 307 17.81 56.25 21.15
C ARG A 307 18.83 56.40 20.03
N THR A 308 19.64 55.36 19.85
CA THR A 308 20.48 55.20 18.67
C THR A 308 19.82 54.13 17.80
N LEU A 309 19.39 54.52 16.62
CA LEU A 309 18.73 53.60 15.71
C LEU A 309 19.72 53.07 14.69
N ILE A 310 19.84 51.75 14.62
CA ILE A 310 20.68 51.09 13.62
C ILE A 310 19.75 50.38 12.65
N LYS A 311 19.83 50.74 11.38
CA LYS A 311 19.29 49.92 10.30
C LYS A 311 20.33 48.86 10.03
N VAL A 312 20.03 47.65 10.45
CA VAL A 312 20.92 46.50 10.37
C VAL A 312 20.63 45.80 9.06
N PHE A 313 21.68 45.55 8.28
CA PHE A 313 21.64 44.66 7.14
C PHE A 313 22.56 43.49 7.40
N GLY A 314 22.08 42.30 7.10
CA GLY A 314 22.92 41.13 7.24
C GLY A 314 22.30 39.96 6.51
N ILE A 315 22.95 38.82 6.69
CA ILE A 315 22.52 37.58 6.07
C ILE A 315 22.03 36.65 7.17
N ARG A 316 20.78 36.23 7.05
CA ARG A 316 20.21 35.24 7.95
C ARG A 316 20.46 33.87 7.37
N PHE A 317 21.04 32.99 8.18
CA PHE A 317 21.35 31.64 7.78
C PHE A 317 20.35 30.69 8.43
N ASP A 318 19.61 29.96 7.61
CA ASP A 318 18.62 29.03 8.09
C ASP A 318 19.14 27.61 7.93
N ILE A 319 19.16 26.87 9.03
CA ILE A 319 19.62 25.48 9.03
C ILE A 319 18.38 24.62 8.83
N LEU A 320 18.27 24.02 7.65
CA LEU A 320 17.10 23.28 7.24
C LEU A 320 17.43 21.80 7.29
N VAL A 321 16.98 21.13 8.35
CA VAL A 321 17.32 19.74 8.61
C VAL A 321 16.11 18.89 8.30
N PHE A 322 16.27 17.95 7.39
CA PHE A 322 15.20 17.09 6.94
C PHE A 322 15.78 15.71 6.63
N GLY A 323 14.90 14.74 6.60
CA GLY A 323 15.31 13.39 6.24
C GLY A 323 14.44 12.36 6.94
N THR A 324 14.72 11.11 6.61
CA THR A 324 13.98 9.98 7.14
C THR A 324 14.96 8.92 7.62
N GLY A 325 14.53 8.19 8.64
CA GLY A 325 15.25 7.02 9.09
C GLY A 325 14.39 5.80 8.95
N GLY A 326 14.89 4.79 8.27
CA GLY A 326 14.14 3.59 7.96
C GLY A 326 14.69 2.39 8.70
N LYS A 327 13.79 1.54 9.16
CA LYS A 327 14.17 0.27 9.74
C LYS A 327 13.19 -0.80 9.28
N PHE A 328 13.71 -2.00 9.06
CA PHE A 328 12.89 -3.08 8.50
C PHE A 328 11.66 -3.30 9.36
N ASP A 329 10.50 -3.37 8.70
CA ASP A 329 9.23 -3.67 9.33
C ASP A 329 8.59 -4.84 8.62
N ILE A 330 8.18 -5.85 9.38
CA ILE A 330 7.56 -7.03 8.79
C ILE A 330 6.26 -6.67 8.09
N ILE A 331 5.46 -5.81 8.71
CA ILE A 331 4.13 -5.50 8.20
C ILE A 331 4.22 -4.79 6.85
N GLN A 332 5.16 -3.85 6.70
CA GLN A 332 5.31 -3.16 5.43
C GLN A 332 5.69 -4.12 4.33
N LEU A 333 6.59 -5.06 4.62
CA LEU A 333 6.98 -6.06 3.63
C LEU A 333 5.81 -6.94 3.25
N VAL A 334 5.02 -7.36 4.24
CA VAL A 334 3.84 -8.17 3.96
C VAL A 334 2.89 -7.42 3.05
N VAL A 335 2.65 -6.15 3.34
CA VAL A 335 1.74 -5.35 2.53
C VAL A 335 2.26 -5.22 1.11
N TYR A 336 3.55 -4.95 0.95
CA TYR A 336 4.11 -4.79 -0.39
C TYR A 336 4.02 -6.08 -1.18
N ILE A 337 4.36 -7.21 -0.56
CA ILE A 337 4.27 -8.49 -1.24
C ILE A 337 2.83 -8.78 -1.62
N GLY A 338 1.90 -8.52 -0.72
CA GLY A 338 0.49 -8.73 -1.04
C GLY A 338 0.03 -7.90 -2.20
N SER A 339 0.48 -6.65 -2.27
CA SER A 339 0.13 -5.79 -3.40
C SER A 339 0.70 -6.34 -4.70
N THR A 340 1.92 -6.85 -4.66
CA THR A 340 2.60 -7.29 -5.88
C THR A 340 2.25 -8.72 -6.28
N LEU A 341 1.54 -9.46 -5.44
CA LEU A 341 1.27 -10.86 -5.75
C LEU A 341 0.38 -11.01 -6.98
N SER A 342 -0.60 -10.13 -7.15
CA SER A 342 -1.56 -10.28 -8.23
C SER A 342 -0.97 -10.03 -9.60
N TYR A 343 0.26 -9.55 -9.68
CA TYR A 343 0.92 -9.31 -10.96
C TYR A 343 1.45 -10.59 -11.59
N PHE A 344 1.46 -11.69 -10.85
CA PHE A 344 1.94 -12.97 -11.36
C PHE A 344 0.85 -13.77 -12.08
N GLY A 345 -0.40 -13.32 -12.02
CA GLY A 345 -1.46 -13.87 -12.82
C GLY A 345 -1.60 -13.25 -14.19
N LEU A 346 -0.79 -12.24 -14.49
CA LEU A 346 -0.91 -11.57 -15.78
C LEU A 346 -0.40 -12.44 -16.91
N ALA A 347 0.56 -13.32 -16.64
CA ALA A 347 0.97 -14.28 -17.67
C ALA A 347 -0.19 -15.17 -18.06
N ALA A 348 -0.89 -15.71 -17.06
CA ALA A 348 -2.08 -16.52 -17.33
C ALA A 348 -3.13 -15.72 -18.08
N VAL A 349 -3.37 -14.48 -17.64
CA VAL A 349 -4.38 -13.65 -18.29
C VAL A 349 -4.04 -13.44 -19.76
N PHE A 350 -2.79 -13.10 -20.03
CA PHE A 350 -2.37 -12.80 -21.40
C PHE A 350 -2.41 -14.04 -22.28
N ILE A 351 -1.95 -15.18 -21.77
CA ILE A 351 -1.94 -16.40 -22.58
C ILE A 351 -3.36 -16.89 -22.82
N ASP A 352 -4.23 -16.77 -21.82
CA ASP A 352 -5.62 -17.14 -22.02
C ASP A 352 -6.30 -16.21 -23.03
N PHE A 353 -5.88 -14.95 -23.05
CA PHE A 353 -6.41 -14.03 -24.03
C PHE A 353 -5.99 -14.47 -25.41
N LEU A 354 -4.74 -14.90 -25.54
CA LEU A 354 -4.23 -15.36 -26.82
C LEU A 354 -5.00 -16.59 -27.27
N ILE A 355 -5.20 -17.52 -26.36
CA ILE A 355 -5.92 -18.74 -26.70
C ILE A 355 -7.36 -18.44 -27.11
N ASP A 356 -8.00 -17.48 -26.45
CA ASP A 356 -9.36 -17.11 -26.82
C ASP A 356 -9.41 -16.41 -28.17
N THR A 357 -8.46 -15.51 -28.44
CA THR A 357 -8.49 -14.76 -29.68
C THR A 357 -8.19 -15.65 -30.88
N TYR A 358 -7.12 -16.44 -30.80
CA TYR A 358 -6.71 -17.29 -31.89
C TYR A 358 -7.60 -18.52 -32.07
N SER A 359 -8.68 -18.61 -31.31
CA SER A 359 -9.61 -19.72 -31.46
C SER A 359 -10.76 -19.33 -32.37
N SER A 360 -10.86 -18.05 -32.68
CA SER A 360 -11.93 -17.52 -33.48
C SER A 360 -11.69 -17.89 -34.95
N ASN A 361 -12.78 -18.16 -35.66
CA ASN A 361 -12.69 -18.52 -37.08
C ASN A 361 -12.32 -17.31 -37.92
N CYS A 362 -12.46 -16.13 -37.34
CA CYS A 362 -12.09 -14.90 -38.01
C CYS A 362 -10.61 -14.81 -38.28
N CYS A 363 -9.86 -15.48 -37.42
CA CYS A 363 -8.42 -15.46 -37.48
C CYS A 363 -7.83 -16.42 -38.50
N ARG A 364 -8.71 -17.07 -39.25
CA ARG A 364 -8.27 -17.98 -40.29
C ARG A 364 -9.02 -17.73 -41.59
N SER A 365 -10.25 -17.24 -41.49
CA SER A 365 -10.97 -16.83 -42.69
C SER A 365 -10.30 -15.64 -43.35
N HIS A 366 -9.84 -14.67 -42.55
CA HIS A 366 -9.26 -13.44 -43.05
C HIS A 366 -7.79 -13.29 -42.71
N ILE A 367 -7.43 -13.40 -41.43
CA ILE A 367 -6.11 -12.96 -40.99
C ILE A 367 -5.01 -13.81 -41.63
N TYR A 368 -5.13 -15.14 -41.52
CA TYR A 368 -4.04 -16.00 -41.99
C TYR A 368 -3.76 -15.85 -43.48
N PRO A 369 -4.76 -15.80 -44.37
CA PRO A 369 -4.45 -15.57 -45.79
C PRO A 369 -3.60 -14.32 -46.04
N TRP A 370 -3.88 -13.22 -45.34
CA TRP A 370 -3.05 -12.03 -45.47
C TRP A 370 -1.70 -12.28 -44.82
N CYS A 371 -1.71 -12.40 -43.49
CA CYS A 371 -0.51 -12.67 -42.74
C CYS A 371 -0.31 -14.17 -42.46
N LYS A 372 0.44 -14.80 -43.35
CA LYS A 372 0.68 -16.23 -43.28
C LYS A 372 1.60 -16.59 -42.13
N CYS A 373 2.20 -15.57 -41.52
CA CYS A 373 3.09 -15.76 -40.40
C CYS A 373 2.40 -16.35 -39.19
N CYS A 374 1.16 -15.94 -39.01
CA CYS A 374 0.36 -16.31 -37.86
C CYS A 374 -0.45 -17.58 -38.00
N GLN A 375 -0.19 -18.30 -39.09
CA GLN A 375 -0.91 -19.53 -39.40
C GLN A 375 -0.67 -20.62 -38.35
N PRO A 376 0.57 -20.78 -37.87
CA PRO A 376 0.85 -21.83 -36.88
C PRO A 376 0.11 -21.66 -35.56
N CYS A 377 -0.54 -20.52 -35.37
CA CYS A 377 -1.29 -20.25 -34.18
C CYS A 377 -2.71 -20.77 -34.19
N VAL A 378 -2.94 -21.72 -35.09
CA VAL A 378 -4.24 -22.37 -35.22
C VAL A 378 -4.42 -23.40 -34.14
N VAL A 379 -3.30 -23.86 -33.55
CA VAL A 379 -3.36 -24.85 -32.49
C VAL A 379 -4.17 -24.36 -31.31
N ASN A 380 -4.34 -23.04 -31.18
CA ASN A 380 -5.12 -22.49 -30.09
C ASN A 380 -6.59 -22.89 -30.18
N GLU A 381 -7.04 -23.35 -31.34
CA GLU A 381 -8.37 -23.95 -31.42
C GLU A 381 -8.43 -25.21 -30.58
N TYR A 382 -7.39 -26.04 -30.65
CA TYR A 382 -7.30 -27.23 -29.81
C TYR A 382 -7.25 -26.86 -28.34
N TYR A 383 -6.45 -25.84 -28.01
CA TYR A 383 -6.33 -25.42 -26.62
C TYR A 383 -7.66 -24.91 -26.09
N TYR A 384 -8.38 -24.14 -26.90
CA TYR A 384 -9.71 -23.66 -26.50
C TYR A 384 -10.67 -24.81 -26.28
N ARG A 385 -10.74 -25.75 -27.24
CA ARG A 385 -11.71 -26.83 -27.10
C ARG A 385 -11.39 -27.69 -25.89
N LYS A 386 -10.11 -27.87 -25.58
CA LYS A 386 -9.73 -28.61 -24.38
C LYS A 386 -9.77 -27.76 -23.12
N LYS A 387 -10.02 -26.46 -23.23
CA LYS A 387 -10.07 -25.55 -22.10
C LYS A 387 -11.48 -25.15 -21.70
N CYS A 388 -12.25 -24.60 -22.63
CA CYS A 388 -13.54 -24.01 -22.32
C CYS A 388 -14.68 -24.93 -22.73
N GLU A 389 -15.70 -24.99 -21.89
CA GLU A 389 -16.95 -25.70 -22.18
C GLU A 389 -18.09 -24.70 -22.03
N SER A 390 -18.97 -24.66 -23.01
CA SER A 390 -20.04 -23.68 -23.08
C SER A 390 -21.38 -24.34 -22.80
N ILE A 391 -22.17 -23.70 -21.93
CA ILE A 391 -23.48 -24.19 -21.54
C ILE A 391 -24.46 -23.03 -21.48
N VAL A 392 -25.68 -23.30 -21.93
CA VAL A 392 -26.71 -22.27 -21.99
C VAL A 392 -27.64 -22.40 -20.79
N GLU A 393 -28.32 -21.32 -20.48
CA GLU A 393 -29.30 -21.32 -19.41
C GLU A 393 -30.45 -22.25 -19.78
N PRO A 394 -30.75 -23.27 -18.97
CA PRO A 394 -31.85 -24.20 -19.30
C PRO A 394 -33.23 -23.59 -19.01
N LYS A 395 -33.57 -22.57 -19.79
CA LYS A 395 -34.85 -21.91 -19.66
C LYS A 395 -35.96 -22.80 -20.20
N PRO A 396 -37.21 -22.55 -19.82
CA PRO A 396 -38.31 -23.38 -20.32
C PRO A 396 -38.61 -23.17 -21.79
N THR A 397 -38.13 -22.08 -22.38
CA THR A 397 -38.27 -21.84 -23.80
C THR A 397 -37.14 -22.44 -24.63
N LEU A 398 -36.12 -22.99 -23.98
CA LEU A 398 -34.98 -23.53 -24.70
C LEU A 398 -35.38 -24.82 -25.41
N LYS A 399 -35.00 -24.92 -26.68
CA LYS A 399 -35.36 -26.05 -27.52
C LYS A 399 -34.28 -26.26 -28.57
N TYR A 400 -34.17 -27.50 -29.01
CA TYR A 400 -33.18 -27.91 -30.01
C TYR A 400 -33.88 -28.74 -31.06
N VAL A 401 -33.58 -28.47 -32.32
CA VAL A 401 -34.19 -29.20 -33.43
C VAL A 401 -33.08 -29.65 -34.38
N SER A 402 -33.22 -30.87 -34.86
CA SER A 402 -32.27 -31.46 -35.81
C SER A 402 -33.05 -31.88 -37.05
N PHE A 403 -32.51 -31.53 -38.21
CA PHE A 403 -33.08 -31.91 -39.49
C PHE A 403 -32.10 -32.82 -40.21
N VAL A 404 -32.58 -33.98 -40.66
CA VAL A 404 -31.69 -35.00 -41.22
C VAL A 404 -30.93 -34.43 -42.42
N ASP A 405 -31.60 -33.67 -43.26
CA ASP A 405 -30.93 -33.06 -44.40
C ASP A 405 -29.86 -32.08 -43.94
N GLU A 406 -30.17 -31.27 -42.92
CA GLU A 406 -29.20 -30.30 -42.43
C GLU A 406 -28.00 -30.99 -41.82
N SER A 407 -26.89 -30.27 -41.77
CA SER A 407 -25.63 -30.77 -41.23
C SER A 407 -25.33 -30.18 -39.85
N HIS A 408 -26.36 -29.83 -39.08
CA HIS A 408 -26.18 -29.17 -37.80
C HIS A 408 -27.48 -29.24 -37.01
N ILE A 409 -27.48 -28.51 -35.89
CA ILE A 409 -28.65 -28.44 -35.05
C ILE A 409 -29.00 -26.97 -34.85
N ARG A 410 -30.25 -26.68 -34.50
CA ARG A 410 -30.75 -25.33 -34.29
C ARG A 410 -31.25 -25.19 -32.87
N MET A 411 -30.73 -24.20 -32.15
CA MET A 411 -31.18 -23.88 -30.80
C MET A 411 -32.24 -22.79 -30.91
N VAL A 412 -33.49 -23.19 -30.75
CA VAL A 412 -34.62 -22.25 -30.85
C VAL A 412 -34.92 -21.80 -29.42
N ASN A 413 -34.20 -20.78 -28.98
CA ASN A 413 -34.39 -20.22 -27.65
C ASN A 413 -35.36 -19.03 -27.68
N GLN A 414 -36.54 -19.26 -28.25
CA GLN A 414 -37.57 -18.25 -28.30
C GLN A 414 -38.93 -18.93 -28.20
N GLN A 415 -39.91 -18.17 -27.73
CA GLN A 415 -41.25 -18.72 -27.54
C GLN A 415 -41.89 -19.00 -28.89
N LEU A 416 -42.32 -20.24 -29.08
CA LEU A 416 -43.13 -20.60 -30.25
C LEU A 416 -44.56 -20.18 -29.95
N LEU A 417 -45.02 -19.11 -30.57
CA LEU A 417 -46.34 -18.56 -30.32
C LEU A 417 -47.11 -18.56 -31.64
N GLY A 418 -47.93 -19.59 -31.85
CA GLY A 418 -48.67 -19.72 -33.08
C GLY A 418 -47.79 -19.81 -34.31
N ARG A 419 -46.60 -20.40 -34.18
CA ARG A 419 -45.68 -20.52 -35.31
C ARG A 419 -44.99 -21.87 -35.20
N SER A 420 -45.24 -22.73 -36.18
CA SER A 420 -44.67 -24.07 -36.15
C SER A 420 -43.15 -24.00 -36.00
N LEU A 421 -42.63 -24.86 -35.13
CA LEU A 421 -41.19 -24.93 -34.92
C LEU A 421 -40.43 -25.22 -36.20
N GLN A 422 -41.08 -25.85 -37.18
CA GLN A 422 -40.45 -26.06 -38.47
C GLN A 422 -40.05 -24.75 -39.11
N ASP A 423 -40.93 -23.76 -39.07
CA ASP A 423 -40.68 -22.46 -39.69
C ASP A 423 -39.97 -21.49 -38.75
N VAL A 424 -39.84 -21.82 -37.47
CA VAL A 424 -39.21 -20.93 -36.48
C VAL A 424 -37.74 -21.34 -36.40
N LYS A 425 -36.91 -20.70 -37.21
CA LYS A 425 -35.48 -20.95 -37.17
C LYS A 425 -34.85 -20.14 -36.04
N GLY A 426 -33.81 -20.73 -35.42
CA GLY A 426 -33.12 -20.09 -34.32
C GLY A 426 -31.62 -20.10 -34.52
N GLN A 427 -30.87 -20.06 -33.42
CA GLN A 427 -29.43 -19.94 -33.55
C GLN A 427 -28.81 -21.26 -34.02
N GLU A 428 -27.62 -21.14 -34.59
CA GLU A 428 -26.93 -22.23 -35.27
C GLU A 428 -26.00 -22.91 -34.27
N VAL A 429 -26.19 -24.20 -34.04
CA VAL A 429 -25.32 -24.96 -33.14
C VAL A 429 -24.81 -26.19 -33.89
N PRO A 430 -23.57 -26.61 -33.69
CA PRO A 430 -23.06 -27.78 -34.40
C PRO A 430 -23.36 -29.08 -33.67
N ARG A 431 -23.24 -30.18 -34.42
CA ARG A 431 -23.45 -31.51 -33.87
C ARG A 431 -22.15 -32.05 -33.28
N SER A 473 -48.57 -34.89 -44.89
CA SER A 473 -49.83 -34.30 -45.33
C SER A 473 -49.94 -32.83 -44.90
N PRO A 474 -49.66 -32.53 -43.62
CA PRO A 474 -49.69 -31.13 -43.19
C PRO A 474 -48.80 -30.24 -44.04
N VAL A 475 -49.10 -28.94 -44.03
CA VAL A 475 -48.37 -27.98 -44.87
C VAL A 475 -46.92 -27.89 -44.44
N TRP A 476 -46.65 -28.02 -43.15
CA TRP A 476 -45.29 -27.91 -42.62
C TRP A 476 -44.50 -29.20 -42.73
N CYS A 477 -45.09 -30.27 -43.25
CA CYS A 477 -44.42 -31.56 -43.33
C CYS A 477 -43.74 -31.72 -44.68
N GLN A 478 -42.47 -32.13 -44.65
CA GLN A 478 -41.69 -32.38 -45.86
C GLN A 478 -41.24 -33.82 -45.99
N CYS A 479 -41.85 -34.76 -45.23
CA CYS A 479 -41.55 -36.16 -45.39
C CYS A 479 -42.78 -36.99 -45.73
N GLY A 480 -43.97 -36.44 -45.57
CA GLY A 480 -45.17 -37.20 -45.85
C GLY A 480 -45.48 -38.26 -44.83
N SER A 481 -44.95 -38.16 -43.62
CA SER A 481 -45.19 -39.15 -42.58
C SER A 481 -45.50 -38.51 -41.23
N CYS A 482 -45.86 -37.23 -41.21
CA CYS A 482 -46.22 -36.53 -39.99
C CYS A 482 -47.75 -36.47 -39.84
N LEU A 483 -48.18 -36.18 -38.62
CA LEU A 483 -49.59 -36.04 -38.29
C LEU A 483 -49.80 -34.70 -37.59
N PRO A 484 -51.01 -34.15 -37.63
CA PRO A 484 -51.25 -32.88 -36.93
C PRO A 484 -51.11 -33.04 -35.43
N SER A 485 -50.69 -31.96 -34.78
CA SER A 485 -50.44 -32.03 -33.34
C SER A 485 -51.74 -32.16 -32.56
N GLN A 486 -51.82 -33.20 -31.74
CA GLN A 486 -52.96 -33.42 -30.85
C GLN A 486 -52.61 -32.94 -29.45
N LEU A 487 -52.51 -31.63 -29.31
CA LEU A 487 -52.23 -31.00 -28.03
C LEU A 487 -52.85 -29.62 -28.02
N PRO A 488 -52.85 -28.94 -26.87
CA PRO A 488 -53.36 -27.57 -26.83
C PRO A 488 -52.78 -26.68 -27.93
N GLU A 489 -53.64 -25.97 -28.64
CA GLU A 489 -53.18 -25.17 -29.78
C GLU A 489 -52.20 -24.09 -29.36
N SER A 490 -52.15 -23.75 -28.07
CA SER A 490 -51.14 -22.81 -27.60
C SER A 490 -49.73 -23.36 -27.80
N HIS A 491 -49.55 -24.66 -27.57
CA HIS A 491 -48.25 -25.31 -27.69
C HIS A 491 -48.18 -26.34 -28.80
N ARG A 492 -49.21 -26.46 -29.64
CA ARG A 492 -49.14 -27.40 -30.76
C ARG A 492 -47.95 -27.11 -31.65
N CYS A 493 -47.63 -25.84 -31.84
CA CYS A 493 -46.58 -25.46 -32.79
C CYS A 493 -45.27 -26.16 -32.47
N LEU A 494 -44.95 -26.32 -31.18
CA LEU A 494 -43.76 -27.08 -30.81
C LEU A 494 -43.77 -28.46 -31.44
N GLU A 495 -44.89 -29.17 -31.34
CA GLU A 495 -44.95 -30.53 -31.84
C GLU A 495 -45.22 -30.56 -33.34
N GLU A 496 -45.40 -29.39 -33.95
CA GLU A 496 -45.52 -29.26 -35.41
C GLU A 496 -44.11 -29.07 -35.96
N LEU A 497 -43.35 -30.15 -35.94
CA LEU A 497 -41.99 -30.17 -36.45
C LEU A 497 -41.79 -31.40 -37.31
N CYS A 498 -40.97 -31.26 -38.34
CA CYS A 498 -40.70 -32.31 -39.30
C CYS A 498 -39.25 -32.79 -39.12
N CYS A 499 -38.97 -33.98 -39.64
CA CYS A 499 -37.61 -34.50 -39.55
C CYS A 499 -36.66 -33.79 -40.50
N ARG A 500 -37.17 -32.91 -41.35
CA ARG A 500 -36.34 -32.30 -42.38
C ARG A 500 -36.95 -31.00 -42.87
N LYS A 501 -36.11 -30.19 -43.50
CA LYS A 501 -36.48 -28.85 -43.93
C LYS A 501 -36.97 -28.78 -45.37
N LYS A 502 -36.57 -29.74 -46.20
CA LYS A 502 -36.92 -29.74 -47.61
C LYS A 502 -37.47 -31.11 -48.01
N PRO A 503 -38.27 -31.16 -49.07
CA PRO A 503 -38.98 -32.41 -49.38
C PRO A 503 -38.03 -33.57 -49.63
N GLY A 504 -38.49 -34.76 -49.27
CA GLY A 504 -37.78 -35.98 -49.57
C GLY A 504 -38.28 -37.11 -48.68
N ALA A 505 -37.40 -38.08 -48.47
CA ALA A 505 -37.74 -39.23 -47.65
C ALA A 505 -37.80 -38.84 -46.17
N CYS A 506 -38.33 -39.75 -45.37
CA CYS A 506 -38.44 -39.54 -43.93
C CYS A 506 -37.33 -40.30 -43.22
N ILE A 507 -37.00 -39.86 -42.01
CA ILE A 507 -35.93 -40.49 -41.23
C ILE A 507 -36.46 -41.63 -40.39
N THR A 508 -37.81 -41.77 -40.29
CA THR A 508 -38.40 -42.95 -39.68
C THR A 508 -38.19 -44.18 -40.54
N THR A 509 -37.86 -43.99 -41.82
CA THR A 509 -37.57 -45.12 -42.69
C THR A 509 -36.15 -45.63 -42.52
N SER A 510 -35.28 -44.82 -41.92
CA SER A 510 -33.89 -45.20 -41.76
C SER A 510 -33.78 -46.46 -40.93
N GLU A 511 -32.90 -47.37 -41.37
CA GLU A 511 -32.78 -48.66 -40.71
C GLU A 511 -32.23 -48.52 -39.29
N LEU A 512 -31.44 -47.47 -39.06
CA LEU A 512 -30.95 -47.24 -37.70
C LEU A 512 -32.11 -46.88 -36.78
N PHE A 513 -33.05 -46.07 -37.27
CA PHE A 513 -34.14 -45.61 -36.41
C PHE A 513 -34.88 -46.79 -35.86
N ARG A 514 -35.17 -47.76 -36.72
CA ARG A 514 -35.93 -48.94 -36.31
C ARG A 514 -35.19 -49.73 -35.26
N LYS A 515 -33.86 -49.70 -35.31
CA LYS A 515 -33.06 -50.50 -34.39
C LYS A 515 -32.52 -49.69 -33.23
N LEU A 516 -32.54 -48.37 -33.35
CA LEU A 516 -32.02 -47.50 -32.29
C LEU A 516 -33.16 -46.77 -31.61
N VAL A 517 -34.39 -47.07 -32.00
CA VAL A 517 -35.55 -46.40 -31.41
C VAL A 517 -36.73 -47.34 -31.26
N LEU A 518 -36.90 -48.29 -32.18
CA LEU A 518 -38.09 -49.13 -32.16
C LEU A 518 -37.80 -50.58 -31.80
N SER A 519 -36.53 -50.99 -31.79
CA SER A 519 -36.19 -52.35 -31.41
C SER A 519 -36.56 -52.60 -29.95
N ARG A 520 -37.58 -53.49 -29.82
CA ARG A 520 -38.01 -53.78 -28.46
C ARG A 520 -36.91 -54.43 -27.63
N HIS A 521 -36.13 -55.33 -28.24
CA HIS A 521 -35.07 -56.00 -27.48
C HIS A 521 -34.07 -54.98 -26.94
N VAL A 522 -33.66 -54.04 -27.78
CA VAL A 522 -32.69 -53.03 -27.35
C VAL A 522 -33.27 -52.20 -26.20
N LEU A 523 -34.51 -51.76 -26.34
CA LEU A 523 -35.10 -50.89 -25.32
C LEU A 523 -35.26 -51.63 -24.00
N GLN A 524 -35.75 -52.87 -24.04
CA GLN A 524 -35.88 -53.65 -22.82
C GLN A 524 -34.52 -53.91 -22.19
N PHE A 525 -33.48 -54.12 -23.01
CA PHE A 525 -32.15 -54.30 -22.46
C PHE A 525 -31.65 -53.03 -21.79
N LEU A 526 -31.94 -51.87 -22.39
CA LEU A 526 -31.58 -50.60 -21.76
C LEU A 526 -32.30 -50.42 -20.44
N LEU A 527 -33.58 -50.80 -20.38
CA LEU A 527 -34.33 -50.72 -19.13
C LEU A 527 -33.73 -51.64 -18.09
N LEU A 528 -33.40 -52.88 -18.48
CA LEU A 528 -32.86 -53.85 -17.54
C LEU A 528 -31.50 -53.44 -17.02
N TYR A 529 -30.68 -52.82 -17.88
CA TYR A 529 -29.36 -52.36 -17.46
C TYR A 529 -29.46 -51.49 -16.20
N GLN A 530 -30.38 -50.54 -16.19
CA GLN A 530 -30.58 -49.69 -15.02
C GLN A 530 -31.29 -50.44 -13.90
N GLU A 531 -32.21 -51.33 -14.24
CA GLU A 531 -33.03 -52.06 -13.27
C GLU A 531 -32.98 -53.54 -13.63
N PRO A 532 -31.97 -54.27 -13.16
CA PRO A 532 -31.79 -55.66 -13.60
C PRO A 532 -33.06 -56.49 -13.51
N LEU A 533 -33.62 -56.57 -12.31
CA LEU A 533 -34.86 -57.30 -12.07
C LEU A 533 -36.01 -56.31 -12.13
N LEU A 534 -36.62 -56.21 -13.30
CA LEU A 534 -37.66 -55.23 -13.56
C LEU A 534 -38.87 -55.94 -14.14
N ALA A 535 -40.02 -55.75 -13.51
CA ALA A 535 -41.29 -56.27 -14.01
C ALA A 535 -42.30 -55.13 -14.03
N LEU A 536 -43.08 -55.07 -15.11
CA LEU A 536 -44.00 -53.96 -15.32
C LEU A 536 -45.30 -54.50 -15.90
N ASP A 537 -46.35 -53.71 -15.74
CA ASP A 537 -47.59 -53.97 -16.44
C ASP A 537 -47.43 -53.67 -17.92
N VAL A 538 -48.40 -54.12 -18.71
CA VAL A 538 -48.32 -53.94 -20.16
C VAL A 538 -48.26 -52.45 -20.50
N ASP A 539 -49.18 -51.67 -19.94
CA ASP A 539 -49.18 -50.24 -20.20
C ASP A 539 -47.92 -49.57 -19.64
N SER A 540 -47.50 -49.98 -18.44
CA SER A 540 -46.27 -49.43 -17.87
C SER A 540 -45.08 -49.79 -18.74
N THR A 541 -45.03 -51.03 -19.24
CA THR A 541 -43.94 -51.41 -20.14
C THR A 541 -43.93 -50.54 -21.38
N ASN A 542 -45.10 -50.32 -21.98
CA ASN A 542 -45.17 -49.48 -23.17
C ASN A 542 -44.71 -48.06 -22.87
N SER A 543 -45.11 -47.51 -21.73
CA SER A 543 -44.69 -46.15 -21.37
C SER A 543 -43.19 -46.06 -21.19
N ARG A 544 -42.62 -47.02 -20.47
CA ARG A 544 -41.18 -47.03 -20.23
C ARG A 544 -40.43 -47.11 -21.56
N LEU A 545 -40.90 -47.98 -22.46
CA LEU A 545 -40.27 -48.14 -23.76
C LEU A 545 -40.40 -46.87 -24.60
N ARG A 546 -41.57 -46.23 -24.57
CA ARG A 546 -41.77 -45.03 -25.37
C ARG A 546 -40.87 -43.90 -24.90
N HIS A 547 -40.76 -43.71 -23.59
CA HIS A 547 -39.86 -42.69 -23.08
C HIS A 547 -38.40 -43.03 -23.39
N CYS A 548 -38.03 -44.31 -23.29
CA CYS A 548 -36.69 -44.71 -23.67
C CYS A 548 -36.44 -44.45 -25.15
N ALA A 549 -37.46 -44.57 -25.98
CA ALA A 549 -37.31 -44.32 -27.41
C ALA A 549 -37.08 -42.85 -27.69
N TYR A 550 -37.86 -41.98 -27.04
CA TYR A 550 -37.58 -40.55 -27.13
C TYR A 550 -36.15 -40.26 -26.70
N ARG A 551 -35.74 -40.83 -25.57
CA ARG A 551 -34.39 -40.61 -25.08
C ARG A 551 -33.33 -41.06 -26.06
N CYS A 552 -33.53 -42.21 -26.67
CA CYS A 552 -32.51 -42.75 -27.55
C CYS A 552 -32.45 -42.00 -28.87
N TYR A 553 -33.59 -41.59 -29.41
CA TYR A 553 -33.56 -40.75 -30.61
C TYR A 553 -32.87 -39.43 -30.33
N ALA A 554 -33.21 -38.79 -29.21
CA ALA A 554 -32.61 -37.51 -28.89
C ALA A 554 -31.10 -37.63 -28.71
N THR A 555 -30.65 -38.70 -28.07
CA THR A 555 -29.22 -38.93 -27.92
C THR A 555 -28.55 -39.22 -29.26
N TRP A 556 -29.23 -39.98 -30.12
CA TRP A 556 -28.67 -40.32 -31.42
C TRP A 556 -28.47 -39.09 -32.29
N ARG A 557 -29.44 -38.19 -32.31
CA ARG A 557 -29.40 -37.06 -33.22
C ARG A 557 -28.71 -35.83 -32.64
N PHE A 558 -28.81 -35.62 -31.32
CA PHE A 558 -28.25 -34.43 -30.70
C PHE A 558 -27.00 -34.73 -29.89
N GLY A 559 -26.75 -36.00 -29.55
CA GLY A 559 -25.50 -36.37 -28.93
C GLY A 559 -25.50 -36.17 -27.43
N SER A 560 -24.91 -35.07 -26.99
CA SER A 560 -24.80 -34.81 -25.56
C SER A 560 -26.20 -34.71 -24.94
N GLN A 561 -26.26 -35.02 -23.66
CA GLN A 561 -27.53 -34.93 -22.96
C GLN A 561 -27.93 -33.50 -22.66
N ASP A 562 -26.96 -32.58 -22.67
CA ASP A 562 -27.29 -31.17 -22.53
C ASP A 562 -28.27 -30.72 -23.60
N MET A 563 -28.08 -31.17 -24.82
CA MET A 563 -28.95 -30.82 -25.93
C MET A 563 -30.08 -31.82 -26.13
N ALA A 564 -29.92 -33.04 -25.61
CA ALA A 564 -30.96 -34.04 -25.76
C ALA A 564 -32.07 -33.90 -24.74
N ASP A 565 -31.79 -33.25 -23.59
CA ASP A 565 -32.86 -32.98 -22.65
C ASP A 565 -33.84 -31.95 -23.21
N PHE A 566 -33.33 -30.97 -23.94
CA PHE A 566 -34.15 -29.92 -24.53
C PHE A 566 -34.43 -30.16 -26.00
N ALA A 567 -34.06 -31.33 -26.51
CA ALA A 567 -34.38 -31.69 -27.87
C ALA A 567 -35.89 -31.77 -28.07
N ILE A 568 -36.30 -31.68 -29.32
CA ILE A 568 -37.70 -31.81 -29.70
C ILE A 568 -37.75 -32.86 -30.80
N LEU A 569 -38.55 -33.90 -30.59
CA LEU A 569 -38.69 -34.91 -31.61
C LEU A 569 -39.61 -34.43 -32.73
N PRO A 570 -39.34 -34.81 -33.98
CA PRO A 570 -40.27 -34.47 -35.05
C PRO A 570 -41.56 -35.25 -34.92
N SER A 571 -42.60 -34.70 -35.55
CA SER A 571 -43.92 -35.33 -35.46
C SER A 571 -43.90 -36.74 -36.02
N CYS A 572 -43.21 -36.95 -37.13
CA CYS A 572 -43.18 -38.28 -37.74
C CYS A 572 -42.59 -39.31 -36.79
N CYS A 573 -41.41 -39.03 -36.26
CA CYS A 573 -40.76 -39.95 -35.34
C CYS A 573 -41.56 -40.11 -34.06
N ARG A 574 -42.08 -38.99 -33.53
CA ARG A 574 -42.88 -39.05 -32.32
C ARG A 574 -44.05 -40.01 -32.49
N TRP A 575 -44.80 -39.86 -33.57
CA TRP A 575 -46.00 -40.67 -33.75
C TRP A 575 -45.65 -42.10 -34.13
N ARG A 576 -44.54 -42.32 -34.83
CA ARG A 576 -44.08 -43.67 -35.09
C ARG A 576 -43.75 -44.39 -33.79
N ILE A 577 -43.05 -43.71 -32.89
CA ILE A 577 -42.71 -44.31 -31.60
C ILE A 577 -43.97 -44.57 -30.79
N ARG A 578 -44.90 -43.62 -30.78
CA ARG A 578 -46.14 -43.80 -30.04
C ARG A 578 -46.94 -44.98 -30.59
N LYS A 579 -46.97 -45.14 -31.91
CA LYS A 579 -47.62 -46.31 -32.50
C LYS A 579 -46.92 -47.59 -32.07
N GLU A 580 -45.59 -47.60 -32.09
CA GLU A 580 -44.85 -48.78 -31.68
C GLU A 580 -45.15 -49.14 -30.22
N PHE A 581 -45.22 -48.15 -29.34
CA PHE A 581 -45.45 -48.35 -27.91
C PHE A 581 -46.62 -47.49 -27.47
N PRO A 582 -47.85 -47.89 -27.79
CA PRO A 582 -49.02 -47.11 -27.42
C PRO A 582 -49.37 -47.28 -25.95
N LYS A 583 -50.19 -46.37 -25.46
CA LYS A 583 -50.70 -46.42 -24.11
C LYS A 583 -52.13 -46.96 -24.12
N SER A 584 -52.53 -47.57 -23.00
CA SER A 584 -53.85 -48.18 -22.91
C SER A 584 -54.95 -47.14 -23.10
N GLU A 585 -54.82 -45.98 -22.46
CA GLU A 585 -55.86 -44.96 -22.54
C GLU A 585 -55.22 -43.60 -22.24
N GLY A 586 -55.91 -42.55 -22.68
CA GLY A 586 -55.46 -41.20 -22.46
C GLY A 586 -54.77 -40.63 -23.69
N GLN A 587 -54.33 -39.39 -23.55
CA GLN A 587 -53.62 -38.68 -24.61
C GLN A 587 -52.19 -38.39 -24.18
N TYR A 588 -51.28 -38.41 -25.14
CA TYR A 588 -49.87 -38.20 -24.87
C TYR A 588 -49.61 -36.75 -24.48
N SER A 589 -48.81 -36.56 -23.43
CA SER A 589 -48.59 -35.21 -22.92
C SER A 589 -47.69 -34.39 -23.83
N GLY A 590 -46.57 -34.96 -24.27
CA GLY A 590 -45.64 -34.24 -25.11
C GLY A 590 -44.36 -33.87 -24.40
N PHE A 591 -43.71 -32.80 -24.87
CA PHE A 591 -42.41 -32.40 -24.33
C PHE A 591 -42.58 -31.60 -23.05
N LYS A 592 -41.68 -31.83 -22.10
CA LYS A 592 -41.70 -31.18 -20.80
C LYS A 592 -40.28 -30.75 -20.46
N SER A 593 -40.09 -29.45 -20.29
CA SER A 593 -38.75 -28.95 -20.05
C SER A 593 -38.22 -29.46 -18.71
N PRO A 594 -37.01 -30.01 -18.67
CA PRO A 594 -36.51 -30.55 -17.40
C PRO A 594 -36.44 -29.53 -16.28
N TYR A 595 -36.10 -28.28 -16.59
CA TYR A 595 -36.02 -27.23 -15.59
C TYR A 595 -37.20 -26.27 -15.72
N SER B 6 14.81 -32.29 -17.83
CA SER B 6 13.37 -32.09 -17.76
C SER B 6 12.99 -30.71 -18.31
N CYS B 7 13.70 -30.27 -19.34
CA CYS B 7 13.40 -28.96 -19.93
C CYS B 7 11.95 -28.90 -20.40
N SER B 8 11.42 -30.01 -20.90
CA SER B 8 10.01 -30.03 -21.30
C SER B 8 9.09 -29.68 -20.14
N ASP B 9 9.45 -30.10 -18.92
CA ASP B 9 8.63 -29.76 -17.76
C ASP B 9 8.64 -28.26 -17.50
N VAL B 10 9.76 -27.59 -17.78
CA VAL B 10 9.81 -26.14 -17.66
C VAL B 10 8.86 -25.49 -18.65
N PHE B 11 8.87 -25.96 -19.89
CA PHE B 11 8.10 -25.34 -20.97
C PHE B 11 6.66 -25.86 -20.96
N GLN B 12 5.96 -25.55 -19.88
CA GLN B 12 4.59 -25.99 -19.68
C GLN B 12 3.76 -24.84 -19.14
N TYR B 13 2.53 -24.73 -19.61
CA TYR B 13 1.59 -23.71 -19.17
C TYR B 13 0.30 -24.40 -18.73
N GLU B 14 -0.06 -24.22 -17.47
CA GLU B 14 -1.30 -24.76 -16.92
C GLU B 14 -2.38 -23.69 -17.00
N THR B 15 -3.42 -23.98 -17.78
CA THR B 15 -4.56 -23.09 -17.90
C THR B 15 -5.78 -23.74 -17.25
N ASN B 16 -6.54 -22.94 -16.51
CA ASN B 16 -7.70 -23.46 -15.80
C ASN B 16 -8.76 -23.88 -16.79
N LYS B 17 -9.39 -25.01 -16.50
CA LYS B 17 -10.60 -25.41 -17.20
C LYS B 17 -11.76 -24.58 -16.70
N VAL B 18 -12.54 -24.02 -17.62
CA VAL B 18 -13.61 -23.11 -17.28
C VAL B 18 -14.90 -23.55 -17.96
N THR B 19 -16.01 -23.15 -17.37
CA THR B 19 -17.33 -23.35 -17.94
C THR B 19 -17.91 -21.98 -18.25
N ARG B 20 -18.28 -21.77 -19.50
CA ARG B 20 -18.85 -20.51 -19.96
C ARG B 20 -20.36 -20.60 -19.98
N ILE B 21 -21.01 -19.72 -19.24
CA ILE B 21 -22.45 -19.75 -19.06
C ILE B 21 -23.08 -18.61 -19.84
N GLN B 22 -24.10 -18.92 -20.64
CA GLN B 22 -24.83 -17.92 -21.42
C GLN B 22 -26.04 -17.49 -20.62
N SER B 23 -25.79 -16.69 -19.59
CA SER B 23 -26.83 -16.21 -18.70
C SER B 23 -26.87 -14.69 -18.74
N MET B 24 -28.07 -14.15 -18.93
CA MET B 24 -28.25 -12.71 -18.81
C MET B 24 -27.83 -12.24 -17.42
N ASN B 25 -28.37 -12.88 -16.38
CA ASN B 25 -28.22 -12.40 -15.02
C ASN B 25 -26.77 -12.37 -14.60
N TYR B 26 -26.04 -13.45 -14.84
CA TYR B 26 -24.68 -13.58 -14.33
C TYR B 26 -23.70 -12.71 -15.08
N GLY B 27 -23.84 -12.61 -16.41
CA GLY B 27 -23.03 -11.67 -17.15
C GLY B 27 -23.29 -10.22 -16.75
N THR B 28 -24.56 -9.87 -16.57
CA THR B 28 -24.90 -8.53 -16.13
C THR B 28 -24.31 -8.24 -14.75
N ILE B 29 -24.41 -9.20 -13.83
CA ILE B 29 -23.82 -9.03 -12.52
C ILE B 29 -22.32 -8.84 -12.61
N LYS B 30 -21.66 -9.66 -13.42
CA LYS B 30 -20.22 -9.56 -13.57
C LYS B 30 -19.82 -8.17 -14.07
N TRP B 31 -20.50 -7.68 -15.10
CA TRP B 31 -20.13 -6.40 -15.67
C TRP B 31 -20.48 -5.24 -14.75
N PHE B 32 -21.59 -5.34 -14.02
CA PHE B 32 -21.93 -4.33 -13.02
C PHE B 32 -20.84 -4.26 -11.95
N PHE B 33 -20.45 -5.42 -11.41
CA PHE B 33 -19.39 -5.46 -10.42
C PHE B 33 -18.12 -4.82 -10.97
N HIS B 34 -17.73 -5.21 -12.19
CA HIS B 34 -16.48 -4.71 -12.76
C HIS B 34 -16.53 -3.21 -12.94
N VAL B 35 -17.65 -2.68 -13.46
CA VAL B 35 -17.76 -1.25 -13.68
C VAL B 35 -17.69 -0.50 -12.36
N ILE B 36 -18.39 -0.99 -11.34
CA ILE B 36 -18.38 -0.31 -10.04
C ILE B 36 -16.98 -0.33 -9.44
N ILE B 37 -16.33 -1.49 -9.45
CA ILE B 37 -14.99 -1.60 -8.88
C ILE B 37 -14.02 -0.69 -9.62
N PHE B 38 -14.06 -0.70 -10.95
CA PHE B 38 -13.16 0.14 -11.73
C PHE B 38 -13.41 1.61 -11.46
N SER B 39 -14.67 2.01 -11.39
CA SER B 39 -15.00 3.40 -11.14
C SER B 39 -14.48 3.84 -9.77
N TYR B 40 -14.66 3.01 -8.75
CA TYR B 40 -14.17 3.38 -7.43
C TYR B 40 -12.64 3.42 -7.39
N VAL B 41 -11.98 2.47 -8.05
CA VAL B 41 -10.52 2.47 -8.09
C VAL B 41 -10.01 3.75 -8.74
N CYS B 42 -10.58 4.11 -9.89
CA CYS B 42 -10.17 5.34 -10.56
C CYS B 42 -10.46 6.56 -9.70
N PHE B 43 -11.62 6.58 -9.05
CA PHE B 43 -11.97 7.72 -8.22
C PHE B 43 -11.00 7.89 -7.06
N ALA B 44 -10.66 6.79 -6.38
CA ALA B 44 -9.72 6.87 -5.27
C ALA B 44 -8.35 7.31 -5.75
N LEU B 45 -7.87 6.72 -6.85
CA LEU B 45 -6.58 7.11 -7.40
C LEU B 45 -6.53 8.60 -7.70
N VAL B 46 -7.59 9.12 -8.33
CA VAL B 46 -7.60 10.52 -8.73
C VAL B 46 -7.73 11.43 -7.52
N SER B 47 -8.62 11.11 -6.60
CA SER B 47 -8.92 12.00 -5.49
C SER B 47 -7.77 12.05 -4.50
N ASP B 48 -7.23 10.90 -4.11
CA ASP B 48 -6.09 10.88 -3.20
C ASP B 48 -4.75 10.94 -3.91
N LYS B 49 -4.75 11.05 -5.24
CA LYS B 49 -3.52 11.15 -6.02
C LYS B 49 -2.53 10.07 -5.59
N LEU B 50 -3.00 8.83 -5.58
CA LEU B 50 -2.21 7.70 -5.15
C LEU B 50 -1.16 7.30 -6.18
N TYR B 51 -1.20 7.88 -7.38
CA TYR B 51 -0.14 7.74 -8.36
C TYR B 51 1.05 8.63 -8.05
N GLN B 52 0.93 9.50 -7.06
CA GLN B 52 1.94 10.50 -6.76
C GLN B 52 2.77 10.10 -5.55
N ARG B 53 4.06 10.38 -5.63
CA ARG B 53 4.94 10.41 -4.47
C ARG B 53 4.86 11.81 -3.89
N LYS B 54 4.58 11.89 -2.59
CA LYS B 54 4.34 13.15 -1.90
C LYS B 54 5.52 13.45 -0.99
N GLU B 55 5.86 14.72 -0.89
CA GLU B 55 7.01 15.13 -0.10
C GLU B 55 6.61 16.34 0.74
N PRO B 56 6.90 16.33 2.04
CA PRO B 56 6.58 17.48 2.88
C PRO B 56 7.40 18.70 2.51
N VAL B 57 6.84 19.87 2.80
CA VAL B 57 7.40 21.14 2.36
C VAL B 57 8.51 21.57 3.30
N ILE B 58 9.56 22.14 2.75
CA ILE B 58 10.64 22.75 3.51
C ILE B 58 10.50 24.25 3.35
N SER B 59 10.22 24.96 4.43
CA SER B 59 9.77 26.34 4.36
C SER B 59 10.74 27.29 5.05
N SER B 60 10.77 28.52 4.54
CA SER B 60 11.50 29.63 5.12
C SER B 60 10.62 30.86 5.03
N VAL B 61 10.47 31.58 6.14
CA VAL B 61 9.56 32.70 6.23
C VAL B 61 10.34 33.96 6.59
N HIS B 62 9.95 35.07 5.98
CA HIS B 62 10.56 36.37 6.23
C HIS B 62 9.46 37.41 6.29
N THR B 63 9.30 38.06 7.43
CA THR B 63 8.25 39.04 7.62
C THR B 63 8.83 40.45 7.67
N LYS B 64 7.99 41.40 7.27
CA LYS B 64 8.31 42.82 7.33
C LYS B 64 7.05 43.51 7.86
N VAL B 65 7.10 43.93 9.12
CA VAL B 65 5.98 44.62 9.75
C VAL B 65 6.15 46.11 9.54
N LYS B 66 5.02 46.80 9.46
CA LYS B 66 4.97 48.20 9.07
C LYS B 66 3.85 48.90 9.81
N GLY B 67 4.15 50.07 10.33
CA GLY B 67 3.19 50.92 11.01
C GLY B 67 3.80 51.59 12.20
N ILE B 68 3.27 52.76 12.54
CA ILE B 68 3.66 53.50 13.73
C ILE B 68 2.40 53.75 14.55
N ALA B 69 2.60 53.93 15.85
CA ALA B 69 1.49 54.10 16.78
C ALA B 69 1.73 55.30 17.67
N GLU B 70 0.72 56.14 17.83
CA GLU B 70 0.76 57.20 18.82
C GLU B 70 0.21 56.67 20.14
N VAL B 71 0.99 56.85 21.19
CA VAL B 71 0.77 56.23 22.49
C VAL B 71 0.56 57.35 23.50
N LYS B 72 -0.57 57.25 24.25
CA LYS B 72 -0.92 58.21 25.28
C LYS B 72 -0.60 57.62 26.64
N GLU B 73 0.24 58.34 27.42
CA GLU B 73 0.59 57.87 28.75
C GLU B 73 0.38 58.99 29.77
N GLU B 74 -0.42 58.72 30.80
CA GLU B 74 -0.72 59.73 31.85
C GLU B 74 0.48 59.84 32.78
N ILE B 75 1.38 60.79 32.54
CA ILE B 75 2.62 60.99 33.35
C ILE B 75 2.57 62.41 33.91
N LEU B 83 -0.57 64.02 30.75
CA LEU B 83 -0.55 63.13 29.60
C LEU B 83 0.55 63.51 28.63
N VAL B 84 1.19 62.50 28.04
CA VAL B 84 2.24 62.69 27.06
C VAL B 84 1.98 61.77 25.88
N HIS B 85 2.20 62.31 24.68
CA HIS B 85 2.04 61.59 23.43
C HIS B 85 3.42 61.17 22.93
N SER B 86 3.53 59.95 22.42
CA SER B 86 4.78 59.45 21.90
C SER B 86 4.52 58.57 20.68
N VAL B 87 5.45 58.56 19.74
CA VAL B 87 5.34 57.73 18.55
C VAL B 87 6.24 56.52 18.68
N PHE B 88 5.67 55.34 18.51
CA PHE B 88 6.37 54.07 18.47
C PHE B 88 6.46 53.59 17.04
N ASP B 89 7.65 53.16 16.65
CA ASP B 89 7.90 52.56 15.35
C ASP B 89 8.44 51.15 15.54
N THR B 90 8.75 50.49 14.42
CA THR B 90 9.10 49.07 14.45
C THR B 90 10.21 48.79 15.43
N ALA B 91 11.16 49.71 15.55
CA ALA B 91 12.26 49.53 16.49
C ALA B 91 11.77 49.51 17.94
N ASP B 92 10.53 49.92 18.18
CA ASP B 92 10.01 50.08 19.52
C ASP B 92 8.97 49.03 19.90
N TYR B 93 8.41 48.31 18.93
CA TYR B 93 7.35 47.36 19.22
C TYR B 93 7.57 45.96 18.64
N THR B 94 8.58 45.75 17.79
CA THR B 94 8.77 44.44 17.20
C THR B 94 10.27 44.18 17.04
N PHE B 95 10.59 42.89 16.97
CA PHE B 95 11.92 42.35 16.74
C PHE B 95 11.84 41.40 15.55
N PRO B 96 12.90 41.27 14.76
CA PRO B 96 12.80 40.47 13.54
C PRO B 96 12.36 39.04 13.81
N LEU B 97 11.63 38.49 12.84
CA LEU B 97 11.07 37.16 12.96
C LEU B 97 12.13 36.14 13.34
N GLN B 98 11.84 35.37 14.38
CA GLN B 98 12.70 34.29 14.83
C GLN B 98 11.87 33.03 14.93
N GLY B 99 12.32 31.96 14.28
CA GLY B 99 11.60 30.71 14.36
C GLY B 99 10.19 30.78 13.85
N ASN B 100 9.98 31.43 12.71
CA ASN B 100 8.67 31.48 12.06
C ASN B 100 7.63 32.16 12.93
N SER B 101 8.07 33.12 13.77
CA SER B 101 7.17 33.86 14.63
C SER B 101 7.68 35.28 14.75
N PHE B 102 6.75 36.23 14.81
CA PHE B 102 7.08 37.61 15.12
C PHE B 102 6.12 38.14 16.18
N PHE B 103 6.61 39.08 16.97
CA PHE B 103 5.91 39.63 18.11
C PHE B 103 5.72 41.12 17.92
N VAL B 104 4.51 41.59 18.18
CA VAL B 104 4.17 43.00 18.13
C VAL B 104 3.66 43.40 19.50
N MET B 105 4.39 44.27 20.17
CA MET B 105 3.98 44.77 21.47
C MET B 105 2.73 45.64 21.32
N THR B 106 1.72 45.35 22.13
CA THR B 106 0.47 46.08 22.12
C THR B 106 0.24 46.85 23.40
N ASN B 107 1.02 46.61 24.44
CA ASN B 107 0.74 47.21 25.73
C ASN B 107 1.94 46.98 26.61
N PHE B 108 2.06 47.80 27.65
CA PHE B 108 3.21 47.66 28.53
C PHE B 108 2.96 48.35 29.86
N LEU B 109 3.65 47.87 30.87
CA LEU B 109 3.75 48.51 32.17
C LEU B 109 5.21 48.75 32.45
N LYS B 110 5.55 49.96 32.90
CA LYS B 110 6.94 50.36 33.06
C LYS B 110 7.24 50.66 34.52
N THR B 111 8.41 50.22 34.98
CA THR B 111 8.90 50.47 36.33
C THR B 111 10.35 50.94 36.19
N GLU B 112 10.57 52.24 36.41
CA GLU B 112 11.85 52.86 36.13
C GLU B 112 12.75 52.87 37.36
N GLY B 113 14.05 52.93 37.12
CA GLY B 113 15.02 53.16 38.16
C GLY B 113 15.11 52.09 39.23
N GLN B 114 15.26 50.84 38.81
CA GLN B 114 15.39 49.73 39.73
C GLN B 114 16.86 49.47 40.06
N GLU B 115 17.16 49.34 41.34
CA GLU B 115 18.48 48.96 41.81
C GLU B 115 18.36 47.66 42.61
N GLN B 116 19.38 46.83 42.55
CA GLN B 116 19.46 45.68 43.45
C GLN B 116 19.71 46.19 44.87
N ARG B 117 18.67 46.16 45.70
CA ARG B 117 18.74 46.70 47.04
C ARG B 117 17.80 45.92 47.95
N LEU B 118 17.53 46.49 49.12
CA LEU B 118 16.53 46.00 50.04
C LEU B 118 15.39 47.01 50.05
N CYS B 119 14.16 46.51 49.94
CA CYS B 119 13.01 47.38 49.77
C CYS B 119 11.79 46.74 50.41
N PRO B 120 10.82 47.53 50.86
CA PRO B 120 9.55 46.96 51.27
C PRO B 120 8.78 46.43 50.07
N GLU B 121 8.26 45.23 50.19
CA GLU B 121 7.59 44.59 49.07
C GLU B 121 6.20 45.20 48.90
N TYR B 122 5.73 45.21 47.66
CA TYR B 122 4.48 45.89 47.38
C TYR B 122 3.35 45.27 48.19
N PRO B 123 2.47 46.06 48.79
CA PRO B 123 1.48 45.50 49.72
C PRO B 123 0.47 44.61 49.03
N THR B 124 0.24 43.45 49.64
CA THR B 124 -0.82 42.52 49.28
C THR B 124 -1.20 41.76 50.55
N ARG B 125 -2.33 41.05 50.50
CA ARG B 125 -2.77 40.31 51.67
C ARG B 125 -1.67 39.40 52.21
N ARG B 126 -0.69 39.06 51.37
CA ARG B 126 0.40 38.21 51.81
C ARG B 126 1.50 39.00 52.52
N THR B 127 1.94 40.11 51.92
CA THR B 127 3.08 40.85 52.41
C THR B 127 2.75 41.83 53.52
N LEU B 128 1.47 42.00 53.85
CA LEU B 128 1.10 42.89 54.94
C LEU B 128 1.48 42.25 56.27
N CYS B 129 2.21 43.00 57.09
CA CYS B 129 2.68 42.52 58.38
C CYS B 129 2.11 43.40 59.49
N SER B 130 1.99 42.82 60.68
CA SER B 130 1.73 43.56 61.89
C SER B 130 2.90 43.57 62.84
N SER B 131 3.86 42.66 62.66
CA SER B 131 5.07 42.62 63.48
C SER B 131 6.11 41.81 62.72
N ASP B 132 7.35 41.87 63.22
CA ASP B 132 8.45 41.18 62.57
C ASP B 132 8.25 39.67 62.54
N ARG B 133 7.36 39.14 63.38
CA ARG B 133 7.13 37.69 63.43
C ARG B 133 6.43 37.16 62.20
N GLY B 134 5.88 38.02 61.35
CA GLY B 134 5.18 37.58 60.16
C GLY B 134 6.06 37.33 58.96
N CYS B 135 7.38 37.47 59.12
CA CYS B 135 8.32 37.29 58.03
C CYS B 135 9.40 36.30 58.43
N LYS B 136 9.92 35.60 57.43
CA LYS B 136 10.95 34.59 57.64
C LYS B 136 12.13 34.91 56.74
N LYS B 137 13.31 35.01 57.33
CA LYS B 137 14.50 35.41 56.59
C LYS B 137 14.85 34.38 55.53
N GLY B 138 15.08 34.86 54.31
CA GLY B 138 15.40 33.99 53.20
C GLY B 138 14.22 33.33 52.53
N TRP B 139 13.01 33.78 52.81
CA TRP B 139 11.81 33.14 52.28
C TRP B 139 11.57 33.56 50.83
N MET B 140 11.53 32.57 49.95
CA MET B 140 11.23 32.76 48.53
C MET B 140 9.76 32.41 48.29
N ASP B 141 8.90 33.41 48.37
CA ASP B 141 7.50 33.19 48.05
C ASP B 141 7.34 33.11 46.54
N PRO B 142 6.63 32.11 46.01
CA PRO B 142 6.47 32.02 44.56
C PRO B 142 5.85 33.25 43.93
N GLN B 143 4.98 33.96 44.66
CA GLN B 143 4.37 35.17 44.14
C GLN B 143 5.21 36.41 44.41
N SER B 144 6.50 36.24 44.66
CA SER B 144 7.41 37.32 44.99
C SER B 144 8.59 37.33 44.03
N LYS B 145 9.13 38.52 43.81
CA LYS B 145 10.34 38.72 43.04
C LYS B 145 11.55 39.01 43.92
N GLY B 146 11.43 38.79 45.22
CA GLY B 146 12.51 39.05 46.14
C GLY B 146 12.59 37.98 47.22
N ILE B 147 13.61 38.12 48.07
CA ILE B 147 13.88 37.19 49.15
C ILE B 147 13.82 37.97 50.46
N GLN B 148 12.92 37.56 51.35
CA GLN B 148 12.72 38.31 52.58
C GLN B 148 13.97 38.31 53.43
N THR B 149 14.20 39.42 54.12
CA THR B 149 15.30 39.57 55.06
C THR B 149 14.89 39.25 56.48
N GLY B 150 13.64 38.86 56.71
CA GLY B 150 13.16 38.49 58.02
C GLY B 150 12.43 39.59 58.76
N ARG B 151 12.63 40.84 58.37
CA ARG B 151 12.04 41.98 59.04
C ARG B 151 11.13 42.74 58.08
N CYS B 152 10.02 43.26 58.60
CA CYS B 152 9.07 44.01 57.79
C CYS B 152 9.12 45.48 58.19
N VAL B 153 8.97 46.36 57.21
CA VAL B 153 9.21 47.78 57.39
C VAL B 153 8.08 48.56 56.72
N VAL B 154 8.11 49.89 56.89
CA VAL B 154 7.07 50.76 56.37
C VAL B 154 7.16 50.80 54.86
N TYR B 155 6.03 50.62 54.19
CA TYR B 155 5.97 50.87 52.76
C TYR B 155 5.63 52.32 52.48
N GLU B 156 4.48 52.78 52.99
CA GLU B 156 4.04 54.17 52.79
C GLU B 156 3.24 54.56 54.04
N GLY B 157 3.93 55.16 55.00
CA GLY B 157 3.29 55.68 56.20
C GLY B 157 2.86 54.61 57.19
N ASN B 158 1.55 54.47 57.39
CA ASN B 158 1.03 53.56 58.40
C ASN B 158 1.27 52.11 58.00
N GLN B 159 1.44 51.85 56.72
CA GLN B 159 1.27 50.50 56.20
C GLN B 159 2.60 49.76 56.23
N LYS B 160 2.61 48.58 56.83
CA LYS B 160 3.83 47.81 57.04
C LYS B 160 3.81 46.58 56.15
N THR B 161 4.94 46.30 55.50
CA THR B 161 5.05 45.20 54.56
C THR B 161 6.41 44.54 54.68
N CYS B 162 6.45 43.28 54.28
CA CYS B 162 7.66 42.47 54.38
C CYS B 162 8.77 43.08 53.53
N GLU B 163 9.98 43.16 54.12
CA GLU B 163 11.14 43.64 53.39
C GLU B 163 11.79 42.51 52.62
N VAL B 164 12.27 42.82 51.42
CA VAL B 164 12.87 41.83 50.54
C VAL B 164 14.11 42.42 49.88
N SER B 165 15.08 41.56 49.61
CA SER B 165 16.21 41.89 48.76
C SER B 165 15.82 41.57 47.32
N ALA B 166 15.90 42.56 46.45
CA ALA B 166 15.40 42.40 45.09
C ALA B 166 15.76 43.65 44.30
N TRP B 167 15.40 43.65 43.02
CA TRP B 167 15.36 44.88 42.25
C TRP B 167 14.24 45.75 42.78
N CYS B 168 14.57 46.98 43.16
CA CYS B 168 13.70 47.83 43.90
C CYS B 168 13.71 49.24 43.32
N PRO B 169 12.57 49.93 43.32
CA PRO B 169 11.29 49.55 43.93
C PRO B 169 10.56 48.42 43.24
N ILE B 170 9.85 47.63 44.04
CA ILE B 170 9.14 46.47 43.52
C ILE B 170 8.03 46.91 42.58
N GLU B 171 7.69 46.03 41.64
CA GLU B 171 6.62 46.33 40.70
C GLU B 171 5.30 46.50 41.45
N ALA B 172 4.49 47.43 40.98
CA ALA B 172 3.14 47.56 41.51
C ALA B 172 2.27 46.42 40.97
N VAL B 173 1.36 45.96 41.82
CA VAL B 173 0.35 44.99 41.40
C VAL B 173 -0.76 45.76 40.68
N GLU B 174 -0.64 45.88 39.36
CA GLU B 174 -1.59 46.64 38.58
C GLU B 174 -1.96 45.84 37.34
N GLU B 175 -3.15 46.11 36.83
CA GLU B 175 -3.64 45.41 35.65
C GLU B 175 -3.12 46.09 34.39
N ALA B 176 -3.16 45.33 33.30
CA ALA B 176 -2.74 45.87 32.02
C ALA B 176 -3.61 47.06 31.64
N PRO B 177 -3.04 48.12 31.08
CA PRO B 177 -3.84 49.31 30.79
C PRO B 177 -5.01 49.02 29.87
N ARG B 178 -6.10 49.74 30.13
CA ARG B 178 -7.31 49.65 29.32
C ARG B 178 -7.69 51.08 28.93
N PRO B 179 -7.72 51.42 27.63
CA PRO B 179 -7.39 50.58 26.48
C PRO B 179 -5.89 50.37 26.30
N ALA B 180 -5.54 49.39 25.48
CA ALA B 180 -4.13 49.14 25.20
C ALA B 180 -3.46 50.38 24.66
N LEU B 181 -2.24 50.63 25.11
CA LEU B 181 -1.52 51.82 24.69
C LEU B 181 -1.25 51.79 23.20
N LEU B 182 -0.83 50.65 22.69
CA LEU B 182 -0.67 50.45 21.25
C LEU B 182 -1.88 49.74 20.64
N ASN B 183 -3.06 50.33 20.81
CA ASN B 183 -4.27 49.78 20.23
C ASN B 183 -4.35 50.02 18.73
N SER B 184 -3.59 51.01 18.23
CA SER B 184 -3.48 51.26 16.80
C SER B 184 -2.73 50.17 16.07
N ALA B 185 -2.13 49.24 16.81
CA ALA B 185 -1.42 48.12 16.22
C ALA B 185 -2.30 47.26 15.33
N GLU B 186 -3.60 47.50 15.29
CA GLU B 186 -4.46 46.74 14.39
C GLU B 186 -4.36 47.25 12.98
N ASN B 187 -3.94 48.49 12.81
CA ASN B 187 -3.74 49.06 11.48
C ASN B 187 -2.34 48.79 10.93
N PHE B 188 -1.50 48.10 11.68
CA PHE B 188 -0.21 47.68 11.18
C PHE B 188 -0.39 46.58 10.15
N THR B 189 0.56 46.49 9.24
CA THR B 189 0.57 45.45 8.23
C THR B 189 1.83 44.61 8.38
N VAL B 190 1.76 43.38 7.90
CA VAL B 190 2.91 42.50 7.82
C VAL B 190 2.94 41.89 6.43
N LEU B 191 4.07 42.03 5.76
CA LEU B 191 4.33 41.36 4.50
C LEU B 191 5.08 40.07 4.78
N ILE B 192 4.52 38.95 4.35
CA ILE B 192 5.10 37.64 4.56
C ILE B 192 5.65 37.14 3.23
N LYS B 193 6.92 36.81 3.21
CA LYS B 193 7.58 36.18 2.09
C LYS B 193 7.89 34.74 2.49
N ASN B 194 7.34 33.79 1.75
CA ASN B 194 7.43 32.37 2.07
C ASN B 194 8.10 31.65 0.91
N ASN B 195 9.25 31.06 1.18
CA ASN B 195 9.97 30.24 0.21
C ASN B 195 9.83 28.78 0.60
N ILE B 196 9.52 27.93 -0.37
CA ILE B 196 9.35 26.52 -0.11
C ILE B 196 10.18 25.70 -1.08
N ASP B 197 10.54 24.50 -0.64
CA ASP B 197 11.31 23.56 -1.42
C ASP B 197 10.78 22.16 -1.18
N PHE B 198 10.86 21.36 -2.23
CA PHE B 198 10.66 19.91 -2.19
C PHE B 198 11.98 19.36 -2.72
N PRO B 199 12.91 18.99 -1.83
CA PRO B 199 14.22 18.53 -2.30
C PRO B 199 14.17 17.26 -3.11
N GLY B 200 13.29 16.31 -2.75
CA GLY B 200 13.16 15.10 -3.52
C GLY B 200 12.67 15.37 -4.93
N HIS B 201 11.71 16.27 -5.08
CA HIS B 201 11.20 16.69 -6.37
C HIS B 201 12.02 17.82 -6.98
N ASN B 202 13.02 18.32 -6.27
CA ASN B 202 13.86 19.41 -6.73
C ASN B 202 13.02 20.57 -7.25
N TYR B 203 12.05 20.97 -6.44
CA TYR B 203 11.14 22.05 -6.82
C TYR B 203 11.07 23.09 -5.72
N THR B 204 11.51 24.30 -6.02
CA THR B 204 11.40 25.40 -5.08
C THR B 204 10.56 26.50 -5.71
N THR B 205 9.72 27.12 -4.89
CA THR B 205 8.94 28.26 -5.33
C THR B 205 8.71 29.19 -4.14
N ARG B 206 7.85 30.18 -4.34
CA ARG B 206 7.63 31.22 -3.36
C ARG B 206 6.24 31.79 -3.53
N ASN B 207 5.78 32.47 -2.49
CA ASN B 207 4.41 32.95 -2.42
C ASN B 207 4.18 34.23 -3.20
N ILE B 208 5.24 34.95 -3.57
CA ILE B 208 5.15 36.18 -4.34
C ILE B 208 5.75 35.91 -5.70
N LEU B 209 4.95 36.06 -6.73
CA LEU B 209 5.37 35.82 -8.10
C LEU B 209 5.43 37.12 -8.87
N PRO B 210 6.26 37.21 -9.90
CA PRO B 210 6.27 38.41 -10.75
C PRO B 210 4.88 38.71 -11.27
N GLY B 211 4.54 40.00 -11.32
CA GLY B 211 3.23 40.44 -11.73
C GLY B 211 2.21 40.54 -10.63
N LEU B 212 2.58 40.15 -9.41
CA LEU B 212 1.67 40.28 -8.28
C LEU B 212 1.60 41.73 -7.83
N ASN B 213 0.39 42.17 -7.45
CA ASN B 213 0.18 43.54 -7.03
C ASN B 213 0.65 43.72 -5.59
N ILE B 214 1.55 44.67 -5.36
CA ILE B 214 2.06 44.92 -4.02
C ILE B 214 1.26 45.99 -3.29
N THR B 215 0.36 46.69 -3.98
CA THR B 215 -0.46 47.74 -3.38
C THR B 215 -1.72 47.17 -2.74
N CYS B 216 -1.79 45.86 -2.59
CA CYS B 216 -2.97 45.17 -2.10
C CYS B 216 -2.83 44.83 -0.62
N THR B 217 -3.96 44.44 -0.03
CA THR B 217 -4.01 43.83 1.29
C THR B 217 -4.92 42.62 1.23
N PHE B 218 -4.57 41.60 2.00
CA PHE B 218 -5.23 40.30 1.88
C PHE B 218 -6.73 40.39 2.13
N HIS B 219 -7.48 39.73 1.25
CA HIS B 219 -8.90 39.49 1.46
C HIS B 219 -9.16 38.09 0.92
N LYS B 220 -9.89 37.28 1.70
CA LYS B 220 -10.01 35.87 1.37
C LYS B 220 -10.70 35.64 0.04
N THR B 221 -11.46 36.62 -0.44
CA THR B 221 -12.11 36.55 -1.74
C THR B 221 -11.53 37.50 -2.76
N GLN B 222 -11.43 38.79 -2.43
CA GLN B 222 -10.95 39.78 -3.39
C GLN B 222 -9.46 39.60 -3.68
N ASN B 223 -8.68 39.34 -2.64
CA ASN B 223 -7.22 39.42 -2.70
C ASN B 223 -6.62 38.20 -2.03
N PRO B 224 -7.06 37.00 -2.40
CA PRO B 224 -6.69 35.82 -1.62
C PRO B 224 -5.21 35.46 -1.71
N GLN B 225 -4.45 36.08 -2.62
CA GLN B 225 -3.04 35.80 -2.77
C GLN B 225 -2.15 36.96 -2.38
N CYS B 226 -2.72 38.00 -1.78
CA CYS B 226 -1.90 39.10 -1.27
C CYS B 226 -1.21 38.67 0.01
N PRO B 227 0.11 38.75 0.11
CA PRO B 227 0.79 38.38 1.36
C PRO B 227 0.94 39.51 2.36
N ILE B 228 0.22 40.62 2.18
CA ILE B 228 0.24 41.73 3.11
C ILE B 228 -1.03 41.65 3.94
N PHE B 229 -0.85 41.47 5.24
CA PHE B 229 -1.94 41.22 6.16
C PHE B 229 -2.02 42.34 7.18
N ARG B 230 -3.20 42.94 7.30
CA ARG B 230 -3.48 43.85 8.38
C ARG B 230 -3.92 43.03 9.60
N LEU B 231 -3.30 43.31 10.75
CA LEU B 231 -3.49 42.45 11.91
C LEU B 231 -4.95 42.43 12.34
N GLY B 232 -5.62 43.57 12.29
CA GLY B 232 -7.05 43.61 12.57
C GLY B 232 -7.85 42.72 11.66
N ASP B 233 -7.49 42.67 10.37
CA ASP B 233 -8.14 41.76 9.44
C ASP B 233 -7.99 40.32 9.88
N ILE B 234 -6.79 39.95 10.35
CA ILE B 234 -6.55 38.59 10.83
C ILE B 234 -7.47 38.27 11.99
N PHE B 235 -7.50 39.15 12.98
CA PHE B 235 -8.33 38.91 14.16
C PHE B 235 -9.79 38.77 13.78
N ARG B 236 -10.25 39.59 12.85
CA ARG B 236 -11.62 39.50 12.40
C ARG B 236 -11.87 38.19 11.66
N GLU B 237 -10.91 37.76 10.85
CA GLU B 237 -11.05 36.48 10.18
C GLU B 237 -11.28 35.42 11.22
N THR B 238 -10.59 35.52 12.36
CA THR B 238 -10.70 34.50 13.40
C THR B 238 -11.88 34.74 14.34
N GLY B 239 -12.45 35.94 14.35
CA GLY B 239 -13.56 36.24 15.22
C GLY B 239 -13.17 36.76 16.58
N ASP B 240 -12.17 37.63 16.67
CA ASP B 240 -11.68 38.15 17.93
C ASP B 240 -11.55 39.68 17.85
N ASN B 241 -11.52 40.30 19.03
CA ASN B 241 -11.39 41.76 19.14
C ASN B 241 -9.91 42.07 19.31
N PHE B 242 -9.25 42.77 18.37
CA PHE B 242 -7.87 43.16 18.57
C PHE B 242 -7.73 44.07 19.79
N SER B 243 -8.74 44.89 20.05
CA SER B 243 -8.65 45.83 21.17
C SER B 243 -8.66 45.12 22.51
N ASP B 244 -9.26 43.93 22.57
CA ASP B 244 -9.31 43.17 23.81
C ASP B 244 -8.08 42.30 23.98
N VAL B 245 -7.73 41.55 22.93
CA VAL B 245 -6.55 40.72 22.96
C VAL B 245 -5.28 41.54 23.09
N ALA B 246 -5.32 42.81 22.69
CA ALA B 246 -4.17 43.69 22.86
C ALA B 246 -3.86 43.97 24.32
N ILE B 247 -4.89 44.00 25.16
CA ILE B 247 -4.73 44.45 26.54
C ILE B 247 -3.81 43.50 27.31
N GLN B 248 -4.08 42.20 27.23
CA GLN B 248 -3.25 41.20 27.88
C GLN B 248 -2.40 40.40 26.92
N GLY B 249 -2.70 40.43 25.64
CA GLY B 249 -1.91 39.75 24.64
C GLY B 249 -2.51 38.46 24.19
N GLY B 250 -1.80 37.82 23.27
CA GLY B 250 -2.28 36.58 22.71
C GLY B 250 -1.29 35.98 21.76
N ILE B 251 -1.71 34.89 21.13
CA ILE B 251 -0.95 34.23 20.07
C ILE B 251 -1.91 33.97 18.92
N MET B 252 -1.50 34.41 17.74
CA MET B 252 -2.26 34.19 16.51
C MET B 252 -1.39 33.41 15.54
N GLY B 253 -1.99 32.47 14.84
CA GLY B 253 -1.28 31.65 13.88
C GLY B 253 -1.76 31.95 12.48
N ILE B 254 -0.80 32.22 11.61
CA ILE B 254 -1.04 32.45 10.19
C ILE B 254 -0.62 31.19 9.47
N GLU B 255 -1.59 30.38 9.07
CA GLU B 255 -1.34 29.11 8.42
C GLU B 255 -1.22 29.33 6.92
N ILE B 256 -0.15 28.80 6.34
CA ILE B 256 0.08 28.82 4.91
C ILE B 256 0.10 27.37 4.46
N TYR B 257 -0.96 26.95 3.77
CA TYR B 257 -1.10 25.58 3.30
C TYR B 257 -0.66 25.51 1.84
N TRP B 258 0.19 24.54 1.54
CA TRP B 258 0.69 24.31 0.19
C TRP B 258 0.22 22.95 -0.28
N ASP B 259 -0.84 22.93 -1.10
CA ASP B 259 -1.25 21.74 -1.82
C ASP B 259 -0.71 21.89 -3.24
N CYS B 260 0.41 21.25 -3.51
CA CYS B 260 1.16 21.49 -4.74
C CYS B 260 1.23 20.22 -5.57
N ASN B 261 0.87 20.34 -6.84
CA ASN B 261 1.04 19.28 -7.82
C ASN B 261 2.15 19.71 -8.76
N LEU B 262 3.21 18.91 -8.84
CA LEU B 262 4.41 19.28 -9.57
C LEU B 262 4.46 18.66 -10.95
N ASP B 263 3.37 18.06 -11.40
CA ASP B 263 3.29 17.57 -12.76
C ASP B 263 3.08 18.73 -13.70
N ARG B 264 3.91 18.81 -14.74
CA ARG B 264 3.97 20.00 -15.57
C ARG B 264 2.69 20.23 -16.37
N TRP B 265 1.92 19.17 -16.60
CA TRP B 265 0.65 19.29 -17.28
C TRP B 265 -0.38 19.77 -16.29
N PHE B 266 -0.34 19.21 -15.08
CA PHE B 266 -1.32 19.54 -14.06
C PHE B 266 -0.63 20.26 -12.93
N HIS B 267 0.28 21.16 -13.26
CA HIS B 267 1.07 21.83 -12.24
C HIS B 267 0.30 22.93 -11.52
N HIS B 268 0.38 22.94 -10.20
CA HIS B 268 -0.27 24.01 -9.44
C HIS B 268 0.36 24.04 -8.05
N CYS B 269 1.01 25.15 -7.71
CA CYS B 269 1.64 25.28 -6.40
C CYS B 269 1.47 26.74 -5.96
N ARG B 270 0.37 27.00 -5.26
CA ARG B 270 0.06 28.30 -4.70
C ARG B 270 -0.33 28.12 -3.24
N PRO B 271 -0.12 29.14 -2.41
CA PRO B 271 -0.48 29.03 -1.00
C PRO B 271 -1.92 29.42 -0.71
N LYS B 272 -2.44 28.80 0.35
CA LYS B 272 -3.76 29.10 0.88
C LYS B 272 -3.57 29.62 2.30
N TYR B 273 -4.02 30.84 2.54
CA TYR B 273 -3.81 31.51 3.81
C TYR B 273 -5.04 31.35 4.69
N SER B 274 -4.81 30.95 5.94
CA SER B 274 -5.86 30.83 6.93
C SER B 274 -5.32 31.32 8.26
N PHE B 275 -6.21 31.53 9.22
CA PHE B 275 -5.84 32.11 10.50
C PHE B 275 -6.50 31.34 11.63
N ARG B 276 -5.78 31.23 12.74
CA ARG B 276 -6.26 30.46 13.88
C ARG B 276 -5.67 31.02 15.15
N ARG B 277 -6.51 31.34 16.13
CA ARG B 277 -5.99 31.74 17.43
C ARG B 277 -5.36 30.55 18.13
N LEU B 278 -4.16 30.75 18.65
CA LEU B 278 -3.36 29.67 19.21
C LEU B 278 -3.25 29.71 20.73
N ASP B 279 -3.73 30.77 21.37
CA ASP B 279 -3.70 30.88 22.81
C ASP B 279 -5.09 30.54 23.35
N ASP B 280 -5.12 29.82 24.47
CA ASP B 280 -6.38 29.58 25.14
C ASP B 280 -6.99 30.89 25.62
N LYS B 281 -8.28 31.07 25.32
CA LYS B 281 -9.02 32.23 25.79
C LYS B 281 -9.41 32.04 27.25
N THR B 282 -8.40 31.78 28.06
CA THR B 282 -8.58 31.50 29.48
C THR B 282 -8.56 32.80 30.26
N THR B 283 -9.48 32.91 31.22
CA THR B 283 -9.52 34.03 32.14
C THR B 283 -8.92 33.68 33.50
N ASN B 284 -8.35 32.49 33.65
CA ASN B 284 -7.85 32.01 34.93
C ASN B 284 -6.46 32.56 35.17
N VAL B 285 -6.35 33.51 36.10
CA VAL B 285 -5.06 34.11 36.43
C VAL B 285 -4.03 33.05 36.77
N SER B 286 -4.47 31.90 37.30
CA SER B 286 -3.55 30.85 37.67
C SER B 286 -2.82 30.30 36.46
N LEU B 287 -3.40 30.42 35.27
CA LEU B 287 -2.83 29.89 34.05
C LEU B 287 -2.10 30.95 33.23
N TYR B 288 -1.98 32.15 33.76
CA TYR B 288 -1.23 33.21 33.10
C TYR B 288 -1.83 33.50 31.74
N PRO B 289 -3.01 34.08 31.71
CA PRO B 289 -3.69 34.34 30.44
C PRO B 289 -2.97 35.37 29.59
N GLY B 290 -3.10 35.21 28.28
CA GLY B 290 -2.51 36.16 27.36
C GLY B 290 -1.14 35.80 26.86
N TYR B 291 -0.30 36.81 26.71
CA TYR B 291 1.09 36.64 26.32
C TYR B 291 1.81 37.88 26.80
N ASN B 292 2.68 37.71 27.80
CA ASN B 292 3.44 38.82 28.34
C ASN B 292 4.76 38.29 28.86
N PHE B 293 5.70 39.21 29.03
CA PHE B 293 6.99 38.85 29.58
C PHE B 293 7.65 40.09 30.13
N ARG B 294 8.59 39.88 31.04
CA ARG B 294 9.28 40.97 31.70
C ARG B 294 10.65 41.15 31.04
N TYR B 295 10.90 42.37 30.55
CA TYR B 295 12.11 42.71 29.84
C TYR B 295 12.82 43.83 30.57
N ALA B 296 14.13 43.70 30.71
CA ALA B 296 14.93 44.64 31.49
C ALA B 296 15.76 45.50 30.55
N LYS B 297 15.62 46.81 30.69
CA LYS B 297 16.47 47.80 30.05
C LYS B 297 17.51 48.23 31.07
N TYR B 298 18.72 47.74 30.91
CA TYR B 298 19.79 48.05 31.85
C TYR B 298 20.48 49.34 31.46
N TYR B 299 20.90 50.09 32.47
CA TYR B 299 21.63 51.32 32.23
C TYR B 299 22.41 51.68 33.48
N LYS B 300 23.15 52.78 33.40
CA LYS B 300 23.99 53.25 34.48
C LYS B 300 23.68 54.71 34.76
N GLU B 301 23.48 55.03 36.04
CA GLU B 301 23.29 56.40 36.48
C GLU B 301 24.06 56.63 37.76
N ASN B 302 24.93 57.64 37.75
CA ASN B 302 25.71 57.99 38.93
C ASN B 302 26.58 56.82 39.36
N ASN B 303 27.10 56.08 38.37
CA ASN B 303 27.92 54.90 38.59
C ASN B 303 27.14 53.79 39.27
N VAL B 304 25.81 53.84 39.26
CA VAL B 304 24.95 52.83 39.83
C VAL B 304 24.29 52.06 38.70
N GLU B 305 24.28 50.74 38.81
CA GLU B 305 23.66 49.88 37.82
C GLU B 305 22.15 49.83 38.06
N LYS B 306 21.38 50.37 37.12
CA LYS B 306 19.95 50.53 37.25
C LYS B 306 19.24 49.79 36.13
N ARG B 307 17.94 49.59 36.33
CA ARG B 307 17.11 48.83 35.41
C ARG B 307 15.74 49.45 35.29
N THR B 308 15.26 49.55 34.06
CA THR B 308 13.87 49.85 33.75
C THR B 308 13.20 48.55 33.32
N LEU B 309 12.24 48.10 34.10
CA LEU B 309 11.55 46.86 33.81
C LEU B 309 10.23 47.14 33.09
N ILE B 310 10.07 46.55 31.91
CA ILE B 310 8.84 46.65 31.16
C ILE B 310 8.17 45.28 31.19
N LYS B 311 6.96 45.22 31.72
CA LYS B 311 6.07 44.09 31.50
C LYS B 311 5.43 44.33 30.14
N VAL B 312 5.87 43.56 29.16
CA VAL B 312 5.45 43.69 27.78
C VAL B 312 4.27 42.76 27.56
N PHE B 313 3.19 43.30 27.02
CA PHE B 313 2.07 42.52 26.51
C PHE B 313 1.97 42.75 25.02
N GLY B 314 1.77 41.66 24.28
CA GLY B 314 1.60 41.77 22.86
C GLY B 314 1.05 40.49 22.30
N ILE B 315 0.95 40.47 20.97
CA ILE B 315 0.44 39.34 20.24
C ILE B 315 1.59 38.73 19.47
N ARG B 316 1.86 37.45 19.72
CA ARG B 316 2.84 36.71 18.97
C ARG B 316 2.16 36.05 17.78
N PHE B 317 2.70 36.29 16.59
CA PHE B 317 2.15 35.74 15.37
C PHE B 317 3.03 34.60 14.91
N ASP B 318 2.46 33.42 14.79
CA ASP B 318 3.18 32.22 14.38
C ASP B 318 2.80 31.89 12.95
N ILE B 319 3.80 31.80 12.08
CA ILE B 319 3.58 31.46 10.68
C ILE B 319 3.74 29.95 10.57
N LEU B 320 2.64 29.26 10.34
CA LEU B 320 2.58 27.82 10.36
C LEU B 320 2.45 27.34 8.91
N VAL B 321 3.56 26.89 8.34
CA VAL B 321 3.64 26.52 6.94
C VAL B 321 3.69 25.00 6.85
N PHE B 322 2.72 24.43 6.15
CA PHE B 322 2.60 22.99 6.02
C PHE B 322 2.06 22.68 4.63
N GLY B 323 2.26 21.46 4.21
CA GLY B 323 1.73 21.00 2.94
C GLY B 323 2.61 19.94 2.34
N THR B 324 2.15 19.44 1.19
CA THR B 324 2.82 18.38 0.47
C THR B 324 2.93 18.75 -1.00
N GLY B 325 3.99 18.28 -1.63
CA GLY B 325 4.14 18.39 -3.06
C GLY B 325 4.22 17.01 -3.66
N GLY B 326 3.36 16.74 -4.63
CA GLY B 326 3.25 15.43 -5.24
C GLY B 326 3.72 15.43 -6.67
N LYS B 327 4.40 14.37 -7.07
CA LYS B 327 4.77 14.18 -8.46
C LYS B 327 4.59 12.71 -8.81
N PHE B 328 4.16 12.46 -10.03
CA PHE B 328 3.83 11.11 -10.46
C PHE B 328 5.03 10.18 -10.24
N ASP B 329 4.76 9.04 -9.61
CA ASP B 329 5.75 8.00 -9.38
C ASP B 329 5.22 6.68 -9.94
N ILE B 330 6.02 6.02 -10.77
CA ILE B 330 5.60 4.76 -11.36
C ILE B 330 5.36 3.70 -10.29
N ILE B 331 6.25 3.64 -9.29
CA ILE B 331 6.20 2.58 -8.29
C ILE B 331 4.93 2.68 -7.45
N GLN B 332 4.54 3.90 -7.08
CA GLN B 332 3.32 4.08 -6.30
C GLN B 332 2.10 3.62 -7.09
N LEU B 333 2.05 3.95 -8.38
CA LEU B 333 0.95 3.51 -9.22
C LEU B 333 0.92 1.99 -9.33
N VAL B 334 2.08 1.38 -9.52
CA VAL B 334 2.15 -0.08 -9.59
C VAL B 334 1.62 -0.69 -8.31
N VAL B 335 2.03 -0.17 -7.17
CA VAL B 335 1.59 -0.70 -5.88
C VAL B 335 0.09 -0.56 -5.73
N TYR B 336 -0.45 0.61 -6.09
CA TYR B 336 -1.90 0.81 -5.94
C TYR B 336 -2.68 -0.13 -6.85
N ILE B 337 -2.25 -0.28 -8.10
CA ILE B 337 -2.93 -1.17 -9.02
C ILE B 337 -2.86 -2.61 -8.50
N GLY B 338 -1.69 -3.01 -8.01
CA GLY B 338 -1.56 -4.35 -7.47
C GLY B 338 -2.48 -4.59 -6.29
N SER B 339 -2.62 -3.59 -5.43
CA SER B 339 -3.53 -3.72 -4.31
C SER B 339 -4.98 -3.86 -4.79
N THR B 340 -5.36 -3.10 -5.81
CA THR B 340 -6.74 -3.07 -6.26
C THR B 340 -7.09 -4.19 -7.24
N LEU B 341 -6.09 -4.96 -7.71
CA LEU B 341 -6.36 -5.98 -8.70
C LEU B 341 -7.27 -7.08 -8.16
N SER B 342 -7.07 -7.47 -6.90
CA SER B 342 -7.80 -8.61 -6.36
C SER B 342 -9.27 -8.34 -6.16
N TYR B 343 -9.72 -7.09 -6.31
CA TYR B 343 -11.12 -6.76 -6.17
C TYR B 343 -11.95 -7.13 -7.38
N PHE B 344 -11.30 -7.52 -8.48
CA PHE B 344 -12.00 -7.91 -9.70
C PHE B 344 -12.38 -9.38 -9.71
N GLY B 345 -11.91 -10.16 -8.76
CA GLY B 345 -12.36 -11.51 -8.56
C GLY B 345 -13.57 -11.65 -7.68
N LEU B 346 -14.07 -10.54 -7.14
CA LEU B 346 -15.22 -10.61 -6.25
C LEU B 346 -16.50 -10.93 -7.00
N ALA B 347 -16.58 -10.52 -8.27
CA ALA B 347 -17.73 -10.93 -9.09
C ALA B 347 -17.79 -12.44 -9.22
N ALA B 348 -16.64 -13.06 -9.54
CA ALA B 348 -16.56 -14.50 -9.61
C ALA B 348 -16.90 -15.13 -8.28
N VAL B 349 -16.35 -14.59 -7.19
CA VAL B 349 -16.60 -15.16 -5.87
C VAL B 349 -18.09 -15.13 -5.55
N PHE B 350 -18.73 -14.00 -5.81
CA PHE B 350 -20.15 -13.83 -5.48
C PHE B 350 -21.03 -14.72 -6.34
N ILE B 351 -20.74 -14.80 -7.64
CA ILE B 351 -21.57 -15.62 -8.51
C ILE B 351 -21.38 -17.10 -8.21
N ASP B 352 -20.14 -17.51 -7.90
CA ASP B 352 -19.91 -18.89 -7.51
C ASP B 352 -20.61 -19.22 -6.20
N PHE B 353 -20.69 -18.23 -5.31
CA PHE B 353 -21.42 -18.44 -4.06
C PHE B 353 -22.89 -18.65 -4.37
N LEU B 354 -23.42 -17.88 -5.30
CA LEU B 354 -24.81 -18.02 -5.67
C LEU B 354 -25.06 -19.39 -6.27
N ILE B 355 -24.17 -19.83 -7.16
CA ILE B 355 -24.32 -21.12 -7.80
C ILE B 355 -24.25 -22.25 -6.77
N ASP B 356 -23.38 -22.11 -5.77
CA ASP B 356 -23.27 -23.13 -4.74
C ASP B 356 -24.51 -23.15 -3.84
N THR B 357 -25.01 -21.97 -3.47
CA THR B 357 -26.15 -21.91 -2.55
C THR B 357 -27.43 -22.42 -3.23
N TYR B 358 -27.72 -21.93 -4.42
CA TYR B 358 -28.94 -22.30 -5.14
C TYR B 358 -28.88 -23.71 -5.72
N SER B 359 -27.82 -24.47 -5.44
CA SER B 359 -27.71 -25.83 -5.92
C SER B 359 -28.20 -26.81 -4.85
N SER B 360 -28.40 -26.29 -3.64
CA SER B 360 -28.79 -27.10 -2.52
C SER B 360 -30.27 -27.47 -2.65
N ASN B 361 -30.63 -28.67 -2.21
CA ASN B 361 -32.01 -29.13 -2.28
C ASN B 361 -32.87 -28.41 -1.25
N CYS B 362 -32.22 -27.78 -0.29
CA CYS B 362 -32.90 -27.01 0.72
C CYS B 362 -33.64 -25.81 0.14
N CYS B 363 -33.08 -25.32 -0.96
CA CYS B 363 -33.60 -24.15 -1.61
C CYS B 363 -34.80 -24.41 -2.51
N ARG B 364 -35.25 -25.65 -2.50
CA ARG B 364 -36.43 -26.03 -3.28
C ARG B 364 -37.42 -26.83 -2.45
N SER B 365 -36.91 -27.56 -1.47
CA SER B 365 -37.80 -28.24 -0.53
C SER B 365 -38.57 -27.24 0.31
N HIS B 366 -37.91 -26.17 0.76
CA HIS B 366 -38.52 -25.19 1.64
C HIS B 366 -38.64 -23.81 1.00
N ILE B 367 -37.55 -23.26 0.48
CA ILE B 367 -37.53 -21.84 0.12
C ILE B 367 -38.52 -21.54 -0.99
N TYR B 368 -38.45 -22.28 -2.09
CA TYR B 368 -39.28 -21.95 -3.24
C TYR B 368 -40.77 -22.02 -2.95
N PRO B 369 -41.29 -23.03 -2.25
CA PRO B 369 -42.73 -23.00 -1.92
C PRO B 369 -43.17 -21.74 -1.21
N TRP B 370 -42.38 -21.21 -0.28
CA TRP B 370 -42.70 -19.95 0.37
C TRP B 370 -42.52 -18.81 -0.61
N CYS B 371 -41.27 -18.55 -0.99
CA CYS B 371 -40.95 -17.52 -1.94
C CYS B 371 -40.81 -18.06 -3.36
N LYS B 372 -41.93 -17.99 -4.08
CA LYS B 372 -42.01 -18.52 -5.43
C LYS B 372 -41.22 -17.66 -6.41
N CYS B 373 -40.79 -16.48 -5.95
CA CYS B 373 -40.01 -15.58 -6.76
C CYS B 373 -38.67 -16.15 -7.20
N CYS B 374 -38.09 -16.92 -6.27
CA CYS B 374 -36.77 -17.47 -6.45
C CYS B 374 -36.72 -18.83 -7.13
N GLN B 375 -37.86 -19.25 -7.64
CA GLN B 375 -37.98 -20.56 -8.29
C GLN B 375 -37.11 -20.66 -9.55
N PRO B 376 -37.06 -19.60 -10.37
CA PRO B 376 -36.27 -19.68 -11.60
C PRO B 376 -34.77 -19.86 -11.38
N CYS B 377 -34.33 -19.77 -10.13
CA CYS B 377 -32.95 -19.95 -9.78
C CYS B 377 -32.54 -21.38 -9.55
N VAL B 378 -33.36 -22.28 -10.06
CA VAL B 378 -33.11 -23.72 -9.98
C VAL B 378 -32.07 -24.13 -11.00
N VAL B 379 -31.89 -23.30 -12.04
CA VAL B 379 -30.91 -23.60 -13.08
C VAL B 379 -29.52 -23.72 -12.50
N ASN B 380 -29.29 -23.14 -11.33
CA ASN B 380 -27.97 -23.23 -10.70
C ASN B 380 -27.62 -24.66 -10.32
N GLU B 381 -28.59 -25.56 -10.27
CA GLU B 381 -28.28 -26.98 -10.13
C GLU B 381 -27.52 -27.47 -11.35
N TYR B 382 -27.96 -27.06 -12.54
CA TYR B 382 -27.25 -27.39 -13.77
C TYR B 382 -25.85 -26.79 -13.78
N TYR B 383 -25.74 -25.54 -13.35
CA TYR B 383 -24.44 -24.88 -13.33
C TYR B 383 -23.49 -25.57 -12.37
N TYR B 384 -24.00 -25.98 -11.20
CA TYR B 384 -23.18 -26.71 -10.25
C TYR B 384 -22.73 -28.04 -10.82
N ARG B 385 -23.65 -28.82 -11.38
CA ARG B 385 -23.27 -30.14 -11.88
C ARG B 385 -22.26 -30.02 -13.01
N LYS B 386 -22.38 -28.99 -13.84
CA LYS B 386 -21.41 -28.75 -14.89
C LYS B 386 -20.16 -28.03 -14.40
N LYS B 387 -20.12 -27.60 -13.14
CA LYS B 387 -18.98 -26.89 -12.58
C LYS B 387 -18.14 -27.74 -11.64
N CYS B 388 -18.75 -28.32 -10.62
CA CYS B 388 -18.02 -29.00 -9.56
C CYS B 388 -18.09 -30.51 -9.73
N GLU B 389 -16.97 -31.18 -9.46
CA GLU B 389 -16.89 -32.63 -9.41
C GLU B 389 -16.34 -33.01 -8.05
N SER B 390 -17.00 -33.96 -7.39
CA SER B 390 -16.67 -34.35 -6.03
C SER B 390 -16.01 -35.73 -6.01
N ILE B 391 -14.92 -35.83 -5.26
CA ILE B 391 -14.15 -37.06 -5.15
C ILE B 391 -13.74 -37.25 -3.70
N VAL B 392 -13.78 -38.50 -3.25
CA VAL B 392 -13.47 -38.83 -1.87
C VAL B 392 -12.05 -39.37 -1.78
N GLU B 393 -11.48 -39.29 -0.59
CA GLU B 393 -10.16 -39.83 -0.35
C GLU B 393 -10.19 -41.34 -0.53
N PRO B 394 -9.38 -41.92 -1.42
CA PRO B 394 -9.38 -43.38 -1.61
C PRO B 394 -8.65 -44.12 -0.51
N LYS B 395 -9.24 -44.07 0.69
CA LYS B 395 -8.67 -44.75 1.84
C LYS B 395 -8.88 -46.26 1.72
N PRO B 396 -8.10 -47.06 2.45
CA PRO B 396 -8.28 -48.51 2.36
C PRO B 396 -9.56 -49.01 2.99
N THR B 397 -10.22 -48.20 3.81
CA THR B 397 -11.51 -48.55 4.37
C THR B 397 -12.68 -48.13 3.49
N LEU B 398 -12.42 -47.41 2.40
CA LEU B 398 -13.48 -46.94 1.53
C LEU B 398 -14.09 -48.10 0.77
N LYS B 399 -15.42 -48.17 0.76
CA LYS B 399 -16.16 -49.25 0.14
C LYS B 399 -17.49 -48.73 -0.35
N TYR B 400 -18.02 -49.38 -1.38
CA TYR B 400 -19.29 -49.03 -1.99
C TYR B 400 -20.10 -50.30 -2.15
N VAL B 401 -21.38 -50.23 -1.81
CA VAL B 401 -22.28 -51.37 -1.92
C VAL B 401 -23.54 -50.93 -2.65
N SER B 402 -24.03 -51.79 -3.53
CA SER B 402 -25.24 -51.56 -4.29
C SER B 402 -26.20 -52.71 -4.03
N PHE B 403 -27.46 -52.38 -3.76
CA PHE B 403 -28.50 -53.36 -3.56
C PHE B 403 -29.54 -53.19 -4.66
N VAL B 404 -29.87 -54.30 -5.32
CA VAL B 404 -30.73 -54.24 -6.50
C VAL B 404 -32.07 -53.61 -6.15
N ASP B 405 -32.63 -53.99 -5.00
CA ASP B 405 -33.89 -53.40 -4.57
C ASP B 405 -33.74 -51.90 -4.33
N GLU B 406 -32.65 -51.48 -3.70
CA GLU B 406 -32.44 -50.08 -3.43
C GLU B 406 -32.26 -49.29 -4.72
N SER B 407 -32.54 -48.00 -4.64
CA SER B 407 -32.44 -47.09 -5.77
C SER B 407 -31.20 -46.19 -5.68
N HIS B 408 -30.14 -46.68 -5.05
CA HIS B 408 -28.95 -45.86 -4.84
C HIS B 408 -27.79 -46.77 -4.43
N ILE B 409 -26.69 -46.12 -4.03
CA ILE B 409 -25.52 -46.84 -3.58
C ILE B 409 -25.15 -46.32 -2.20
N ARG B 410 -24.42 -47.11 -1.43
CA ARG B 410 -23.99 -46.76 -0.08
C ARG B 410 -22.48 -46.76 -0.01
N MET B 411 -21.92 -45.64 0.44
CA MET B 411 -20.48 -45.51 0.65
C MET B 411 -20.21 -45.85 2.12
N VAL B 412 -19.66 -47.04 2.34
CA VAL B 412 -19.36 -47.51 3.70
C VAL B 412 -17.89 -47.17 3.95
N ASN B 413 -17.66 -45.94 4.38
CA ASN B 413 -16.30 -45.48 4.68
C ASN B 413 -15.96 -45.67 6.17
N GLN B 414 -16.15 -46.90 6.65
CA GLN B 414 -15.83 -47.24 8.02
C GLN B 414 -15.33 -48.67 8.06
N GLN B 415 -14.53 -48.98 9.09
CA GLN B 415 -13.96 -50.30 9.21
C GLN B 415 -15.04 -51.31 9.55
N LEU B 416 -15.16 -52.36 8.74
CA LEU B 416 -16.03 -53.49 9.05
C LEU B 416 -15.27 -54.38 10.02
N LEU B 417 -15.66 -54.36 11.29
CA LEU B 417 -14.99 -55.10 12.34
C LEU B 417 -16.00 -56.06 12.97
N GLY B 418 -15.97 -57.30 12.51
CA GLY B 418 -16.92 -58.29 13.01
C GLY B 418 -18.36 -57.92 12.76
N ARG B 419 -18.64 -57.22 11.67
CA ARG B 419 -20.01 -56.79 11.35
C ARG B 419 -20.19 -56.90 9.85
N SER B 420 -21.09 -57.79 9.42
CA SER B 420 -21.30 -58.00 8.01
C SER B 420 -21.64 -56.69 7.31
N LEU B 421 -21.01 -56.48 6.15
CA LEU B 421 -21.27 -55.28 5.36
C LEU B 421 -22.74 -55.13 5.01
N GLN B 422 -23.49 -56.23 4.98
CA GLN B 422 -24.92 -56.14 4.75
C GLN B 422 -25.60 -55.30 5.82
N ASP B 423 -25.23 -55.50 7.08
CA ASP B 423 -25.83 -54.77 8.19
C ASP B 423 -25.13 -53.46 8.50
N VAL B 424 -23.97 -53.21 7.90
CA VAL B 424 -23.19 -52.00 8.16
C VAL B 424 -23.59 -50.99 7.09
N LYS B 425 -24.59 -50.17 7.41
CA LYS B 425 -25.02 -49.11 6.51
C LYS B 425 -24.11 -47.89 6.66
N GLY B 426 -23.88 -47.20 5.54
CA GLY B 426 -23.02 -46.03 5.53
C GLY B 426 -23.68 -44.85 4.85
N GLN B 427 -22.88 -43.94 4.31
CA GLN B 427 -23.45 -42.72 3.75
C GLN B 427 -24.16 -43.01 2.43
N GLU B 428 -25.07 -42.12 2.08
CA GLU B 428 -25.98 -42.28 0.95
C GLU B 428 -25.37 -41.62 -0.28
N VAL B 429 -25.14 -42.38 -1.34
CA VAL B 429 -24.59 -41.84 -2.59
C VAL B 429 -25.54 -42.24 -3.72
N PRO B 430 -25.75 -41.38 -4.71
CA PRO B 430 -26.65 -41.75 -5.81
C PRO B 430 -25.93 -42.49 -6.93
N ARG B 431 -26.73 -43.13 -7.77
CA ARG B 431 -26.20 -43.86 -8.93
C ARG B 431 -26.06 -42.92 -10.12
N SER B 473 -28.87 -68.95 2.37
CA SER B 473 -28.86 -69.78 3.56
C SER B 473 -28.35 -69.01 4.78
N PRO B 474 -27.21 -68.32 4.65
CA PRO B 474 -26.72 -67.50 5.77
C PRO B 474 -27.76 -66.52 6.29
N VAL B 475 -27.60 -66.10 7.53
CA VAL B 475 -28.58 -65.22 8.17
C VAL B 475 -28.63 -63.87 7.48
N TRP B 476 -27.49 -63.40 6.98
CA TRP B 476 -27.41 -62.10 6.32
C TRP B 476 -27.83 -62.14 4.86
N CYS B 477 -28.19 -63.31 4.33
CA CYS B 477 -28.54 -63.44 2.92
C CYS B 477 -30.04 -63.28 2.74
N GLN B 478 -30.43 -62.46 1.77
CA GLN B 478 -31.83 -62.24 1.44
C GLN B 478 -32.17 -62.65 0.00
N CYS B 479 -31.30 -63.44 -0.65
CA CYS B 479 -31.63 -63.96 -1.97
C CYS B 479 -31.60 -65.47 -2.02
N GLY B 480 -31.03 -66.13 -1.02
CA GLY B 480 -30.96 -67.58 -1.04
C GLY B 480 -29.95 -68.13 -2.00
N SER B 481 -28.97 -67.33 -2.41
CA SER B 481 -27.95 -67.78 -3.35
C SER B 481 -26.54 -67.37 -2.93
N CYS B 482 -26.35 -67.01 -1.67
CA CYS B 482 -25.04 -66.65 -1.14
C CYS B 482 -24.42 -67.82 -0.40
N LEU B 483 -23.11 -67.73 -0.19
CA LEU B 483 -22.34 -68.74 0.53
C LEU B 483 -21.56 -68.05 1.64
N PRO B 484 -21.18 -68.77 2.70
CA PRO B 484 -20.39 -68.13 3.76
C PRO B 484 -19.01 -67.72 3.25
N SER B 485 -18.47 -66.66 3.84
CA SER B 485 -17.19 -66.14 3.36
C SER B 485 -16.05 -67.09 3.72
N GLN B 486 -15.30 -67.48 2.70
CA GLN B 486 -14.11 -68.32 2.87
C GLN B 486 -12.87 -67.43 2.83
N LEU B 487 -12.70 -66.64 3.89
CA LEU B 487 -11.55 -65.77 4.02
C LEU B 487 -11.27 -65.57 5.50
N PRO B 488 -10.15 -64.92 5.85
CA PRO B 488 -9.89 -64.63 7.26
C PRO B 488 -11.06 -63.97 7.96
N GLU B 489 -11.44 -64.48 9.14
CA GLU B 489 -12.62 -63.98 9.83
C GLU B 489 -12.48 -62.52 10.20
N SER B 490 -11.27 -61.97 10.21
CA SER B 490 -11.09 -60.54 10.44
C SER B 490 -11.75 -59.73 9.33
N HIS B 491 -11.65 -60.20 8.08
CA HIS B 491 -12.21 -59.48 6.94
C HIS B 491 -13.33 -60.23 6.25
N ARG B 492 -13.80 -61.36 6.80
CA ARG B 492 -14.93 -62.05 6.20
C ARG B 492 -16.14 -61.14 6.04
N CYS B 493 -16.36 -60.28 7.03
CA CYS B 493 -17.57 -59.45 7.04
C CYS B 493 -17.72 -58.66 5.75
N LEU B 494 -16.61 -58.16 5.20
CA LEU B 494 -16.66 -57.49 3.91
C LEU B 494 -17.33 -58.36 2.87
N GLU B 495 -16.92 -59.62 2.77
CA GLU B 495 -17.44 -60.50 1.74
C GLU B 495 -18.77 -61.10 2.15
N GLU B 496 -19.24 -60.80 3.36
CA GLU B 496 -20.57 -61.18 3.82
C GLU B 496 -21.53 -60.07 3.43
N LEU B 497 -21.81 -60.01 2.12
CA LEU B 497 -22.73 -59.02 1.57
C LEU B 497 -23.67 -59.71 0.58
N CYS B 498 -24.89 -59.21 0.53
CA CYS B 498 -25.93 -59.76 -0.31
C CYS B 498 -26.25 -58.78 -1.43
N CYS B 499 -26.88 -59.30 -2.49
CA CYS B 499 -27.25 -58.42 -3.60
C CYS B 499 -28.42 -57.51 -3.25
N ARG B 500 -29.03 -57.68 -2.08
CA ARG B 500 -30.23 -56.96 -1.75
C ARG B 500 -30.43 -56.90 -0.25
N LYS B 501 -31.26 -55.94 0.18
CA LYS B 501 -31.48 -55.66 1.58
C LYS B 501 -32.69 -56.39 2.16
N LYS B 502 -33.65 -56.76 1.33
CA LYS B 502 -34.89 -57.39 1.78
C LYS B 502 -35.14 -58.65 0.95
N PRO B 503 -35.90 -59.61 1.50
CA PRO B 503 -36.04 -60.90 0.83
C PRO B 503 -36.63 -60.79 -0.56
N GLY B 504 -36.19 -61.69 -1.44
CA GLY B 504 -36.76 -61.81 -2.76
C GLY B 504 -35.83 -62.58 -3.67
N ALA B 505 -35.94 -62.30 -4.96
CA ALA B 505 -35.11 -62.97 -5.95
C ALA B 505 -33.67 -62.46 -5.89
N CYS B 506 -32.78 -63.16 -6.58
CA CYS B 506 -31.38 -62.78 -6.63
C CYS B 506 -31.09 -62.09 -7.95
N ILE B 507 -30.03 -61.29 -7.98
CA ILE B 507 -29.66 -60.54 -9.19
C ILE B 507 -28.76 -61.36 -10.07
N THR B 508 -28.23 -62.51 -9.58
CA THR B 508 -27.53 -63.45 -10.43
C THR B 508 -28.47 -64.14 -11.41
N THR B 509 -29.78 -64.08 -11.15
CA THR B 509 -30.75 -64.64 -12.07
C THR B 509 -31.06 -63.69 -13.22
N SER B 510 -30.72 -62.41 -13.05
CA SER B 510 -31.03 -61.43 -14.08
C SER B 510 -30.35 -61.79 -15.38
N GLU B 511 -31.08 -61.63 -16.49
CA GLU B 511 -30.55 -62.04 -17.79
C GLU B 511 -29.38 -61.17 -18.20
N LEU B 512 -29.36 -59.91 -17.75
CA LEU B 512 -28.21 -59.07 -18.04
C LEU B 512 -26.96 -59.60 -17.37
N PHE B 513 -27.08 -60.06 -16.13
CA PHE B 513 -25.91 -60.52 -15.39
C PHE B 513 -25.20 -61.61 -16.16
N ARG B 514 -25.98 -62.55 -16.68
CA ARG B 514 -25.41 -63.68 -17.41
C ARG B 514 -24.68 -63.22 -18.65
N LYS B 515 -25.15 -62.13 -19.25
CA LYS B 515 -24.57 -61.65 -20.50
C LYS B 515 -23.59 -60.51 -20.30
N LEU B 516 -23.64 -59.87 -19.14
CA LEU B 516 -22.76 -58.74 -18.86
C LEU B 516 -21.72 -59.11 -17.82
N VAL B 517 -21.72 -60.38 -17.41
CA VAL B 517 -20.77 -60.84 -16.41
C VAL B 517 -20.29 -62.26 -16.66
N LEU B 518 -21.16 -63.12 -17.22
CA LEU B 518 -20.79 -64.51 -17.39
C LEU B 518 -20.62 -64.93 -18.83
N SER B 519 -21.04 -64.12 -19.79
CA SER B 519 -20.84 -64.44 -21.19
C SER B 519 -19.35 -64.51 -21.52
N ARG B 520 -18.95 -65.77 -21.83
CA ARG B 520 -17.54 -65.93 -22.15
C ARG B 520 -17.14 -65.16 -23.40
N HIS B 521 -18.00 -65.13 -24.42
CA HIS B 521 -17.65 -64.42 -25.64
C HIS B 521 -17.41 -62.95 -25.36
N VAL B 522 -18.29 -62.33 -24.58
CA VAL B 522 -18.13 -60.91 -24.25
C VAL B 522 -16.83 -60.68 -23.51
N LEU B 523 -16.54 -61.50 -22.52
CA LEU B 523 -15.35 -61.29 -21.70
C LEU B 523 -14.08 -61.46 -22.52
N GLN B 524 -14.03 -62.52 -23.34
CA GLN B 524 -12.86 -62.72 -24.19
C GLN B 524 -12.71 -61.59 -25.19
N PHE B 525 -13.82 -61.04 -25.69
CA PHE B 525 -13.73 -59.90 -26.60
C PHE B 525 -13.19 -58.67 -25.88
N LEU B 526 -13.61 -58.47 -24.63
CA LEU B 526 -13.07 -57.37 -23.84
C LEU B 526 -11.58 -57.53 -23.62
N LEU B 527 -11.14 -58.76 -23.34
CA LEU B 527 -9.72 -59.03 -23.17
C LEU B 527 -8.95 -58.75 -24.46
N LEU B 528 -9.49 -59.22 -25.59
CA LEU B 528 -8.82 -59.04 -26.87
C LEU B 528 -8.74 -57.58 -27.27
N TYR B 529 -9.78 -56.80 -26.95
CA TYR B 529 -9.78 -55.38 -27.27
C TYR B 529 -8.53 -54.71 -26.74
N GLN B 530 -8.17 -54.97 -25.49
CA GLN B 530 -6.96 -54.41 -24.91
C GLN B 530 -5.71 -55.09 -25.43
N GLU B 531 -5.78 -56.40 -25.68
CA GLU B 531 -4.64 -57.21 -26.12
C GLU B 531 -5.08 -58.01 -27.34
N PRO B 532 -4.98 -57.44 -28.53
CA PRO B 532 -5.52 -58.12 -29.72
C PRO B 532 -5.06 -59.56 -29.85
N LEU B 533 -3.75 -59.78 -29.88
CA LEU B 533 -3.17 -61.11 -29.98
C LEU B 533 -2.82 -61.56 -28.57
N LEU B 534 -3.73 -62.29 -27.95
CA LEU B 534 -3.60 -62.71 -26.57
C LEU B 534 -3.81 -64.21 -26.48
N ALA B 535 -2.83 -64.91 -25.90
CA ALA B 535 -2.93 -66.33 -25.64
C ALA B 535 -2.58 -66.58 -24.18
N LEU B 536 -3.35 -67.45 -23.54
CA LEU B 536 -3.21 -67.69 -22.12
C LEU B 536 -3.37 -69.18 -21.82
N ASP B 537 -2.84 -69.59 -20.68
CA ASP B 537 -3.13 -70.93 -20.19
C ASP B 537 -4.57 -71.00 -19.70
N VAL B 538 -5.04 -72.23 -19.47
CA VAL B 538 -6.43 -72.43 -19.06
C VAL B 538 -6.69 -71.69 -17.74
N ASP B 539 -5.84 -71.91 -16.75
CA ASP B 539 -6.01 -71.23 -15.47
C ASP B 539 -5.85 -69.72 -15.61
N SER B 540 -4.86 -69.29 -16.40
CA SER B 540 -4.69 -67.86 -16.64
C SER B 540 -5.90 -67.27 -17.33
N THR B 541 -6.46 -67.99 -18.32
CA THR B 541 -7.66 -67.53 -18.98
C THR B 541 -8.81 -67.37 -17.99
N ASN B 542 -8.99 -68.36 -17.12
CA ASN B 542 -10.06 -68.28 -16.12
C ASN B 542 -9.85 -67.10 -15.19
N SER B 543 -8.61 -66.86 -14.77
CA SER B 543 -8.35 -65.74 -13.86
C SER B 543 -8.64 -64.41 -14.54
N ARG B 544 -8.19 -64.26 -15.79
CA ARG B 544 -8.43 -63.02 -16.52
C ARG B 544 -9.91 -62.78 -16.68
N LEU B 545 -10.66 -63.84 -17.03
CA LEU B 545 -12.10 -63.72 -17.20
C LEU B 545 -12.80 -63.38 -15.88
N ARG B 546 -12.36 -64.00 -14.78
CA ARG B 546 -13.00 -63.75 -13.50
C ARG B 546 -12.80 -62.31 -13.05
N HIS B 547 -11.57 -61.79 -13.21
CA HIS B 547 -11.33 -60.40 -12.86
C HIS B 547 -12.10 -59.46 -13.78
N CYS B 548 -12.18 -59.79 -15.07
CA CYS B 548 -12.99 -58.99 -15.99
C CYS B 548 -14.46 -59.02 -15.59
N ALA B 549 -14.92 -60.13 -15.03
CA ALA B 549 -16.31 -60.23 -14.61
C ALA B 549 -16.57 -59.35 -13.39
N TYR B 550 -15.67 -59.38 -12.41
CA TYR B 550 -15.78 -58.44 -11.30
C TYR B 550 -15.81 -57.02 -11.82
N ARG B 551 -14.90 -56.69 -12.73
CA ARG B 551 -14.84 -55.35 -13.28
C ARG B 551 -16.13 -54.96 -13.97
N CYS B 552 -16.71 -55.86 -14.75
CA CYS B 552 -17.89 -55.51 -15.52
C CYS B 552 -19.13 -55.40 -14.63
N TYR B 553 -19.26 -56.26 -13.63
CA TYR B 553 -20.36 -56.11 -12.68
C TYR B 553 -20.25 -54.79 -11.93
N ALA B 554 -19.05 -54.46 -11.46
CA ALA B 554 -18.87 -53.22 -10.71
C ALA B 554 -19.19 -52.02 -11.56
N THR B 555 -18.77 -52.04 -12.82
CA THR B 555 -19.09 -50.94 -13.74
C THR B 555 -20.59 -50.88 -14.03
N TRP B 556 -21.23 -52.04 -14.19
CA TRP B 556 -22.66 -52.08 -14.48
C TRP B 556 -23.48 -51.49 -13.35
N ARG B 557 -23.15 -51.83 -12.11
CA ARG B 557 -23.97 -51.44 -10.98
C ARG B 557 -23.58 -50.10 -10.37
N PHE B 558 -22.30 -49.74 -10.41
CA PHE B 558 -21.83 -48.52 -9.79
C PHE B 558 -21.46 -47.44 -10.80
N GLY B 559 -21.28 -47.81 -12.06
CA GLY B 559 -21.09 -46.82 -13.11
C GLY B 559 -19.67 -46.35 -13.25
N SER B 560 -19.38 -45.18 -12.68
CA SER B 560 -18.05 -44.61 -12.78
C SER B 560 -17.02 -45.54 -12.16
N GLN B 561 -15.80 -45.44 -12.65
CA GLN B 561 -14.73 -46.28 -12.12
C GLN B 561 -14.25 -45.78 -10.77
N ASP B 562 -14.53 -44.51 -10.43
CA ASP B 562 -14.22 -44.02 -9.10
C ASP B 562 -14.90 -44.86 -8.03
N MET B 563 -16.15 -45.25 -8.26
CA MET B 563 -16.91 -46.05 -7.32
C MET B 563 -16.79 -47.54 -7.61
N ALA B 564 -16.41 -47.91 -8.83
CA ALA B 564 -16.27 -49.32 -9.16
C ALA B 564 -14.93 -49.89 -8.72
N ASP B 565 -13.91 -49.05 -8.52
CA ASP B 565 -12.66 -49.55 -7.97
C ASP B 565 -12.84 -49.98 -6.52
N PHE B 566 -13.63 -49.23 -5.76
CA PHE B 566 -13.89 -49.51 -4.36
C PHE B 566 -15.20 -50.23 -4.14
N ALA B 567 -15.87 -50.65 -5.21
CA ALA B 567 -17.07 -51.44 -5.09
C ALA B 567 -16.78 -52.75 -4.40
N ILE B 568 -17.83 -53.36 -3.87
CA ILE B 568 -17.76 -54.68 -3.25
C ILE B 568 -18.84 -55.53 -3.89
N LEU B 569 -18.44 -56.67 -4.45
CA LEU B 569 -19.41 -57.55 -5.05
C LEU B 569 -20.16 -58.34 -3.96
N PRO B 570 -21.44 -58.62 -4.16
CA PRO B 570 -22.15 -59.48 -3.22
C PRO B 570 -21.65 -60.91 -3.29
N SER B 571 -21.90 -61.64 -2.20
CA SER B 571 -21.42 -63.01 -2.14
C SER B 571 -22.03 -63.87 -3.24
N CYS B 572 -23.32 -63.68 -3.52
CA CYS B 572 -23.96 -64.49 -4.54
C CYS B 572 -23.30 -64.31 -5.90
N CYS B 573 -23.15 -63.05 -6.32
CA CYS B 573 -22.53 -62.77 -7.61
C CYS B 573 -21.07 -63.19 -7.62
N ARG B 574 -20.35 -62.91 -6.54
CA ARG B 574 -18.95 -63.30 -6.44
C ARG B 574 -18.79 -64.80 -6.67
N TRP B 575 -19.57 -65.61 -5.96
CA TRP B 575 -19.40 -67.05 -6.06
C TRP B 575 -19.94 -67.59 -7.37
N ARG B 576 -20.97 -66.96 -7.94
CA ARG B 576 -21.42 -67.35 -9.27
C ARG B 576 -20.32 -67.13 -10.30
N ILE B 577 -19.67 -65.98 -10.24
CA ILE B 577 -18.58 -65.69 -11.17
C ILE B 577 -17.43 -66.67 -10.96
N ARG B 578 -17.08 -66.94 -9.70
CA ARG B 578 -15.99 -67.86 -9.42
C ARG B 578 -16.31 -69.26 -9.94
N LYS B 579 -17.56 -69.69 -9.80
CA LYS B 579 -17.97 -70.98 -10.36
C LYS B 579 -17.85 -70.95 -11.88
N GLU B 580 -18.29 -69.87 -12.51
CA GLU B 580 -18.18 -69.76 -13.96
C GLU B 580 -16.74 -69.85 -14.42
N PHE B 581 -15.83 -69.17 -13.71
CA PHE B 581 -14.41 -69.11 -14.08
C PHE B 581 -13.59 -69.52 -12.87
N PRO B 582 -13.52 -70.82 -12.56
CA PRO B 582 -12.76 -71.27 -11.40
C PRO B 582 -11.26 -71.29 -11.69
N LYS B 583 -10.50 -71.37 -10.62
CA LYS B 583 -9.05 -71.49 -10.68
C LYS B 583 -8.64 -72.94 -10.46
N SER B 584 -7.48 -73.30 -11.03
CA SER B 584 -7.01 -74.67 -10.94
C SER B 584 -6.80 -75.09 -9.49
N GLU B 585 -6.17 -74.23 -8.68
CA GLU B 585 -5.87 -74.58 -7.30
C GLU B 585 -5.72 -73.29 -6.50
N GLY B 586 -5.87 -73.42 -5.19
CA GLY B 586 -5.74 -72.30 -4.28
C GLY B 586 -7.10 -71.73 -3.88
N GLN B 587 -7.05 -70.70 -3.05
CA GLN B 587 -8.24 -70.02 -2.57
C GLN B 587 -8.26 -68.59 -3.09
N TYR B 588 -9.47 -68.09 -3.35
CA TYR B 588 -9.64 -66.75 -3.90
C TYR B 588 -9.29 -65.71 -2.86
N SER B 589 -8.54 -64.68 -3.28
CA SER B 589 -8.06 -63.68 -2.34
C SER B 589 -9.17 -62.75 -1.88
N GLY B 590 -9.96 -62.24 -2.81
CA GLY B 590 -11.02 -61.31 -2.48
C GLY B 590 -10.73 -59.89 -2.90
N PHE B 591 -11.32 -58.91 -2.21
CA PHE B 591 -11.22 -57.52 -2.59
C PHE B 591 -9.91 -56.92 -2.09
N LYS B 592 -9.30 -56.07 -2.91
CA LYS B 592 -8.03 -55.43 -2.61
C LYS B 592 -8.13 -53.96 -2.98
N SER B 593 -7.97 -53.08 -1.99
CA SER B 593 -8.14 -51.67 -2.24
C SER B 593 -7.07 -51.17 -3.21
N PRO B 594 -7.44 -50.44 -4.27
CA PRO B 594 -6.42 -50.00 -5.23
C PRO B 594 -5.33 -49.14 -4.60
N TYR B 595 -5.67 -48.31 -3.63
CA TYR B 595 -4.69 -47.45 -2.98
C TYR B 595 -4.41 -47.96 -1.56
N SER C 6 -23.13 -8.83 -31.12
CA SER C 6 -22.61 -9.91 -30.27
C SER C 6 -22.93 -9.63 -28.81
N CYS C 7 -24.12 -9.07 -28.56
CA CYS C 7 -24.52 -8.80 -27.18
C CYS C 7 -24.51 -10.07 -26.33
N SER C 8 -24.87 -11.21 -26.93
CA SER C 8 -24.81 -12.47 -26.21
C SER C 8 -23.40 -12.76 -25.70
N ASP C 9 -22.38 -12.39 -26.47
CA ASP C 9 -21.00 -12.59 -26.02
C ASP C 9 -20.68 -11.75 -24.80
N VAL C 10 -21.27 -10.55 -24.70
CA VAL C 10 -21.10 -9.73 -23.50
C VAL C 10 -21.71 -10.42 -22.30
N PHE C 11 -22.92 -10.96 -22.46
CA PHE C 11 -23.68 -11.54 -21.34
C PHE C 11 -23.23 -12.99 -21.10
N GLN C 12 -21.97 -13.14 -20.73
CA GLN C 12 -21.38 -14.44 -20.49
C GLN C 12 -20.54 -14.40 -19.22
N TYR C 13 -20.61 -15.47 -18.44
CA TYR C 13 -19.84 -15.60 -17.21
C TYR C 13 -19.06 -16.90 -17.28
N GLU C 14 -17.74 -16.81 -17.19
CA GLU C 14 -16.85 -17.96 -17.19
C GLU C 14 -16.54 -18.33 -15.74
N THR C 15 -16.95 -19.52 -15.33
CA THR C 15 -16.68 -20.03 -14.00
C THR C 15 -15.71 -21.19 -14.11
N ASN C 16 -14.74 -21.23 -13.21
CA ASN C 16 -13.72 -22.27 -13.24
C ASN C 16 -14.33 -23.62 -12.90
N LYS C 17 -13.92 -24.64 -13.64
CA LYS C 17 -14.23 -26.00 -13.25
C LYS C 17 -13.34 -26.40 -12.08
N VAL C 18 -13.94 -26.99 -11.05
CA VAL C 18 -13.23 -27.31 -9.83
C VAL C 18 -13.51 -28.76 -9.45
N THR C 19 -12.58 -29.32 -8.70
CA THR C 19 -12.70 -30.65 -8.13
C THR C 19 -12.76 -30.50 -6.62
N ARG C 20 -13.82 -31.01 -6.01
CA ARG C 20 -14.02 -30.93 -4.57
C ARG C 20 -13.56 -32.23 -3.93
N ILE C 21 -12.62 -32.13 -3.01
CA ILE C 21 -11.99 -33.28 -2.38
C ILE C 21 -12.48 -33.39 -0.96
N GLN C 22 -12.94 -34.59 -0.58
CA GLN C 22 -13.40 -34.87 0.78
C GLN C 22 -12.24 -35.46 1.57
N SER C 23 -11.31 -34.59 1.94
CA SER C 23 -10.11 -34.96 2.65
C SER C 23 -10.06 -34.23 3.98
N MET C 24 -9.84 -34.98 5.06
CA MET C 24 -9.59 -34.36 6.36
C MET C 24 -8.39 -33.43 6.28
N ASN C 25 -7.27 -33.95 5.77
CA ASN C 25 -6.00 -33.25 5.84
C ASN C 25 -6.06 -31.92 5.09
N TYR C 26 -6.57 -31.95 3.87
CA TYR C 26 -6.51 -30.77 3.01
C TYR C 26 -7.50 -29.70 3.44
N GLY C 27 -8.70 -30.09 3.86
CA GLY C 27 -9.62 -29.12 4.43
C GLY C 27 -9.09 -28.50 5.70
N THR C 28 -8.51 -29.31 6.57
CA THR C 28 -7.92 -28.79 7.80
C THR C 28 -6.78 -27.82 7.49
N ILE C 29 -5.92 -28.16 6.53
CA ILE C 29 -4.84 -27.27 6.13
C ILE C 29 -5.40 -25.96 5.59
N LYS C 30 -6.42 -26.05 4.74
CA LYS C 30 -7.01 -24.84 4.18
C LYS C 30 -7.54 -23.93 5.27
N TRP C 31 -8.28 -24.49 6.22
CA TRP C 31 -8.88 -23.66 7.25
C TRP C 31 -7.84 -23.13 8.22
N PHE C 32 -6.81 -23.92 8.53
CA PHE C 32 -5.70 -23.43 9.35
C PHE C 32 -5.02 -22.23 8.68
N PHE C 33 -4.69 -22.38 7.39
CA PHE C 33 -4.08 -21.28 6.66
C PHE C 33 -4.98 -20.05 6.69
N HIS C 34 -6.27 -20.23 6.43
CA HIS C 34 -7.18 -19.10 6.38
C HIS C 34 -7.27 -18.40 7.73
N VAL C 35 -7.38 -19.17 8.81
CA VAL C 35 -7.49 -18.58 10.14
C VAL C 35 -6.22 -17.81 10.47
N ILE C 36 -5.06 -18.39 10.19
CA ILE C 36 -3.80 -17.71 10.50
C ILE C 36 -3.67 -16.42 9.70
N ILE C 37 -3.94 -16.49 8.40
CA ILE C 37 -3.82 -15.31 7.55
C ILE C 37 -4.79 -14.22 8.01
N PHE C 38 -6.04 -14.59 8.29
CA PHE C 38 -7.01 -13.61 8.74
C PHE C 38 -6.62 -12.98 10.07
N SER C 39 -6.13 -13.81 10.99
CA SER C 39 -5.72 -13.29 12.29
C SER C 39 -4.58 -12.30 12.14
N TYR C 40 -3.59 -12.63 11.31
CA TYR C 40 -2.48 -11.71 11.13
C TYR C 40 -2.91 -10.43 10.43
N VAL C 41 -3.79 -10.54 9.44
CA VAL C 41 -4.28 -9.35 8.75
C VAL C 41 -5.01 -8.42 9.72
N CYS C 42 -5.90 -8.99 10.53
CA CYS C 42 -6.60 -8.18 11.53
C CYS C 42 -5.64 -7.58 12.54
N PHE C 43 -4.65 -8.36 12.98
CA PHE C 43 -3.69 -7.86 13.96
C PHE C 43 -2.90 -6.69 13.40
N ALA C 44 -2.40 -6.81 12.17
CA ALA C 44 -1.65 -5.72 11.56
C ALA C 44 -2.52 -4.49 11.38
N LEU C 45 -3.74 -4.68 10.88
CA LEU C 45 -4.65 -3.54 10.70
C LEU C 45 -4.88 -2.82 12.01
N VAL C 46 -5.11 -3.56 13.09
CA VAL C 46 -5.43 -2.96 14.37
C VAL C 46 -4.19 -2.29 14.96
N SER C 47 -3.05 -2.98 14.94
CA SER C 47 -1.86 -2.48 15.62
C SER C 47 -1.29 -1.27 14.92
N ASP C 48 -1.15 -1.32 13.60
CA ASP C 48 -0.64 -0.18 12.85
C ASP C 48 -1.74 0.78 12.41
N LYS C 49 -2.99 0.51 12.77
CA LYS C 49 -4.10 1.38 12.42
C LYS C 49 -4.07 1.76 10.94
N LEU C 50 -3.97 0.72 10.11
CA LEU C 50 -3.87 0.89 8.67
C LEU C 50 -5.19 1.30 8.04
N TYR C 51 -6.27 1.27 8.80
CA TYR C 51 -7.55 1.83 8.37
C TYR C 51 -7.59 3.35 8.50
N GLN C 52 -6.57 3.94 9.10
CA GLN C 52 -6.55 5.36 9.42
C GLN C 52 -5.68 6.13 8.43
N ARG C 53 -6.15 7.31 8.07
CA ARG C 53 -5.34 8.33 7.45
C ARG C 53 -4.69 9.13 8.58
N LYS C 54 -3.37 9.26 8.51
CA LYS C 54 -2.59 9.88 9.56
C LYS C 54 -2.07 11.22 9.08
N GLU C 55 -2.02 12.20 9.98
CA GLU C 55 -1.61 13.54 9.63
C GLU C 55 -0.63 14.04 10.68
N PRO C 56 0.51 14.59 10.27
CA PRO C 56 1.46 15.12 11.25
C PRO C 56 0.91 16.34 11.97
N VAL C 57 1.42 16.54 13.18
CA VAL C 57 0.88 17.55 14.09
C VAL C 57 1.45 18.92 13.74
N ILE C 58 0.62 19.94 13.83
CA ILE C 58 1.04 21.33 13.69
C ILE C 58 0.99 21.95 15.08
N SER C 59 2.14 22.35 15.60
CA SER C 59 2.29 22.68 17.01
C SER C 59 2.68 24.14 17.22
N SER C 60 2.24 24.67 18.35
CA SER C 60 2.61 25.98 18.85
C SER C 60 2.87 25.86 20.34
N VAL C 61 4.00 26.39 20.80
CA VAL C 61 4.43 26.24 22.19
C VAL C 61 4.57 27.61 22.81
N HIS C 62 4.18 27.71 24.08
CA HIS C 62 4.28 28.95 24.84
C HIS C 62 4.74 28.59 26.25
N THR C 63 5.90 29.08 26.65
CA THR C 63 6.46 28.77 27.95
C THR C 63 6.40 29.98 28.87
N LYS C 64 6.31 29.67 30.16
CA LYS C 64 6.35 30.69 31.22
C LYS C 64 7.28 30.15 32.30
N VAL C 65 8.47 30.71 32.39
CA VAL C 65 9.45 30.30 33.38
C VAL C 65 9.27 31.15 34.62
N LYS C 66 9.59 30.56 35.77
CA LYS C 66 9.30 31.15 37.06
C LYS C 66 10.38 30.77 38.05
N GLY C 67 10.84 31.75 38.81
CA GLY C 67 11.82 31.55 39.84
C GLY C 67 12.80 32.70 39.89
N ILE C 68 13.34 32.95 41.08
CA ILE C 68 14.38 33.94 41.29
C ILE C 68 15.56 33.24 41.94
N ALA C 69 16.75 33.82 41.74
CA ALA C 69 17.98 33.23 42.22
C ALA C 69 18.80 34.26 42.96
N GLU C 70 19.31 33.89 44.12
CA GLU C 70 20.29 34.72 44.82
C GLU C 70 21.68 34.32 44.37
N VAL C 71 22.45 35.31 43.93
CA VAL C 71 23.73 35.13 43.25
C VAL C 71 24.79 35.79 44.10
N LYS C 72 25.87 34.99 44.40
CA LYS C 72 27.00 35.45 45.19
C LYS C 72 28.16 35.74 44.25
N GLU C 73 28.66 37.01 44.31
CA GLU C 73 29.80 37.38 43.47
C GLU C 73 30.87 38.03 44.33
N GLU C 74 32.10 37.49 44.28
CA GLU C 74 33.24 38.02 45.07
C GLU C 74 33.74 39.29 44.40
N ILE C 75 33.27 40.46 44.83
CA ILE C 75 33.67 41.77 44.25
C ILE C 75 34.27 42.61 45.38
N LEU C 83 32.35 40.09 48.89
CA LEU C 83 31.21 39.36 48.35
C LEU C 83 29.96 40.21 48.35
N VAL C 84 29.16 40.07 47.30
CA VAL C 84 27.90 40.80 47.15
C VAL C 84 26.81 39.82 46.73
N HIS C 85 25.64 39.97 47.33
CA HIS C 85 24.47 39.17 47.03
C HIS C 85 23.54 39.97 46.12
N SER C 86 22.97 39.29 45.12
CA SER C 86 22.05 39.95 44.21
C SER C 86 20.95 38.98 43.82
N VAL C 87 19.76 39.50 43.56
CA VAL C 87 18.63 38.68 43.14
C VAL C 87 18.41 38.84 41.64
N PHE C 88 18.37 37.72 40.94
CA PHE C 88 18.05 37.63 39.54
C PHE C 88 16.64 37.12 39.36
N ASP C 89 15.88 37.77 38.50
CA ASP C 89 14.54 37.34 38.14
C ASP C 89 14.48 37.10 36.64
N THR C 90 13.29 36.74 36.15
CA THR C 90 13.14 36.31 34.77
C THR C 90 13.70 37.32 33.79
N ALA C 91 13.57 38.60 34.10
CA ALA C 91 14.11 39.64 33.24
C ALA C 91 15.62 39.59 33.17
N ASP C 92 16.27 38.84 34.05
CA ASP C 92 17.72 38.82 34.17
C ASP C 92 18.34 37.52 33.69
N TYR C 93 17.57 36.45 33.54
CA TYR C 93 18.13 35.17 33.17
C TYR C 93 17.45 34.48 31.99
N THR C 94 16.32 34.99 31.50
CA THR C 94 15.64 34.34 30.40
C THR C 94 15.00 35.39 29.50
N PHE C 95 14.76 34.97 28.26
CA PHE C 95 14.11 35.73 27.21
C PHE C 95 12.96 34.87 26.68
N PRO C 96 11.87 35.49 26.22
CA PRO C 96 10.71 34.70 25.82
C PRO C 96 11.03 33.66 24.75
N LEU C 97 10.32 32.54 24.82
CA LEU C 97 10.54 31.42 23.93
C LEU C 97 10.51 31.87 22.48
N GLN C 98 11.56 31.50 21.74
CA GLN C 98 11.66 31.76 20.31
C GLN C 98 11.97 30.45 19.61
N GLY C 99 11.16 30.11 18.62
CA GLY C 99 11.39 28.89 17.87
C GLY C 99 11.36 27.63 18.70
N ASN C 100 10.37 27.52 19.59
CA ASN C 100 10.17 26.31 20.39
C ASN C 100 11.36 26.02 21.30
N SER C 101 12.05 27.08 21.73
CA SER C 101 13.19 26.94 22.63
C SER C 101 13.21 28.12 23.58
N PHE C 102 13.61 27.86 24.82
CA PHE C 102 13.87 28.91 25.79
C PHE C 102 15.20 28.65 26.48
N PHE C 103 15.83 29.75 26.90
CA PHE C 103 17.17 29.74 27.46
C PHE C 103 17.11 30.30 28.87
N VAL C 104 17.77 29.61 29.80
CA VAL C 104 17.90 30.04 31.18
C VAL C 104 19.37 30.17 31.48
N MET C 105 19.82 31.39 31.74
CA MET C 105 21.22 31.61 32.11
C MET C 105 21.49 31.02 33.47
N THR C 106 22.56 30.23 33.54
CA THR C 106 22.98 29.58 34.78
C THR C 106 24.31 30.09 35.29
N ASN C 107 25.04 30.88 34.50
CA ASN C 107 26.38 31.26 34.88
C ASN C 107 26.83 32.36 33.94
N PHE C 108 27.82 33.12 34.37
CA PHE C 108 28.27 34.21 33.53
C PHE C 108 29.64 34.68 33.98
N LEU C 109 30.37 35.25 33.02
CA LEU C 109 31.60 35.99 33.27
C LEU C 109 31.42 37.39 32.73
N LYS C 110 31.79 38.40 33.51
CA LYS C 110 31.53 39.78 33.16
C LYS C 110 32.83 40.54 32.98
N THR C 111 32.88 41.40 31.95
CA THR C 111 34.02 42.26 31.66
C THR C 111 33.46 43.65 31.40
N GLU C 112 33.65 44.55 32.37
CA GLU C 112 33.02 45.86 32.35
C GLU C 112 33.90 46.90 31.68
N GLY C 113 33.27 47.94 31.16
CA GLY C 113 33.96 49.12 30.68
C GLY C 113 34.90 48.90 29.51
N GLN C 114 34.38 48.28 28.46
CA GLN C 114 35.17 48.05 27.26
C GLN C 114 35.00 49.19 26.26
N GLU C 115 36.12 49.69 25.74
CA GLU C 115 36.14 50.70 24.70
C GLU C 115 36.87 50.13 23.49
N GLN C 116 36.45 50.52 22.30
CA GLN C 116 37.23 50.22 21.10
C GLN C 116 38.51 51.02 21.13
N ARG C 117 39.62 50.37 21.43
CA ARG C 117 40.90 51.04 21.58
C ARG C 117 42.02 50.08 21.19
N LEU C 118 43.24 50.44 21.57
CA LEU C 118 44.41 49.60 21.45
C LEU C 118 44.82 49.18 22.85
N CYS C 119 45.08 47.89 23.03
CA CYS C 119 45.33 47.35 24.35
C CYS C 119 46.29 46.17 24.26
N PRO C 120 47.05 45.90 25.30
CA PRO C 120 47.82 44.66 25.35
C PRO C 120 46.89 43.46 25.51
N GLU C 121 47.11 42.45 24.69
CA GLU C 121 46.23 41.29 24.69
C GLU C 121 46.53 40.43 25.91
N TYR C 122 45.51 39.73 26.39
CA TYR C 122 45.67 38.99 27.64
C TYR C 122 46.76 37.94 27.47
N PRO C 123 47.65 37.78 28.45
CA PRO C 123 48.80 36.90 28.25
C PRO C 123 48.43 35.44 28.10
N THR C 124 49.03 34.81 27.10
CA THR C 124 48.97 33.37 26.88
C THR C 124 50.25 32.98 26.16
N ARG C 125 50.53 31.68 26.11
CA ARG C 125 51.75 31.22 25.44
C ARG C 125 51.87 31.78 24.03
N ARG C 126 50.76 32.21 23.44
CA ARG C 126 50.78 32.78 22.10
C ARG C 126 51.15 34.26 22.12
N THR C 127 50.50 35.04 22.98
CA THR C 127 50.63 36.50 22.97
C THR C 127 51.84 36.99 23.75
N LEU C 128 52.56 36.11 24.43
CA LEU C 128 53.75 36.53 25.15
C LEU C 128 54.86 36.84 24.16
N CYS C 129 55.45 38.03 24.29
CA CYS C 129 56.50 38.48 23.40
C CYS C 129 57.77 38.74 24.20
N SER C 130 58.90 38.63 23.51
CA SER C 130 60.17 39.11 24.04
C SER C 130 60.71 40.31 23.28
N SER C 131 60.19 40.58 22.08
CA SER C 131 60.59 41.75 21.31
C SER C 131 59.50 42.01 20.28
N ASP C 132 59.59 43.17 19.64
CA ASP C 132 58.59 43.56 18.64
C ASP C 132 58.56 42.61 17.46
N ARG C 133 59.60 41.81 17.26
CA ARG C 133 59.67 40.90 16.13
C ARG C 133 58.69 39.74 16.24
N GLY C 134 58.10 39.52 17.42
CA GLY C 134 57.17 38.44 17.61
C GLY C 134 55.74 38.74 17.22
N CYS C 135 55.49 39.92 16.68
CA CYS C 135 54.14 40.34 16.30
C CYS C 135 54.14 40.81 14.86
N LYS C 136 52.99 40.64 14.20
CA LYS C 136 52.82 41.01 12.82
C LYS C 136 51.61 41.92 12.70
N LYS C 137 51.81 43.09 12.10
CA LYS C 137 50.76 44.09 12.03
C LYS C 137 49.58 43.58 11.20
N GLY C 138 48.37 43.72 11.74
CA GLY C 138 47.19 43.26 11.06
C GLY C 138 46.90 41.79 11.20
N TRP C 139 47.56 41.09 12.11
CA TRP C 139 47.40 39.66 12.23
C TRP C 139 46.12 39.32 13.00
N MET C 140 45.24 38.55 12.35
CA MET C 140 44.00 38.06 12.94
C MET C 140 44.23 36.62 13.39
N ASP C 141 44.62 36.44 14.63
CA ASP C 141 44.74 35.09 15.18
C ASP C 141 43.35 34.55 15.49
N PRO C 142 43.03 33.33 15.07
CA PRO C 142 41.70 32.79 15.37
C PRO C 142 41.37 32.75 16.84
N GLN C 143 42.35 32.59 17.72
CA GLN C 143 42.12 32.58 19.16
C GLN C 143 42.17 33.98 19.76
N SER C 144 41.98 35.01 18.94
CA SER C 144 42.07 36.39 19.37
C SER C 144 40.79 37.13 19.02
N LYS C 145 40.47 38.14 19.82
CA LYS C 145 39.36 39.04 19.56
C LYS C 145 39.83 40.40 19.07
N GLY C 146 41.10 40.51 18.67
CA GLY C 146 41.65 41.75 18.18
C GLY C 146 42.58 41.54 17.02
N ILE C 147 43.08 42.65 16.49
CA ILE C 147 43.98 42.67 15.34
C ILE C 147 45.27 43.34 15.77
N GLN C 148 46.38 42.61 15.68
CA GLN C 148 47.65 43.13 16.16
C GLN C 148 48.06 44.38 15.40
N THR C 149 48.70 45.30 16.11
CA THR C 149 49.25 46.51 15.51
C THR C 149 50.72 46.36 15.15
N GLY C 150 51.31 45.19 15.37
CA GLY C 150 52.67 44.93 15.02
C GLY C 150 53.65 45.07 16.16
N ARG C 151 53.28 45.79 17.22
CA ARG C 151 54.16 46.05 18.34
C ARG C 151 53.57 45.46 19.62
N CYS C 152 54.43 44.94 20.48
CA CYS C 152 54.00 44.35 21.74
C CYS C 152 54.45 45.25 22.89
N VAL C 153 53.60 45.34 23.92
CA VAL C 153 53.76 46.31 24.99
C VAL C 153 53.52 45.62 26.33
N VAL C 154 53.73 46.37 27.40
CA VAL C 154 53.61 45.83 28.75
C VAL C 154 52.15 45.57 29.06
N TYR C 155 51.85 44.37 29.57
CA TYR C 155 50.53 44.08 30.10
C TYR C 155 50.45 44.50 31.56
N GLU C 156 51.31 43.92 32.40
CA GLU C 156 51.33 44.23 33.83
C GLU C 156 52.77 44.08 34.30
N GLY C 157 53.51 45.18 34.28
CA GLY C 157 54.87 45.22 34.80
C GLY C 157 55.89 44.57 33.89
N ASN C 158 56.49 43.47 34.37
CA ASN C 158 57.56 42.81 33.62
C ASN C 158 57.05 42.17 32.34
N GLN C 159 55.76 41.86 32.30
CA GLN C 159 55.25 40.90 31.33
C GLN C 159 54.84 41.62 30.05
N LYS C 160 55.35 41.17 28.91
CA LYS C 160 55.12 41.82 27.64
C LYS C 160 54.23 40.96 26.77
N THR C 161 53.24 41.58 26.13
CA THR C 161 52.26 40.87 25.33
C THR C 161 51.92 41.67 24.08
N CYS C 162 51.47 40.95 23.05
CA CYS C 162 51.14 41.57 21.78
C CYS C 162 50.02 42.59 21.94
N GLU C 163 50.19 43.75 21.32
CA GLU C 163 49.16 44.78 21.32
C GLU C 163 48.17 44.54 20.20
N VAL C 164 46.90 44.79 20.47
CA VAL C 164 45.83 44.57 19.52
C VAL C 164 44.85 45.72 19.57
N SER C 165 44.24 46.02 18.43
CA SER C 165 43.09 46.90 18.34
C SER C 165 41.84 46.06 18.54
N ALA C 166 41.04 46.41 19.52
CA ALA C 166 39.89 45.60 19.89
C ALA C 166 39.10 46.34 20.95
N TRP C 167 38.00 45.72 21.38
CA TRP C 167 37.34 46.15 22.60
C TRP C 167 38.23 45.80 23.78
N CYS C 168 38.54 46.80 24.59
CA CYS C 168 39.57 46.70 25.60
C CYS C 168 39.07 47.29 26.91
N PRO C 169 39.47 46.71 28.05
CA PRO C 169 40.43 45.61 28.21
C PRO C 169 39.94 44.26 27.73
N ILE C 170 40.89 43.46 27.23
CA ILE C 170 40.57 42.16 26.68
C ILE C 170 40.04 41.25 27.78
N GLU C 171 39.22 40.29 27.38
CA GLU C 171 38.68 39.33 28.32
C GLU C 171 39.80 38.51 28.95
N ALA C 172 39.67 38.21 30.23
CA ALA C 172 40.59 37.29 30.88
C ALA C 172 40.31 35.87 30.43
N VAL C 173 41.38 35.09 30.29
CA VAL C 173 41.24 33.66 30.03
C VAL C 173 40.95 32.98 31.35
N GLU C 174 39.68 32.80 31.66
CA GLU C 174 39.26 32.23 32.93
C GLU C 174 38.17 31.21 32.67
N GLU C 175 38.07 30.23 33.57
CA GLU C 175 37.08 29.19 33.45
C GLU C 175 35.74 29.65 34.02
N ALA C 176 34.69 28.97 33.61
CA ALA C 176 33.37 29.27 34.13
C ALA C 176 33.35 29.07 35.64
N PRO C 177 32.67 29.94 36.39
CA PRO C 177 32.71 29.84 37.84
C PRO C 177 32.21 28.49 38.34
N ARG C 178 32.82 28.03 39.42
CA ARG C 178 32.42 26.80 40.09
C ARG C 178 32.24 27.12 41.57
N PRO C 179 31.03 26.96 42.14
CA PRO C 179 29.80 26.52 41.49
C PRO C 179 29.15 27.59 40.64
N ALA C 180 28.21 27.18 39.79
CA ALA C 180 27.50 28.12 38.96
C ALA C 180 26.83 29.18 39.82
N LEU C 181 26.89 30.43 39.35
CA LEU C 181 26.32 31.53 40.12
C LEU C 181 24.82 31.37 40.27
N LEU C 182 24.14 31.00 39.18
CA LEU C 182 22.72 30.67 39.23
C LEU C 182 22.50 29.16 39.31
N ASN C 183 23.06 28.55 40.36
CA ASN C 183 22.85 27.12 40.58
C ASN C 183 21.47 26.81 41.13
N SER C 184 20.81 27.81 41.71
CA SER C 184 19.43 27.69 42.16
C SER C 184 18.45 27.56 41.01
N ALA C 185 18.92 27.76 39.79
CA ALA C 185 18.08 27.62 38.60
C ALA C 185 17.47 26.24 38.47
N GLU C 186 17.86 25.27 39.30
CA GLU C 186 17.24 23.96 39.24
C GLU C 186 15.88 23.95 39.91
N ASN C 187 15.65 24.90 40.81
CA ASN C 187 14.37 25.04 41.46
C ASN C 187 13.39 25.90 40.68
N PHE C 188 13.81 26.43 39.54
CA PHE C 188 12.90 27.15 38.66
C PHE C 188 11.93 26.18 38.02
N THR C 189 10.76 26.69 37.67
CA THR C 189 9.75 25.92 36.97
C THR C 189 9.47 26.55 35.62
N VAL C 190 8.97 25.74 34.71
CA VAL C 190 8.49 26.22 33.42
C VAL C 190 7.13 25.59 33.16
N LEU C 191 6.15 26.42 32.87
CA LEU C 191 4.83 25.97 32.43
C LEU C 191 4.80 26.00 30.92
N ILE C 192 4.52 24.86 30.32
CA ILE C 192 4.48 24.71 28.86
C ILE C 192 3.02 24.57 28.45
N LYS C 193 2.58 25.44 27.56
CA LYS C 193 1.29 25.38 26.94
C LYS C 193 1.49 24.99 25.47
N ASN C 194 0.93 23.87 25.07
CA ASN C 194 1.14 23.30 23.75
C ASN C 194 -0.21 23.19 23.05
N ASN C 195 -0.34 23.89 21.93
CA ASN C 195 -1.53 23.82 21.09
C ASN C 195 -1.18 23.05 19.82
N ILE C 196 -2.05 22.12 19.45
CA ILE C 196 -1.81 21.32 18.25
C ILE C 196 -3.04 21.35 17.37
N ASP C 197 -2.79 21.14 16.08
CA ASP C 197 -3.81 21.08 15.07
C ASP C 197 -3.48 19.99 14.06
N PHE C 198 -4.54 19.38 13.55
CA PHE C 198 -4.52 18.49 12.39
C PHE C 198 -5.46 19.15 11.40
N PRO C 199 -4.92 19.94 10.47
CA PRO C 199 -5.80 20.67 9.54
C PRO C 199 -6.62 19.77 8.64
N GLY C 200 -6.04 18.65 8.19
CA GLY C 200 -6.79 17.73 7.36
C GLY C 200 -7.97 17.12 8.11
N HIS C 201 -7.76 16.76 9.36
CA HIS C 201 -8.80 16.24 10.22
C HIS C 201 -9.58 17.34 10.93
N ASN C 202 -9.19 18.60 10.73
CA ASN C 202 -9.84 19.74 11.35
C ASN C 202 -10.01 19.52 12.85
N TYR C 203 -8.93 19.12 13.50
CA TYR C 203 -8.97 18.84 14.93
C TYR C 203 -7.84 19.58 15.63
N THR C 204 -8.20 20.50 16.52
CA THR C 204 -7.22 21.20 17.33
C THR C 204 -7.50 20.93 18.79
N THR C 205 -6.43 20.76 19.56
CA THR C 205 -6.55 20.60 21.00
C THR C 205 -5.31 21.18 21.66
N ARG C 206 -5.19 20.94 22.96
CA ARG C 206 -4.14 21.54 23.76
C ARG C 206 -3.83 20.64 24.95
N ASN C 207 -2.67 20.87 25.54
CA ASN C 207 -2.15 20.01 26.59
C ASN C 207 -2.76 20.30 27.95
N ILE C 208 -3.41 21.43 28.13
CA ILE C 208 -4.05 21.80 29.38
C ILE C 208 -5.54 21.82 29.13
N LEU C 209 -6.26 20.99 29.85
CA LEU C 209 -7.70 20.88 29.72
C LEU C 209 -8.39 21.40 30.98
N PRO C 210 -9.62 21.87 30.85
CA PRO C 210 -10.36 22.29 32.05
C PRO C 210 -10.42 21.17 33.08
N GLY C 211 -10.29 21.56 34.34
CA GLY C 211 -10.25 20.61 35.43
C GLY C 211 -8.87 20.08 35.77
N LEU C 212 -7.85 20.49 35.04
CA LEU C 212 -6.49 20.09 35.34
C LEU C 212 -5.97 20.89 36.53
N ASN C 213 -5.22 20.21 37.40
CA ASN C 213 -4.69 20.85 38.59
C ASN C 213 -3.45 21.67 38.23
N ILE C 214 -3.48 22.96 38.57
CA ILE C 214 -2.36 23.85 38.28
C ILE C 214 -1.37 23.92 39.43
N THR C 215 -1.70 23.37 40.60
CA THR C 215 -0.83 23.38 41.75
C THR C 215 0.15 22.21 41.74
N CYS C 216 0.25 21.51 40.62
CA CYS C 216 1.06 20.31 40.49
C CYS C 216 2.40 20.61 39.84
N THR C 217 3.29 19.64 39.93
CA THR C 217 4.53 19.61 39.16
C THR C 217 4.71 18.22 38.58
N PHE C 218 5.28 18.17 37.38
CA PHE C 218 5.31 16.94 36.60
C PHE C 218 6.02 15.82 37.35
N HIS C 219 5.40 14.64 37.31
CA HIS C 219 6.02 13.39 37.75
C HIS C 219 5.54 12.32 36.79
N LYS C 220 6.46 11.51 36.27
CA LYS C 220 6.12 10.61 35.18
C LYS C 220 5.07 9.58 35.59
N THR C 221 4.88 9.36 36.90
CA THR C 221 3.87 8.46 37.40
C THR C 221 2.75 9.17 38.15
N GLN C 222 3.10 10.00 39.14
CA GLN C 222 2.08 10.67 39.94
C GLN C 222 1.34 11.72 39.13
N ASN C 223 2.06 12.50 38.33
CA ASN C 223 1.55 13.73 37.73
C ASN C 223 1.94 13.75 36.26
N PRO C 224 1.66 12.68 35.51
CA PRO C 224 2.23 12.57 34.17
C PRO C 224 1.67 13.57 33.18
N GLN C 225 0.60 14.29 33.52
CA GLN C 225 0.00 15.27 32.64
C GLN C 225 0.15 16.70 33.14
N CYS C 226 0.94 16.91 34.17
CA CYS C 226 1.21 18.27 34.63
C CYS C 226 2.19 18.93 33.67
N PRO C 227 1.88 20.07 33.09
CA PRO C 227 2.83 20.76 32.20
C PRO C 227 3.78 21.71 32.90
N ILE C 228 3.89 21.65 34.22
CA ILE C 228 4.82 22.46 34.98
C ILE C 228 6.01 21.58 35.34
N PHE C 229 7.18 21.96 34.85
CA PHE C 229 8.38 21.16 34.96
C PHE C 229 9.42 21.93 35.76
N ARG C 230 9.94 21.29 36.80
CA ARG C 230 11.10 21.80 37.50
C ARG C 230 12.34 21.32 36.77
N LEU C 231 13.25 22.25 36.48
CA LEU C 231 14.37 21.94 35.60
C LEU C 231 15.24 20.84 36.20
N GLY C 232 15.45 20.86 37.51
CA GLY C 232 16.17 19.78 38.16
C GLY C 232 15.51 18.43 37.96
N ASP C 233 14.18 18.40 38.00
CA ASP C 233 13.47 17.15 37.72
C ASP C 233 13.77 16.65 36.33
N ILE C 234 13.82 17.55 35.35
CA ILE C 234 14.13 17.18 33.97
C ILE C 234 15.50 16.53 33.91
N PHE C 235 16.49 17.21 34.47
CA PHE C 235 17.85 16.70 34.42
C PHE C 235 17.95 15.34 35.08
N ARG C 236 17.25 15.16 36.18
CA ARG C 236 17.25 13.86 36.85
C ARG C 236 16.56 12.81 36.00
N GLU C 237 15.49 13.16 35.33
CA GLU C 237 14.83 12.23 34.44
C GLU C 237 15.84 11.75 33.42
N THR C 238 16.71 12.65 32.97
CA THR C 238 17.67 12.29 31.94
C THR C 238 18.95 11.69 32.51
N GLY C 239 19.19 11.84 33.81
CA GLY C 239 20.38 11.30 34.41
C GLY C 239 21.58 12.21 34.41
N ASP C 240 21.38 13.50 34.66
CA ASP C 240 22.44 14.49 34.62
C ASP C 240 22.41 15.35 35.88
N ASN C 241 23.54 15.99 36.15
CA ASN C 241 23.69 16.87 37.33
C ASN C 241 23.38 18.29 36.84
N PHE C 242 22.32 18.96 37.32
CA PHE C 242 22.09 20.35 36.96
C PHE C 242 23.25 21.23 37.43
N SER C 243 23.87 20.88 38.56
CA SER C 243 24.93 21.71 39.10
C SER C 243 26.17 21.67 38.22
N ASP C 244 26.37 20.58 37.48
CA ASP C 244 27.53 20.46 36.60
C ASP C 244 27.25 21.06 35.24
N VAL C 245 26.11 20.71 34.64
CA VAL C 245 25.73 21.26 33.36
C VAL C 245 25.49 22.76 33.43
N ALA C 246 25.19 23.28 34.62
CA ALA C 246 25.02 24.71 34.79
C ALA C 246 26.32 25.47 34.59
N ILE C 247 27.46 24.85 34.93
CA ILE C 247 28.73 25.56 34.96
C ILE C 247 29.13 26.00 33.57
N GLN C 248 29.08 25.09 32.60
CA GLN C 248 29.39 25.42 31.21
C GLN C 248 28.16 25.48 30.31
N GLY C 249 27.05 24.92 30.75
CA GLY C 249 25.83 24.99 29.98
C GLY C 249 25.51 23.71 29.25
N GLY C 250 24.40 23.74 28.55
CA GLY C 250 23.96 22.56 27.84
C GLY C 250 22.71 22.84 27.04
N ILE C 251 22.20 21.78 26.43
CA ILE C 251 20.93 21.80 25.72
C ILE C 251 20.12 20.60 26.19
N MET C 252 18.89 20.86 26.60
CA MET C 252 17.96 19.83 27.01
C MET C 252 16.73 19.90 26.13
N GLY C 253 16.20 18.76 25.75
CA GLY C 253 15.03 18.68 24.91
C GLY C 253 13.87 18.09 25.68
N ILE C 254 12.75 18.80 25.63
CA ILE C 254 11.50 18.37 26.22
C ILE C 254 10.62 17.89 25.09
N GLU C 255 10.51 16.58 24.94
CA GLU C 255 9.76 15.98 23.85
C GLU C 255 8.31 15.82 24.29
N ILE C 256 7.40 16.28 23.44
CA ILE C 256 5.97 16.12 23.64
C ILE C 256 5.46 15.28 22.48
N TYR C 257 5.13 14.03 22.76
CA TYR C 257 4.65 13.10 21.75
C TYR C 257 3.13 13.06 21.78
N TRP C 258 2.53 13.18 20.61
CA TRP C 258 1.08 13.15 20.44
C TRP C 258 0.72 11.94 19.59
N ASP C 259 0.28 10.87 20.24
CA ASP C 259 -0.34 9.74 19.56
C ASP C 259 -1.84 9.90 19.73
N CYS C 260 -2.49 10.43 18.70
CA CYS C 260 -3.87 10.87 18.79
C CYS C 260 -4.74 10.05 17.84
N ASN C 261 -5.83 9.52 18.36
CA ASN C 261 -6.87 8.88 17.58
C ASN C 261 -8.08 9.78 17.61
N LEU C 262 -8.53 10.21 16.43
CA LEU C 262 -9.58 11.21 16.32
C LEU C 262 -10.93 10.59 16.04
N ASP C 263 -11.04 9.27 16.13
CA ASP C 263 -12.33 8.62 16.03
C ASP C 263 -13.11 8.81 17.31
N ARG C 264 -14.35 9.29 17.19
CA ARG C 264 -15.10 9.74 18.35
C ARG C 264 -15.44 8.61 19.32
N TRP C 265 -15.47 7.38 18.82
CA TRP C 265 -15.71 6.23 19.68
C TRP C 265 -14.43 5.87 20.37
N PHE C 266 -13.32 5.91 19.63
CA PHE C 266 -12.03 5.53 20.17
C PHE C 266 -11.13 6.74 20.24
N HIS C 267 -11.70 7.88 20.64
CA HIS C 267 -10.94 9.12 20.63
C HIS C 267 -9.97 9.22 21.79
N HIS C 268 -8.73 9.63 21.50
CA HIS C 268 -7.75 9.83 22.57
C HIS C 268 -6.63 10.71 22.02
N CYS C 269 -6.47 11.90 22.59
CA CYS C 269 -5.42 12.81 22.14
C CYS C 269 -4.88 13.51 23.38
N ARG C 270 -3.86 12.92 23.98
CA ARG C 270 -3.16 13.49 25.13
C ARG C 270 -1.66 13.43 24.88
N PRO C 271 -0.89 14.32 25.48
CA PRO C 271 0.55 14.32 25.27
C PRO C 271 1.30 13.42 26.24
N LYS C 272 2.43 12.93 25.75
CA LYS C 272 3.36 12.13 26.52
C LYS C 272 4.67 12.89 26.59
N TYR C 273 5.10 13.22 27.80
CA TYR C 273 6.28 14.05 28.03
C TYR C 273 7.49 13.17 28.29
N SER C 274 8.58 13.46 27.59
CA SER C 274 9.85 12.78 27.79
C SER C 274 10.95 13.81 27.68
N PHE C 275 12.15 13.42 28.09
CA PHE C 275 13.29 14.34 28.16
C PHE C 275 14.52 13.68 27.59
N ARG C 276 15.35 14.48 26.93
CA ARG C 276 16.54 13.97 26.27
C ARG C 276 17.60 15.07 26.20
N ARG C 277 18.80 14.78 26.68
CA ARG C 277 19.87 15.73 26.52
C ARG C 277 20.29 15.80 25.05
N LEU C 278 20.43 17.03 24.55
CA LEU C 278 20.65 17.25 23.13
C LEU C 278 22.05 17.75 22.82
N ASP C 279 22.86 18.06 23.82
CA ASP C 279 24.22 18.48 23.61
C ASP C 279 25.16 17.31 23.87
N ASP C 280 26.19 17.19 23.05
CA ASP C 280 27.21 16.19 23.30
C ASP C 280 27.92 16.49 24.61
N LYS C 281 28.05 15.45 25.45
CA LYS C 281 28.79 15.56 26.71
C LYS C 281 30.29 15.50 26.43
N THR C 282 30.73 16.39 25.56
CA THR C 282 32.11 16.44 25.13
C THR C 282 32.91 17.33 26.07
N THR C 283 34.11 16.87 26.41
CA THR C 283 35.06 17.64 27.20
C THR C 283 36.14 18.28 26.34
N ASN C 284 36.03 18.18 25.02
CA ASN C 284 37.07 18.65 24.12
C ASN C 284 36.88 20.14 23.88
N VAL C 285 37.79 20.95 24.45
CA VAL C 285 37.71 22.39 24.29
C VAL C 285 37.66 22.77 22.82
N SER C 286 38.25 21.95 21.95
CA SER C 286 38.27 22.26 20.53
C SER C 286 36.86 22.28 19.95
N LEU C 287 35.93 21.57 20.56
CA LEU C 287 34.55 21.47 20.08
C LEU C 287 33.61 22.41 20.81
N TYR C 288 34.12 23.26 21.68
CA TYR C 288 33.32 24.26 22.36
C TYR C 288 32.23 23.57 23.16
N PRO C 289 32.59 22.89 24.23
CA PRO C 289 31.61 22.16 25.04
C PRO C 289 30.64 23.08 25.74
N GLY C 290 29.43 22.57 25.93
CA GLY C 290 28.41 23.30 26.65
C GLY C 290 27.49 24.13 25.78
N TYR C 291 27.13 25.30 26.28
CA TYR C 291 26.32 26.26 25.56
C TYR C 291 26.61 27.61 26.18
N ASN C 292 27.27 28.48 25.42
CA ASN C 292 27.60 29.80 25.89
C ASN C 292 27.66 30.74 24.72
N PHE C 293 27.57 32.03 25.01
CA PHE C 293 27.67 33.04 23.98
C PHE C 293 28.04 34.35 24.62
N ARG C 294 28.59 35.24 23.81
CA ARG C 294 29.06 36.54 24.27
C ARG C 294 28.01 37.59 23.91
N TYR C 295 27.53 38.30 24.93
CA TYR C 295 26.48 39.30 24.78
C TYR C 295 27.01 40.64 25.27
N ALA C 296 26.73 41.68 24.50
CA ALA C 296 27.25 43.02 24.77
C ALA C 296 26.14 43.91 25.30
N LYS C 297 26.39 44.50 26.46
CA LYS C 297 25.55 45.54 27.02
C LYS C 297 26.22 46.87 26.69
N TYR C 298 25.66 47.59 25.73
CA TYR C 298 26.24 48.84 25.30
C TYR C 298 25.71 49.99 26.16
N TYR C 299 26.57 50.96 26.40
CA TYR C 299 26.17 52.14 27.14
C TYR C 299 27.13 53.27 26.83
N LYS C 300 26.86 54.42 27.44
CA LYS C 300 27.66 55.62 27.22
C LYS C 300 28.09 56.19 28.56
N GLU C 301 29.37 56.51 28.68
CA GLU C 301 29.91 57.16 29.85
C GLU C 301 30.90 58.23 29.42
N ASN C 302 30.67 59.46 29.88
CA ASN C 302 31.55 60.58 29.57
C ASN C 302 31.64 60.79 28.06
N ASN C 303 30.51 60.60 27.39
CA ASN C 303 30.40 60.70 25.94
C ASN C 303 31.24 59.67 25.21
N VAL C 304 31.64 58.61 25.90
CA VAL C 304 32.41 57.51 25.33
C VAL C 304 31.50 56.30 25.22
N GLU C 305 31.56 55.64 24.06
CA GLU C 305 30.76 54.43 23.82
C GLU C 305 31.46 53.23 24.44
N LYS C 306 30.84 52.65 25.46
CA LYS C 306 31.42 51.59 26.26
C LYS C 306 30.55 50.34 26.19
N ARG C 307 31.14 49.23 26.61
CA ARG C 307 30.49 47.92 26.52
C ARG C 307 30.83 47.09 27.73
N THR C 308 29.81 46.44 28.30
CA THR C 308 29.98 45.38 29.28
C THR C 308 29.72 44.06 28.58
N LEU C 309 30.74 43.23 28.49
CA LEU C 309 30.63 41.95 27.82
C LEU C 309 30.37 40.85 28.83
N ILE C 310 29.28 40.11 28.64
CA ILE C 310 28.96 38.95 29.46
C ILE C 310 29.12 37.72 28.59
N LYS C 311 30.01 36.83 29.02
CA LYS C 311 30.02 35.45 28.52
C LYS C 311 28.94 34.72 29.30
N VAL C 312 27.84 34.44 28.63
CA VAL C 312 26.67 33.82 29.22
C VAL C 312 26.79 32.33 29.03
N PHE C 313 26.65 31.57 30.11
CA PHE C 313 26.48 30.14 30.08
C PHE C 313 25.09 29.80 30.62
N GLY C 314 24.42 28.91 29.94
CA GLY C 314 23.12 28.46 30.41
C GLY C 314 22.70 27.22 29.68
N ILE C 315 21.48 26.81 29.97
CA ILE C 315 20.88 25.62 29.39
C ILE C 315 19.76 26.06 28.47
N ARG C 316 19.86 25.69 27.21
CA ARG C 316 18.81 25.91 26.25
C ARG C 316 17.86 24.73 26.26
N PHE C 317 16.58 25.00 26.44
CA PHE C 317 15.57 23.97 26.48
C PHE C 317 14.79 23.99 25.16
N ASP C 318 14.81 22.88 24.45
CA ASP C 318 14.13 22.76 23.17
C ASP C 318 12.88 21.92 23.36
N ILE C 319 11.74 22.47 22.98
CA ILE C 319 10.46 21.78 23.07
C ILE C 319 10.24 21.11 21.73
N LEU C 320 10.33 19.79 21.71
CA LEU C 320 10.29 19.01 20.50
C LEU C 320 8.94 18.30 20.44
N VAL C 321 8.03 18.84 19.64
CA VAL C 321 6.66 18.36 19.56
C VAL C 321 6.49 17.61 18.27
N PHE C 322 6.11 16.34 18.38
CA PHE C 322 5.94 15.48 17.23
C PHE C 322 4.78 14.53 17.50
N GLY C 323 4.27 13.95 16.44
CA GLY C 323 3.21 12.97 16.57
C GLY C 323 2.31 13.00 15.35
N THR C 324 1.34 12.08 15.37
CA THR C 324 0.39 11.91 14.29
C THR C 324 -1.00 11.83 14.86
N GLY C 325 -1.97 12.30 14.07
CA GLY C 325 -3.36 12.13 14.37
C GLY C 325 -4.02 11.34 13.27
N GLY C 326 -4.69 10.25 13.65
CA GLY C 326 -5.28 9.33 12.70
C GLY C 326 -6.79 9.38 12.78
N LYS C 327 -7.44 9.29 11.63
CA LYS C 327 -8.88 9.16 11.56
C LYS C 327 -9.23 8.16 10.46
N PHE C 328 -10.27 7.37 10.70
CA PHE C 328 -10.63 6.31 9.77
C PHE C 328 -10.84 6.87 8.37
N ASP C 329 -10.22 6.22 7.39
CA ASP C 329 -10.36 6.55 5.98
C ASP C 329 -10.79 5.29 5.23
N ILE C 330 -11.85 5.42 4.43
CA ILE C 330 -12.35 4.27 3.68
C ILE C 330 -11.30 3.80 2.68
N ILE C 331 -10.64 4.73 2.01
CA ILE C 331 -9.73 4.40 0.92
C ILE C 331 -8.53 3.62 1.44
N GLN C 332 -7.99 4.01 2.60
CA GLN C 332 -6.86 3.28 3.17
C GLN C 332 -7.24 1.86 3.51
N LEU C 333 -8.43 1.68 4.08
CA LEU C 333 -8.90 0.33 4.39
C LEU C 333 -9.08 -0.50 3.13
N VAL C 334 -9.64 0.09 2.09
CA VAL C 334 -9.81 -0.61 0.83
C VAL C 334 -8.46 -1.06 0.29
N VAL C 335 -7.48 -0.16 0.32
CA VAL C 335 -6.15 -0.48 -0.17
C VAL C 335 -5.52 -1.61 0.63
N TYR C 336 -5.64 -1.55 1.96
CA TYR C 336 -5.04 -2.59 2.78
C TYR C 336 -5.69 -3.94 2.54
N ILE C 337 -7.03 -3.97 2.46
CA ILE C 337 -7.73 -5.21 2.20
C ILE C 337 -7.33 -5.76 0.84
N GLY C 338 -7.25 -4.89 -0.17
CA GLY C 338 -6.84 -5.34 -1.48
C GLY C 338 -5.45 -5.93 -1.49
N SER C 339 -4.53 -5.32 -0.74
CA SER C 339 -3.19 -5.87 -0.64
C SER C 339 -3.19 -7.23 0.02
N THR C 340 -4.01 -7.40 1.06
CA THR C 340 -4.00 -8.64 1.82
C THR C 340 -4.87 -9.74 1.23
N LEU C 341 -5.67 -9.44 0.21
CA LEU C 341 -6.58 -10.43 -0.34
C LEU C 341 -5.82 -11.61 -0.96
N SER C 342 -4.72 -11.34 -1.65
CA SER C 342 -4.03 -12.38 -2.39
C SER C 342 -3.36 -13.41 -1.48
N TYR C 343 -3.30 -13.17 -0.18
CA TYR C 343 -2.71 -14.11 0.74
C TYR C 343 -3.62 -15.28 1.06
N PHE C 344 -4.88 -15.22 0.66
CA PHE C 344 -5.83 -16.29 0.89
C PHE C 344 -5.80 -17.37 -0.18
N GLY C 345 -5.08 -17.14 -1.27
CA GLY C 345 -4.83 -18.17 -2.26
C GLY C 345 -3.61 -19.02 -1.97
N LEU C 346 -2.89 -18.72 -0.90
CA LEU C 346 -1.68 -19.48 -0.59
C LEU C 346 -2.02 -20.87 -0.09
N ALA C 347 -3.17 -21.06 0.55
CA ALA C 347 -3.60 -22.41 0.91
C ALA C 347 -3.78 -23.26 -0.33
N ALA C 348 -4.47 -22.70 -1.34
CA ALA C 348 -4.65 -23.42 -2.60
C ALA C 348 -3.30 -23.69 -3.25
N VAL C 349 -2.42 -22.69 -3.25
CA VAL C 349 -1.10 -22.86 -3.89
C VAL C 349 -0.34 -24.00 -3.22
N PHE C 350 -0.32 -24.00 -1.89
CA PHE C 350 0.45 -24.99 -1.15
C PHE C 350 -0.14 -26.38 -1.32
N ILE C 351 -1.47 -26.51 -1.26
CA ILE C 351 -2.07 -27.83 -1.39
C ILE C 351 -1.93 -28.36 -2.80
N ASP C 352 -2.03 -27.49 -3.81
CA ASP C 352 -1.81 -27.91 -5.18
C ASP C 352 -0.35 -28.32 -5.39
N PHE C 353 0.57 -27.67 -4.69
CA PHE C 353 1.96 -28.06 -4.77
C PHE C 353 2.13 -29.45 -4.19
N LEU C 354 1.45 -29.72 -3.09
CA LEU C 354 1.52 -31.04 -2.47
C LEU C 354 0.96 -32.09 -3.41
N ILE C 355 -0.17 -31.79 -4.02
CA ILE C 355 -0.79 -32.75 -4.92
C ILE C 355 0.10 -33.01 -6.13
N ASP C 356 0.79 -31.99 -6.63
CA ASP C 356 1.68 -32.17 -7.76
C ASP C 356 2.92 -32.97 -7.36
N THR C 357 3.48 -32.70 -6.19
CA THR C 357 4.71 -33.37 -5.79
C THR C 357 4.46 -34.84 -5.48
N TYR C 358 3.44 -35.12 -4.68
CA TYR C 358 3.12 -36.48 -4.28
C TYR C 358 2.48 -37.31 -5.39
N SER C 359 2.38 -36.77 -6.59
CA SER C 359 1.83 -37.49 -7.72
C SER C 359 2.94 -38.14 -8.54
N SER C 360 4.18 -37.73 -8.25
CA SER C 360 5.33 -38.21 -8.98
C SER C 360 5.66 -39.64 -8.56
N ASN C 361 6.12 -40.44 -9.51
CA ASN C 361 6.47 -41.82 -9.23
C ASN C 361 7.75 -41.91 -8.41
N CYS C 362 8.50 -40.81 -8.37
CA CYS C 362 9.69 -40.73 -7.60
C CYS C 362 9.43 -40.86 -6.10
N CYS C 363 8.24 -40.42 -5.73
CA CYS C 363 7.84 -40.41 -4.35
C CYS C 363 7.36 -41.74 -3.82
N ARG C 364 7.44 -42.76 -4.67
CA ARG C 364 7.06 -44.10 -4.27
C ARG C 364 8.12 -45.12 -4.65
N SER C 365 8.87 -44.83 -5.72
CA SER C 365 9.99 -45.68 -6.07
C SER C 365 11.07 -45.60 -5.00
N HIS C 366 11.35 -44.40 -4.50
CA HIS C 366 12.42 -44.17 -3.54
C HIS C 366 11.92 -43.73 -2.17
N ILE C 367 11.11 -42.68 -2.12
CA ILE C 367 10.84 -42.02 -0.84
C ILE C 367 10.09 -42.95 0.12
N TYR C 368 9.00 -43.54 -0.34
CA TYR C 368 8.18 -44.34 0.57
C TYR C 368 8.93 -45.53 1.17
N PRO C 369 9.71 -46.29 0.41
CA PRO C 369 10.47 -47.38 1.05
C PRO C 369 11.34 -46.92 2.20
N TRP C 370 12.01 -45.77 2.08
CA TRP C 370 12.79 -45.23 3.18
C TRP C 370 11.85 -44.73 4.27
N CYS C 371 11.11 -43.66 3.97
CA CYS C 371 10.15 -43.10 4.89
C CYS C 371 8.73 -43.62 4.66
N LYS C 372 8.41 -44.67 5.39
CA LYS C 372 7.13 -45.34 5.24
C LYS C 372 5.99 -44.50 5.82
N CYS C 373 6.35 -43.43 6.52
CA CYS C 373 5.38 -42.52 7.08
C CYS C 373 4.52 -41.82 6.04
N CYS C 374 5.18 -41.51 4.92
CA CYS C 374 4.56 -40.76 3.86
C CYS C 374 3.84 -41.58 2.80
N GLN C 375 3.70 -42.87 3.09
CA GLN C 375 3.06 -43.80 2.17
C GLN C 375 1.58 -43.44 1.90
N PRO C 376 0.84 -43.06 2.95
CA PRO C 376 -0.58 -42.75 2.76
C PRO C 376 -0.84 -41.56 1.84
N CYS C 377 0.21 -40.85 1.47
CA CYS C 377 0.09 -39.72 0.59
C CYS C 377 0.12 -40.06 -0.89
N VAL C 378 -0.17 -41.33 -1.16
CA VAL C 378 -0.22 -41.83 -2.53
C VAL C 378 -1.54 -41.45 -3.17
N VAL C 379 -2.54 -41.13 -2.34
CA VAL C 379 -3.84 -40.74 -2.85
C VAL C 379 -3.74 -39.51 -3.73
N ASN C 380 -2.68 -38.73 -3.59
CA ASN C 380 -2.50 -37.55 -4.42
C ASN C 380 -2.32 -37.90 -5.89
N GLU C 381 -2.01 -39.15 -6.20
CA GLU C 381 -2.05 -39.60 -7.59
C GLU C 381 -3.47 -39.52 -8.13
N TYR C 382 -4.44 -39.96 -7.33
CA TYR C 382 -5.83 -39.85 -7.70
C TYR C 382 -6.25 -38.40 -7.85
N TYR C 383 -5.83 -37.55 -6.91
CA TYR C 383 -6.18 -36.14 -6.97
C TYR C 383 -5.61 -35.49 -8.22
N TYR C 384 -4.36 -35.82 -8.55
CA TYR C 384 -3.74 -35.29 -9.77
C TYR C 384 -4.50 -35.74 -11.00
N ARG C 385 -4.78 -37.04 -11.11
CA ARG C 385 -5.42 -37.53 -12.32
C ARG C 385 -6.81 -36.92 -12.48
N LYS C 386 -7.51 -36.69 -11.37
CA LYS C 386 -8.81 -36.03 -11.42
C LYS C 386 -8.69 -34.51 -11.50
N LYS C 387 -7.50 -33.96 -11.41
CA LYS C 387 -7.29 -32.51 -11.45
C LYS C 387 -6.70 -32.03 -12.77
N CYS C 388 -5.56 -32.58 -13.17
CA CYS C 388 -4.82 -32.07 -14.32
C CYS C 388 -5.02 -32.95 -15.55
N GLU C 389 -5.16 -32.30 -16.71
CA GLU C 389 -5.21 -32.97 -18.00
C GLU C 389 -4.11 -32.37 -18.86
N SER C 390 -3.33 -33.24 -19.50
CA SER C 390 -2.15 -32.85 -20.25
C SER C 390 -2.41 -33.01 -21.74
N ILE C 391 -2.04 -31.97 -22.51
CA ILE C 391 -2.24 -31.95 -23.95
C ILE C 391 -0.99 -31.35 -24.60
N VAL C 392 -0.62 -31.92 -25.74
CA VAL C 392 0.58 -31.50 -26.45
C VAL C 392 0.18 -30.58 -27.61
N GLU C 393 1.14 -29.79 -28.04
CA GLU C 393 0.93 -28.92 -29.19
C GLU C 393 0.70 -29.76 -30.44
N PRO C 394 -0.42 -29.62 -31.14
CA PRO C 394 -0.68 -30.42 -32.35
C PRO C 394 0.11 -29.93 -33.55
N LYS C 395 1.42 -30.08 -33.48
CA LYS C 395 2.31 -29.69 -34.55
C LYS C 395 2.18 -30.66 -35.71
N PRO C 396 2.60 -30.26 -36.92
CA PRO C 396 2.49 -31.17 -38.06
C PRO C 396 3.47 -32.33 -38.01
N THR C 397 4.49 -32.25 -37.15
CA THR C 397 5.42 -33.36 -36.95
C THR C 397 4.96 -34.32 -35.86
N LEU C 398 3.88 -34.00 -35.16
CA LEU C 398 3.41 -34.84 -34.07
C LEU C 398 2.83 -36.13 -34.62
N LYS C 399 3.24 -37.26 -34.04
CA LYS C 399 2.82 -38.56 -34.49
C LYS C 399 2.81 -39.52 -33.30
N TYR C 400 1.96 -40.54 -33.41
CA TYR C 400 1.80 -41.55 -32.38
C TYR C 400 1.85 -42.92 -33.05
N VAL C 401 2.57 -43.84 -32.45
CA VAL C 401 2.69 -45.19 -32.98
C VAL C 401 2.43 -46.18 -31.85
N SER C 402 1.70 -47.25 -32.18
CA SER C 402 1.37 -48.31 -31.25
C SER C 402 1.86 -49.63 -31.83
N PHE C 403 2.53 -50.41 -31.01
CA PHE C 403 3.01 -51.74 -31.39
C PHE C 403 2.29 -52.77 -30.54
N VAL C 404 1.71 -53.78 -31.18
CA VAL C 404 0.86 -54.74 -30.49
C VAL C 404 1.66 -55.43 -29.38
N ASP C 405 2.91 -55.80 -29.66
CA ASP C 405 3.74 -56.43 -28.64
C ASP C 405 4.00 -55.48 -27.49
N GLU C 406 4.26 -54.21 -27.78
CA GLU C 406 4.53 -53.24 -26.73
C GLU C 406 3.28 -53.01 -25.88
N SER C 407 3.50 -52.56 -24.66
CA SER C 407 2.44 -52.28 -23.70
C SER C 407 2.18 -50.79 -23.54
N HIS C 408 2.42 -50.01 -24.59
CA HIS C 408 2.29 -48.55 -24.49
C HIS C 408 2.27 -47.98 -25.91
N ILE C 409 2.33 -46.64 -25.96
CA ILE C 409 2.36 -45.94 -27.22
C ILE C 409 3.57 -45.03 -27.24
N ARG C 410 4.04 -44.64 -28.40
CA ARG C 410 5.20 -43.79 -28.58
C ARG C 410 4.79 -42.52 -29.31
N MET C 411 5.10 -41.37 -28.72
CA MET C 411 4.86 -40.07 -29.34
C MET C 411 6.14 -39.65 -30.05
N VAL C 412 6.13 -39.77 -31.37
CA VAL C 412 7.30 -39.42 -32.19
C VAL C 412 7.08 -37.99 -32.65
N ASN C 413 7.48 -37.05 -31.79
CA ASN C 413 7.36 -35.63 -32.11
C ASN C 413 8.65 -35.10 -32.73
N GLN C 414 9.10 -35.75 -33.79
CA GLN C 414 10.30 -35.32 -34.51
C GLN C 414 10.11 -35.64 -35.99
N GLN C 415 10.82 -34.90 -36.83
CA GLN C 415 10.69 -35.07 -38.27
C GLN C 415 11.31 -36.40 -38.68
N LEU C 416 10.53 -37.23 -39.36
CA LEU C 416 11.03 -38.46 -39.97
C LEU C 416 11.68 -38.05 -41.30
N LEU C 417 13.00 -38.05 -41.33
CA LEU C 417 13.74 -37.62 -42.51
C LEU C 417 14.62 -38.78 -42.97
N GLY C 418 14.12 -39.53 -43.96
CA GLY C 418 14.84 -40.69 -44.45
C GLY C 418 15.08 -41.73 -43.39
N ARG C 419 14.16 -41.87 -42.44
CA ARG C 419 14.31 -42.85 -41.37
C ARG C 419 12.93 -43.43 -41.07
N SER C 420 12.77 -44.72 -41.32
CA SER C 420 11.48 -45.36 -41.11
C SER C 420 10.99 -45.13 -39.69
N LEU C 421 9.71 -44.80 -39.57
CA LEU C 421 9.09 -44.59 -38.27
C LEU C 421 9.23 -45.80 -37.37
N GLN C 422 9.39 -46.99 -37.95
CA GLN C 422 9.62 -48.18 -37.14
C GLN C 422 10.89 -48.03 -36.31
N ASP C 423 11.96 -47.53 -36.91
CA ASP C 423 13.24 -47.37 -36.22
C ASP C 423 13.37 -46.04 -35.50
N VAL C 424 12.44 -45.11 -35.73
CA VAL C 424 12.51 -43.78 -35.10
C VAL C 424 11.67 -43.85 -33.83
N LYS C 425 12.33 -44.18 -32.71
CA LYS C 425 11.66 -44.21 -31.42
C LYS C 425 11.57 -42.80 -30.86
N GLY C 426 10.48 -42.53 -30.15
CA GLY C 426 10.25 -41.22 -29.55
C GLY C 426 9.87 -41.32 -28.09
N GLN C 427 9.15 -40.34 -27.58
CA GLN C 427 8.86 -40.31 -26.15
C GLN C 427 7.81 -41.37 -25.80
N GLU C 428 7.80 -41.75 -24.54
CA GLU C 428 7.01 -42.85 -24.00
C GLU C 428 5.68 -42.31 -23.49
N VAL C 429 4.57 -42.77 -24.04
CA VAL C 429 3.24 -42.36 -23.59
C VAL C 429 2.45 -43.61 -23.25
N PRO C 430 1.62 -43.60 -22.22
CA PRO C 430 0.83 -44.78 -21.88
C PRO C 430 -0.49 -44.85 -22.63
N ARG C 431 -1.06 -46.05 -22.63
CA ARG C 431 -2.36 -46.28 -23.27
C ARG C 431 -3.49 -45.98 -22.30
N SER C 473 7.99 -58.60 -45.74
CA SER C 473 9.08 -58.73 -46.70
C SER C 473 10.12 -57.61 -46.54
N PRO C 474 9.67 -56.35 -46.44
CA PRO C 474 10.62 -55.25 -46.21
C PRO C 474 11.48 -55.48 -44.97
N VAL C 475 12.64 -54.83 -44.95
CA VAL C 475 13.59 -55.01 -43.86
C VAL C 475 13.01 -54.53 -42.54
N TRP C 476 12.19 -53.47 -42.57
CA TRP C 476 11.61 -52.90 -41.37
C TRP C 476 10.35 -53.63 -40.91
N CYS C 477 9.91 -54.66 -41.63
CA CYS C 477 8.68 -55.36 -41.29
C CYS C 477 8.99 -56.56 -40.41
N GLN C 478 8.23 -56.69 -39.32
CA GLN C 478 8.36 -57.81 -38.40
C GLN C 478 7.09 -58.65 -38.30
N CYS C 479 6.17 -58.51 -39.26
CA CYS C 479 4.98 -59.36 -39.29
C CYS C 479 4.86 -60.13 -40.59
N GLY C 480 5.60 -59.77 -41.62
CA GLY C 480 5.50 -60.45 -42.89
C GLY C 480 4.23 -60.15 -43.66
N SER C 481 3.57 -59.02 -43.35
CA SER C 481 2.33 -58.65 -44.03
C SER C 481 2.32 -57.18 -44.44
N CYS C 482 3.46 -56.53 -44.47
CA CYS C 482 3.57 -55.14 -44.89
C CYS C 482 4.03 -55.05 -46.35
N LEU C 483 3.82 -53.87 -46.93
CA LEU C 483 4.21 -53.59 -48.30
C LEU C 483 5.05 -52.31 -48.31
N PRO C 484 5.90 -52.11 -49.32
CA PRO C 484 6.69 -50.88 -49.36
C PRO C 484 5.80 -49.66 -49.57
N SER C 485 6.23 -48.53 -49.04
CA SER C 485 5.41 -47.33 -49.11
C SER C 485 5.34 -46.78 -50.53
N GLN C 486 4.12 -46.62 -51.02
CA GLN C 486 3.87 -46.03 -52.34
C GLN C 486 3.48 -44.57 -52.16
N LEU C 487 4.47 -43.76 -51.78
CA LEU C 487 4.28 -42.34 -51.61
C LEU C 487 5.60 -41.64 -51.86
N PRO C 488 5.61 -40.30 -51.92
CA PRO C 488 6.88 -39.59 -52.07
C PRO C 488 7.94 -40.04 -51.08
N GLU C 489 9.14 -40.33 -51.58
CA GLU C 489 10.20 -40.86 -50.73
C GLU C 489 10.58 -39.91 -49.61
N SER C 490 10.22 -38.63 -49.74
CA SER C 490 10.46 -37.69 -48.65
C SER C 490 9.67 -38.08 -47.41
N HIS C 491 8.42 -38.55 -47.60
CA HIS C 491 7.55 -38.92 -46.50
C HIS C 491 7.21 -40.40 -46.46
N ARG C 492 7.83 -41.23 -47.31
CA ARG C 492 7.56 -42.66 -47.25
C ARG C 492 7.86 -43.23 -45.86
N CYS C 493 8.90 -42.73 -45.22
CA CYS C 493 9.33 -43.28 -43.94
C CYS C 493 8.19 -43.31 -42.93
N LEU C 494 7.35 -42.29 -42.92
CA LEU C 494 6.17 -42.30 -42.06
C LEU C 494 5.35 -43.56 -42.27
N GLU C 495 5.07 -43.88 -43.53
CA GLU C 495 4.20 -45.02 -43.83
C GLU C 495 4.98 -46.32 -43.78
N GLU C 496 6.31 -46.25 -43.55
CA GLU C 496 7.13 -47.44 -43.35
C GLU C 496 7.12 -47.75 -41.85
N LEU C 497 5.98 -48.26 -41.40
CA LEU C 497 5.78 -48.64 -40.01
C LEU C 497 5.11 -50.01 -39.95
N CYS C 498 5.47 -50.78 -38.94
CA CYS C 498 4.97 -52.12 -38.75
C CYS C 498 4.05 -52.15 -37.53
N CYS C 499 3.23 -53.20 -37.45
CA CYS C 499 2.34 -53.33 -36.31
C CYS C 499 3.07 -53.73 -35.05
N ARG C 500 4.36 -54.03 -35.14
CA ARG C 500 5.09 -54.56 -34.00
C ARG C 500 6.58 -54.33 -34.17
N LYS C 501 7.29 -54.40 -33.03
CA LYS C 501 8.71 -54.10 -32.98
C LYS C 501 9.60 -55.32 -33.13
N LYS C 502 9.09 -56.51 -32.82
CA LYS C 502 9.87 -57.74 -32.88
C LYS C 502 9.11 -58.80 -33.65
N PRO C 503 9.82 -59.78 -34.22
CA PRO C 503 9.17 -60.73 -35.14
C PRO C 503 8.04 -61.49 -34.47
N GLY C 504 7.04 -61.81 -35.28
CA GLY C 504 5.95 -62.66 -34.84
C GLY C 504 4.76 -62.52 -35.77
N ALA C 505 3.58 -62.80 -35.21
CA ALA C 505 2.35 -62.70 -35.99
C ALA C 505 1.99 -61.24 -36.24
N CYS C 506 1.01 -61.04 -37.12
CA CYS C 506 0.55 -59.71 -37.46
C CYS C 506 -0.77 -59.44 -36.74
N ILE C 507 -1.08 -58.16 -36.57
CA ILE C 507 -2.30 -57.77 -35.85
C ILE C 507 -3.47 -57.67 -36.81
N THR C 508 -3.21 -57.70 -38.14
CA THR C 508 -4.30 -57.82 -39.11
C THR C 508 -4.96 -59.19 -39.05
N THR C 509 -4.29 -60.17 -38.43
CA THR C 509 -4.90 -61.48 -38.27
C THR C 509 -5.84 -61.52 -37.07
N SER C 510 -5.73 -60.55 -36.17
CA SER C 510 -6.56 -60.56 -34.97
C SER C 510 -8.03 -60.50 -35.34
N GLU C 511 -8.85 -61.30 -34.64
CA GLU C 511 -10.25 -61.39 -34.98
C GLU C 511 -10.98 -60.09 -34.70
N LEU C 512 -10.49 -59.31 -33.74
CA LEU C 512 -11.10 -58.00 -33.50
C LEU C 512 -10.87 -57.07 -34.68
N PHE C 513 -9.68 -57.12 -35.28
CA PHE C 513 -9.37 -56.20 -36.37
C PHE C 513 -10.38 -56.38 -37.49
N ARG C 514 -10.67 -57.62 -37.83
CA ARG C 514 -11.59 -57.92 -38.91
C ARG C 514 -12.98 -57.39 -38.61
N LYS C 515 -13.35 -57.36 -37.34
CA LYS C 515 -14.69 -56.94 -36.95
C LYS C 515 -14.75 -55.51 -36.47
N LEU C 516 -13.60 -54.93 -36.14
CA LEU C 516 -13.56 -53.55 -35.66
C LEU C 516 -12.92 -52.64 -36.68
N VAL C 517 -12.59 -53.19 -37.84
CA VAL C 517 -11.97 -52.40 -38.90
C VAL C 517 -12.44 -52.81 -40.29
N LEU C 518 -12.72 -54.09 -40.49
CA LEU C 518 -13.06 -54.55 -41.83
C LEU C 518 -14.51 -54.98 -41.99
N SER C 519 -15.25 -55.14 -40.89
CA SER C 519 -16.65 -55.49 -40.98
C SER C 519 -17.44 -54.39 -41.68
N ARG C 520 -17.92 -54.77 -42.88
CA ARG C 520 -18.67 -53.79 -43.65
C ARG C 520 -19.94 -53.36 -42.92
N HIS C 521 -20.64 -54.31 -42.28
CA HIS C 521 -21.87 -53.96 -41.59
C HIS C 521 -21.61 -52.92 -40.50
N VAL C 522 -20.56 -53.14 -39.70
CA VAL C 522 -20.24 -52.20 -38.63
C VAL C 522 -19.93 -50.82 -39.20
N LEU C 523 -19.12 -50.77 -40.25
CA LEU C 523 -18.71 -49.48 -40.80
C LEU C 523 -19.89 -48.73 -41.39
N GLN C 524 -20.74 -49.44 -42.15
CA GLN C 524 -21.92 -48.80 -42.70
C GLN C 524 -22.86 -48.33 -41.61
N PHE C 525 -22.96 -49.08 -40.50
CA PHE C 525 -23.80 -48.65 -39.39
C PHE C 525 -23.22 -47.39 -38.75
N LEU C 526 -21.90 -47.32 -38.62
CA LEU C 526 -21.26 -46.12 -38.09
C LEU C 526 -21.53 -44.93 -38.99
N LEU C 527 -21.46 -45.14 -40.31
CA LEU C 527 -21.76 -44.06 -41.24
C LEU C 527 -23.21 -43.61 -41.12
N LEU C 528 -24.13 -44.57 -41.02
CA LEU C 528 -25.55 -44.24 -40.95
C LEU C 528 -25.88 -43.53 -39.65
N TYR C 529 -25.23 -43.90 -38.55
CA TYR C 529 -25.46 -43.24 -37.27
C TYR C 529 -25.32 -41.73 -37.40
N GLN C 530 -24.25 -41.27 -38.05
CA GLN C 530 -24.06 -39.84 -38.25
C GLN C 530 -24.98 -39.30 -39.33
N GLU C 531 -25.26 -40.09 -40.37
CA GLU C 531 -26.07 -39.68 -41.51
C GLU C 531 -27.13 -40.75 -41.76
N PRO C 532 -28.27 -40.67 -41.07
CA PRO C 532 -29.26 -41.75 -41.15
C PRO C 532 -29.58 -42.16 -42.59
N LEU C 533 -30.04 -41.20 -43.38
CA LEU C 533 -30.38 -41.43 -44.79
C LEU C 533 -29.17 -41.02 -45.61
N LEU C 534 -28.34 -42.00 -45.93
CA LEU C 534 -27.08 -41.76 -46.63
C LEU C 534 -27.00 -42.69 -47.83
N ALA C 535 -26.80 -42.11 -49.01
CA ALA C 535 -26.58 -42.85 -50.24
C ALA C 535 -25.32 -42.33 -50.90
N LEU C 536 -24.52 -43.26 -51.42
CA LEU C 536 -23.22 -42.91 -51.97
C LEU C 536 -22.97 -43.74 -53.22
N ASP C 537 -22.07 -43.24 -54.07
CA ASP C 537 -21.57 -44.03 -55.17
C ASP C 537 -20.66 -45.14 -54.64
N VAL C 538 -20.35 -46.10 -55.51
CA VAL C 538 -19.53 -47.24 -55.10
C VAL C 538 -18.17 -46.76 -54.62
N ASP C 539 -17.50 -45.92 -55.41
CA ASP C 539 -16.21 -45.40 -55.00
C ASP C 539 -16.32 -44.53 -53.76
N SER C 540 -17.36 -43.69 -53.70
CA SER C 540 -17.57 -42.87 -52.52
C SER C 540 -17.82 -43.73 -51.29
N THR C 541 -18.61 -44.79 -51.45
CA THR C 541 -18.84 -45.71 -50.34
C THR C 541 -17.53 -46.33 -49.86
N ASN C 542 -16.69 -46.78 -50.80
CA ASN C 542 -15.42 -47.36 -50.43
C ASN C 542 -14.54 -46.36 -49.70
N SER C 543 -14.51 -45.11 -50.16
CA SER C 543 -13.69 -44.10 -49.51
C SER C 543 -14.18 -43.82 -48.10
N ARG C 544 -15.49 -43.68 -47.93
CA ARG C 544 -16.06 -43.41 -46.62
C ARG C 544 -15.73 -44.56 -45.67
N LEU C 545 -15.88 -45.79 -46.15
CA LEU C 545 -15.57 -46.96 -45.33
C LEU C 545 -14.09 -47.04 -44.97
N ARG C 546 -13.22 -46.72 -45.93
CA ARG C 546 -11.78 -46.80 -45.67
C ARG C 546 -11.36 -45.78 -44.62
N HIS C 547 -11.86 -44.55 -44.73
CA HIS C 547 -11.55 -43.55 -43.73
C HIS C 547 -12.14 -43.93 -42.37
N CYS C 548 -13.35 -44.47 -42.36
CA CYS C 548 -13.92 -44.96 -41.10
C CYS C 548 -13.09 -46.08 -40.51
N ALA C 549 -12.46 -46.89 -41.35
CA ALA C 549 -11.63 -47.99 -40.85
C ALA C 549 -10.35 -47.46 -40.22
N TYR C 550 -9.70 -46.49 -40.88
CA TYR C 550 -8.57 -45.82 -40.25
C TYR C 550 -8.99 -45.23 -38.90
N ARG C 551 -10.13 -44.55 -38.88
CA ARG C 551 -10.60 -43.94 -37.65
C ARG C 551 -10.83 -44.95 -36.55
N CYS C 552 -11.43 -46.09 -36.90
CA CYS C 552 -11.77 -47.08 -35.88
C CYS C 552 -10.54 -47.81 -35.37
N TYR C 553 -9.58 -48.12 -36.26
CA TYR C 553 -8.34 -48.71 -35.79
C TYR C 553 -7.60 -47.76 -34.86
N ALA C 554 -7.51 -46.49 -35.24
CA ALA C 554 -6.79 -45.53 -34.43
C ALA C 554 -7.45 -45.36 -33.06
N THR C 555 -8.78 -45.34 -33.03
CA THR C 555 -9.49 -45.27 -31.75
C THR C 555 -9.29 -46.54 -30.93
N TRP C 556 -9.29 -47.69 -31.58
CA TRP C 556 -9.13 -48.97 -30.87
C TRP C 556 -7.76 -49.05 -30.21
N ARG C 557 -6.71 -48.65 -30.91
CA ARG C 557 -5.36 -48.85 -30.41
C ARG C 557 -4.85 -47.68 -29.57
N PHE C 558 -5.27 -46.46 -29.87
CA PHE C 558 -4.77 -45.29 -29.17
C PHE C 558 -5.79 -44.69 -28.22
N GLY C 559 -7.06 -45.04 -28.37
CA GLY C 559 -8.07 -44.64 -27.40
C GLY C 559 -8.63 -43.26 -27.64
N SER C 560 -8.12 -42.28 -26.90
CA SER C 560 -8.61 -40.92 -27.02
C SER C 560 -8.39 -40.41 -28.43
N GLN C 561 -9.23 -39.46 -28.83
CA GLN C 561 -9.11 -38.89 -30.16
C GLN C 561 -7.94 -37.90 -30.23
N ASP C 562 -7.48 -37.40 -29.09
CA ASP C 562 -6.30 -36.56 -29.08
C ASP C 562 -5.11 -37.29 -29.70
N MET C 563 -4.95 -38.58 -29.38
CA MET C 563 -3.86 -39.38 -29.90
C MET C 563 -4.24 -40.11 -31.17
N ALA C 564 -5.53 -40.29 -31.42
CA ALA C 564 -5.96 -40.99 -32.63
C ALA C 564 -5.99 -40.08 -33.84
N ASP C 565 -6.08 -38.75 -33.65
CA ASP C 565 -5.98 -37.86 -34.79
C ASP C 565 -4.56 -37.85 -35.36
N PHE C 566 -3.57 -37.94 -34.49
CA PHE C 566 -2.16 -37.95 -34.89
C PHE C 566 -1.57 -39.35 -34.92
N ALA C 567 -2.41 -40.37 -34.75
CA ALA C 567 -1.94 -41.73 -34.87
C ALA C 567 -1.46 -42.00 -36.29
N ILE C 568 -0.65 -43.04 -36.42
CA ILE C 568 -0.14 -43.52 -37.69
C ILE C 568 -0.45 -45.00 -37.78
N LEU C 569 -1.15 -45.39 -38.84
CA LEU C 569 -1.46 -46.80 -39.01
C LEU C 569 -0.24 -47.54 -39.55
N PRO C 570 -0.04 -48.79 -39.14
CA PRO C 570 1.04 -49.58 -39.72
C PRO C 570 0.74 -49.93 -41.17
N SER C 571 1.82 -50.24 -41.89
CA SER C 571 1.67 -50.54 -43.31
C SER C 571 0.77 -51.75 -43.53
N CYS C 572 0.92 -52.78 -42.70
CA CYS C 572 0.12 -53.98 -42.88
C CYS C 572 -1.37 -53.67 -42.77
N CYS C 573 -1.77 -53.02 -41.68
CA CYS C 573 -3.17 -52.68 -41.47
C CYS C 573 -3.66 -51.70 -42.53
N ARG C 574 -2.84 -50.70 -42.84
CA ARG C 574 -3.21 -49.73 -43.87
C ARG C 574 -3.55 -50.41 -45.17
N TRP C 575 -2.67 -51.30 -45.63
CA TRP C 575 -2.87 -51.92 -46.94
C TRP C 575 -3.97 -52.97 -46.89
N ARG C 576 -4.17 -53.64 -45.74
CA ARG C 576 -5.31 -54.53 -45.59
C ARG C 576 -6.62 -53.78 -45.72
N ILE C 577 -6.71 -52.62 -45.06
CA ILE C 577 -7.92 -51.80 -45.13
C ILE C 577 -8.13 -51.31 -46.57
N ARG C 578 -7.06 -50.86 -47.22
CA ARG C 578 -7.17 -50.38 -48.59
C ARG C 578 -7.64 -51.48 -49.53
N LYS C 579 -7.13 -52.70 -49.32
CA LYS C 579 -7.60 -53.83 -50.11
C LYS C 579 -9.07 -54.09 -49.85
N GLU C 580 -9.48 -54.05 -48.59
CA GLU C 580 -10.88 -54.27 -48.25
C GLU C 580 -11.78 -53.24 -48.92
N PHE C 581 -11.37 -51.97 -48.92
CA PHE C 581 -12.15 -50.86 -49.47
C PHE C 581 -11.28 -50.10 -50.46
N PRO C 582 -11.07 -50.64 -51.65
CA PRO C 582 -10.23 -49.96 -52.64
C PRO C 582 -10.98 -48.82 -53.32
N LYS C 583 -10.20 -47.96 -53.96
CA LYS C 583 -10.73 -46.85 -54.73
C LYS C 583 -10.71 -47.20 -56.22
N SER C 584 -11.63 -46.57 -56.96
CA SER C 584 -11.76 -46.88 -58.38
C SER C 584 -10.47 -46.56 -59.14
N GLU C 585 -9.87 -45.41 -58.86
CA GLU C 585 -8.67 -44.99 -59.57
C GLU C 585 -7.89 -44.01 -58.70
N GLY C 586 -6.61 -43.87 -59.00
CA GLY C 586 -5.73 -42.97 -58.29
C GLY C 586 -4.90 -43.70 -57.25
N GLN C 587 -4.08 -42.92 -56.55
CA GLN C 587 -3.22 -43.43 -55.50
C GLN C 587 -3.63 -42.84 -54.16
N TYR C 588 -3.48 -43.65 -53.10
CA TYR C 588 -3.89 -43.23 -51.77
C TYR C 588 -2.96 -42.14 -51.24
N SER C 589 -3.55 -41.11 -50.65
CA SER C 589 -2.76 -39.96 -50.20
C SER C 589 -1.93 -40.28 -48.97
N GLY C 590 -2.54 -40.90 -47.96
CA GLY C 590 -1.84 -41.21 -46.73
C GLY C 590 -2.27 -40.35 -45.57
N PHE C 591 -1.38 -40.15 -44.59
CA PHE C 591 -1.70 -39.44 -43.37
C PHE C 591 -1.61 -37.94 -43.59
N LYS C 592 -2.55 -37.20 -42.98
CA LYS C 592 -2.62 -35.75 -43.11
C LYS C 592 -2.87 -35.18 -41.72
N SER C 593 -1.95 -34.35 -41.25
CA SER C 593 -2.06 -33.82 -39.90
C SER C 593 -3.29 -32.93 -39.80
N PRO C 594 -4.15 -33.11 -38.78
CA PRO C 594 -5.35 -32.28 -38.70
C PRO C 594 -5.06 -30.80 -38.61
N TYR C 595 -4.00 -30.40 -37.92
CA TYR C 595 -3.64 -29.00 -37.79
C TYR C 595 -2.41 -28.67 -38.64
#